data_7KYK
#
_entry.id   7KYK
#
_cell.length_a   92.158
_cell.length_b   97.542
_cell.length_c   186.332
_cell.angle_alpha   90.000
_cell.angle_beta   90.000
_cell.angle_gamma   90.000
#
_symmetry.space_group_name_H-M   'P 21 21 21'
#
loop_
_entity.id
_entity.type
_entity.pdbx_description
1 polymer 'Dihydroorotate dehydrogenase (quinone), mitochondrial'
2 non-polymer 'ethyl 3-methyl-4-{[4-(trifluoromethyl)-1,3-benzoxazol-7-yl]methyl}-1H-pyrrole-2-carboxylate'
3 non-polymer 'FLAVIN MONONUCLEOTIDE'
4 non-polymer 'OROTIC ACID'
5 water water
#
_entity_poly.entity_id   1
_entity_poly.type   'polypeptide(L)'
_entity_poly.pdbx_seq_one_letter_code
;MGHHHHHHAENLYFQGADPFESYNPEFFLYDIFLKFCLKYIDGEICHDLFLLLGKYNILPYDTSNDSIYACTNIKHLDFI
NPFGVAAGFDKNGVCIDSILKLGFSFIEIGTITPRGQTGNAKPRIFRDVESRSIINSCGFNNMGCDKVTENLILFRKRQE
EDKLLSKHIVGVSIGKNKDTVNIVDDLKYCINKIGRYADYIAINVSSPNTPGLRDNQEAGKLKNIILSVKEEIDNLEKNN
IMNDEFLWFNTTKKKPLVFVKLAPDLNQEQKKEIADVLLETNIDGMIISNTTTQINDIKSFENKKGGVSGAKLKDISTKF
ICEMYNYTNKQIPIIASGGIFSGLDALEKIEAGASVCQLYSCLVFNGMKSAVQIKRELNHLLYQRGYYNLKEAIGRKHSK
S
;
_entity_poly.pdbx_strand_id   A,B,C,D
#
loop_
_chem_comp.id
_chem_comp.type
_chem_comp.name
_chem_comp.formula
FMN non-polymer 'FLAVIN MONONUCLEOTIDE' 'C17 H21 N4 O9 P'
ORO non-polymer 'OROTIC ACID' 'C5 H4 N2 O4'
XAJ non-polymer 'ethyl 3-methyl-4-{[4-(trifluoromethyl)-1,3-benzoxazol-7-yl]methyl}-1H-pyrrole-2-carboxylate' 'C17 H15 F3 N2 O3'
#
# COMPACT_ATOMS: atom_id res chain seq x y z
N ASP A 18 36.86 -4.57 22.45
CA ASP A 18 37.09 -3.17 22.90
C ASP A 18 37.93 -2.41 21.88
N PRO A 19 37.46 -1.24 21.45
CA PRO A 19 38.21 -0.50 20.42
C PRO A 19 39.58 -0.03 20.88
N PHE A 20 39.74 0.29 22.16
CA PHE A 20 40.94 0.98 22.63
C PHE A 20 41.93 0.07 23.34
N GLU A 21 41.48 -1.03 23.94
CA GLU A 21 42.33 -1.77 24.85
C GLU A 21 43.31 -2.71 24.13
N SER A 22 43.00 -3.15 22.92
CA SER A 22 43.88 -4.08 22.22
C SER A 22 43.76 -3.89 20.72
N TYR A 23 44.72 -4.47 20.00
CA TYR A 23 44.76 -4.43 18.54
C TYR A 23 43.88 -5.54 17.99
N ASN A 24 42.81 -5.17 17.31
CA ASN A 24 41.83 -6.13 16.82
C ASN A 24 41.03 -5.45 15.73
N PRO A 25 40.20 -6.21 14.99
CA PRO A 25 39.48 -5.61 13.85
C PRO A 25 38.72 -4.34 14.19
N GLU A 26 38.24 -4.20 15.42
CA GLU A 26 37.48 -3.02 15.83
C GLU A 26 38.36 -1.97 16.50
N PHE A 27 39.68 -2.08 16.35
CA PHE A 27 40.60 -1.09 16.87
C PHE A 27 40.16 0.31 16.48
N PHE A 28 40.12 1.21 17.47
CA PHE A 28 39.52 2.52 17.24
C PHE A 28 40.22 3.31 16.15
N LEU A 29 41.55 3.17 16.04
CA LEU A 29 42.29 4.03 15.13
C LEU A 29 41.92 3.78 13.68
N TYR A 30 41.61 2.54 13.30
CA TYR A 30 41.17 2.27 11.94
C TYR A 30 39.85 2.98 11.62
N ASP A 31 39.02 3.23 12.64
CA ASP A 31 37.82 4.02 12.40
C ASP A 31 38.16 5.49 12.20
N ILE A 32 39.13 6.00 12.95
CA ILE A 32 39.62 7.36 12.71
C ILE A 32 40.17 7.47 11.30
N PHE A 33 40.99 6.49 10.90
CA PHE A 33 41.52 6.47 9.54
C PHE A 33 40.38 6.44 8.53
N LEU A 34 39.39 5.57 8.75
CA LEU A 34 38.29 5.41 7.79
C LEU A 34 37.56 6.72 7.57
N LYS A 35 37.25 7.44 8.65
CA LYS A 35 36.60 8.74 8.52
C LYS A 35 37.45 9.70 7.68
N PHE A 36 38.76 9.74 7.94
CA PHE A 36 39.63 10.62 7.17
C PHE A 36 39.66 10.21 5.71
N CYS A 37 39.66 8.90 5.44
CA CYS A 37 39.73 8.43 4.05
C CYS A 37 38.46 8.75 3.28
N LEU A 38 37.30 8.47 3.89
CA LEU A 38 36.04 8.67 3.19
C LEU A 38 35.77 10.13 2.86
N LYS A 39 36.41 11.07 3.57
CA LYS A 39 36.15 12.48 3.38
C LYS A 39 37.16 13.17 2.47
N TYR A 40 38.42 12.74 2.49
CA TYR A 40 39.48 13.48 1.81
C TYR A 40 40.20 12.72 0.71
N ILE A 41 40.21 11.39 0.74
CA ILE A 41 41.08 10.61 -0.12
C ILE A 41 40.28 9.99 -1.26
N ASP A 42 40.93 9.88 -2.42
CA ASP A 42 40.30 9.27 -3.58
C ASP A 42 39.97 7.81 -3.31
N GLY A 43 38.80 7.38 -3.80
CA GLY A 43 38.33 6.04 -3.49
C GLY A 43 39.34 4.97 -3.82
N GLU A 44 39.86 4.97 -5.05
CA GLU A 44 40.78 3.91 -5.45
C GLU A 44 42.09 3.98 -4.68
N ILE A 45 42.46 5.16 -4.20
CA ILE A 45 43.69 5.28 -3.43
C ILE A 45 43.50 4.66 -2.05
N CYS A 46 42.35 4.89 -1.42
CA CYS A 46 42.08 4.23 -0.15
C CYS A 46 42.15 2.72 -0.30
N HIS A 47 41.54 2.19 -1.37
CA HIS A 47 41.53 0.74 -1.58
C HIS A 47 42.93 0.20 -1.76
N ASP A 48 43.77 0.90 -2.54
CA ASP A 48 45.15 0.47 -2.70
C ASP A 48 45.91 0.47 -1.37
N LEU A 49 45.65 1.47 -0.53
CA LEU A 49 46.29 1.50 0.78
C LEU A 49 45.83 0.33 1.64
N PHE A 50 44.54 0.03 1.62
CA PHE A 50 44.04 -1.16 2.31
C PHE A 50 44.83 -2.39 1.88
N LEU A 51 44.96 -2.61 0.57
CA LEU A 51 45.62 -3.81 0.08
C LEU A 51 47.10 -3.82 0.47
N LEU A 52 47.74 -2.65 0.50
CA LEU A 52 49.15 -2.61 0.91
C LEU A 52 49.31 -3.02 2.36
N LEU A 53 48.44 -2.52 3.23
CA LEU A 53 48.49 -2.94 4.64
C LEU A 53 48.28 -4.44 4.77
N GLY A 54 47.36 -5.00 3.99
CA GLY A 54 47.15 -6.44 4.02
C GLY A 54 48.31 -7.21 3.42
N LYS A 55 48.90 -6.69 2.34
CA LYS A 55 50.02 -7.37 1.72
C LYS A 55 51.17 -7.57 2.70
N TYR A 56 51.37 -6.62 3.62
CA TYR A 56 52.43 -6.69 4.60
C TYR A 56 51.95 -7.10 5.98
N ASN A 57 50.75 -7.67 6.06
CA ASN A 57 50.23 -8.29 7.28
C ASN A 57 50.24 -7.32 8.46
N ILE A 58 49.85 -6.08 8.18
CA ILE A 58 49.71 -5.10 9.25
C ILE A 58 48.31 -5.12 9.86
N LEU A 59 47.30 -5.62 9.15
CA LEU A 59 45.94 -5.52 9.61
C LEU A 59 45.66 -6.54 10.71
N PRO A 60 44.68 -6.26 11.57
CA PRO A 60 44.41 -7.15 12.70
C PRO A 60 43.68 -8.42 12.28
N TYR A 61 43.74 -9.41 13.18
CA TYR A 61 43.13 -10.71 12.97
C TYR A 61 41.86 -10.86 13.82
N ASP A 62 40.93 -11.67 13.32
CA ASP A 62 39.81 -12.17 14.11
C ASP A 62 40.07 -13.66 14.34
N THR A 63 40.52 -14.00 15.55
CA THR A 63 40.82 -15.39 15.90
C THR A 63 39.67 -16.05 16.67
N SER A 64 38.47 -15.50 16.56
CA SER A 64 37.33 -16.03 17.30
C SER A 64 36.78 -17.28 16.63
N ASN A 65 36.31 -18.22 17.46
CA ASN A 65 35.57 -19.36 16.96
C ASN A 65 34.26 -18.87 16.35
N ASP A 66 34.01 -19.21 15.09
CA ASP A 66 32.74 -18.87 14.47
C ASP A 66 31.65 -19.81 14.98
N SER A 67 30.46 -19.25 15.22
CA SER A 67 29.37 -20.03 15.77
C SER A 67 29.06 -21.24 14.88
N ILE A 68 28.90 -22.39 15.50
CA ILE A 68 28.53 -23.60 14.77
C ILE A 68 27.18 -23.43 14.10
N TYR A 69 26.33 -22.59 14.65
CA TYR A 69 24.96 -22.44 14.17
C TYR A 69 24.83 -21.45 13.02
N ALA A 70 25.91 -20.79 12.64
CA ALA A 70 25.90 -19.87 11.51
C ALA A 70 26.72 -20.37 10.34
N CYS A 71 27.18 -21.61 10.39
CA CYS A 71 27.89 -22.19 9.25
C CYS A 71 26.91 -22.53 8.14
N THR A 72 27.43 -22.70 6.94
CA THR A 72 26.60 -22.97 5.78
C THR A 72 27.44 -23.70 4.75
N ASN A 73 26.77 -24.19 3.70
CA ASN A 73 27.47 -24.95 2.67
C ASN A 73 26.75 -24.81 1.34
N ILE A 74 27.52 -25.01 0.27
CA ILE A 74 27.01 -25.17 -1.08
C ILE A 74 27.65 -26.44 -1.61
N LYS A 75 26.85 -27.51 -1.71
CA LYS A 75 27.39 -28.83 -2.04
C LYS A 75 28.50 -29.15 -1.04
N HIS A 76 29.72 -29.42 -1.53
CA HIS A 76 30.79 -29.82 -0.62
C HIS A 76 31.57 -28.63 -0.07
N LEU A 77 31.28 -27.42 -0.52
CA LEU A 77 31.94 -26.24 0.03
C LEU A 77 31.38 -25.98 1.43
N ASP A 78 32.24 -26.11 2.45
CA ASP A 78 31.83 -25.93 3.84
C ASP A 78 32.36 -24.58 4.33
N PHE A 79 31.47 -23.59 4.40
CA PHE A 79 31.83 -22.26 4.85
C PHE A 79 31.76 -22.21 6.38
N ILE A 80 32.88 -21.83 7.01
CA ILE A 80 32.91 -21.75 8.48
C ILE A 80 31.94 -20.70 8.98
N ASN A 81 31.69 -19.67 8.19
CA ASN A 81 30.67 -18.67 8.48
C ASN A 81 30.14 -18.16 7.15
N PRO A 82 29.03 -17.43 7.16
CA PRO A 82 28.33 -17.17 5.89
C PRO A 82 28.71 -15.87 5.20
N PHE A 83 29.86 -15.30 5.54
CA PHE A 83 30.26 -14.01 5.00
C PHE A 83 31.61 -14.12 4.32
N GLY A 84 31.64 -13.73 3.04
CA GLY A 84 32.88 -13.63 2.29
C GLY A 84 33.00 -12.28 1.62
N VAL A 85 34.11 -12.12 0.89
CA VAL A 85 34.41 -10.87 0.18
C VAL A 85 34.16 -11.10 -1.30
N ALA A 86 33.39 -10.20 -1.91
CA ALA A 86 33.00 -10.35 -3.30
C ALA A 86 34.17 -10.06 -4.23
N ALA A 87 34.00 -10.48 -5.49
CA ALA A 87 35.01 -10.21 -6.51
C ALA A 87 35.21 -8.71 -6.68
N GLY A 88 36.38 -8.34 -7.17
CA GLY A 88 36.74 -6.95 -7.39
C GLY A 88 37.39 -6.27 -6.21
N PHE A 89 37.42 -6.90 -5.04
CA PHE A 89 38.08 -6.32 -3.88
C PHE A 89 39.58 -6.59 -3.92
N ASP A 90 39.96 -7.85 -4.09
CA ASP A 90 41.35 -8.27 -4.29
C ASP A 90 41.44 -8.86 -5.70
N LYS A 91 41.53 -7.99 -6.71
CA LYS A 91 41.48 -8.45 -8.09
C LYS A 91 42.61 -9.41 -8.40
N ASN A 92 43.78 -9.19 -7.81
CA ASN A 92 44.97 -9.94 -8.15
C ASN A 92 45.41 -10.91 -7.06
N GLY A 93 44.65 -11.03 -5.98
CA GLY A 93 45.02 -11.92 -4.89
C GLY A 93 46.34 -11.55 -4.26
N VAL A 94 46.50 -10.27 -3.89
CA VAL A 94 47.76 -9.81 -3.32
C VAL A 94 47.77 -9.83 -1.80
N CYS A 95 46.61 -9.96 -1.16
CA CYS A 95 46.56 -10.08 0.30
C CYS A 95 45.39 -10.97 0.69
N ILE A 96 45.34 -12.18 0.12
CA ILE A 96 44.25 -13.10 0.41
C ILE A 96 44.22 -13.42 1.89
N ASP A 97 45.40 -13.62 2.49
CA ASP A 97 45.48 -14.03 3.89
C ASP A 97 44.89 -12.97 4.81
N SER A 98 45.34 -11.72 4.65
CA SER A 98 44.93 -10.67 5.59
C SER A 98 43.43 -10.43 5.54
N ILE A 99 42.85 -10.43 4.34
CA ILE A 99 41.41 -10.18 4.21
C ILE A 99 40.63 -11.29 4.90
N LEU A 100 40.98 -12.55 4.61
CA LEU A 100 40.29 -13.67 5.25
C LEU A 100 40.40 -13.58 6.77
N LYS A 101 41.60 -13.27 7.27
CA LYS A 101 41.84 -13.21 8.71
C LYS A 101 41.10 -12.09 9.41
N LEU A 102 40.45 -11.19 8.66
CA LEU A 102 39.58 -10.21 9.28
C LEU A 102 38.29 -10.83 9.80
N GLY A 103 38.00 -12.08 9.43
CA GLY A 103 36.83 -12.77 9.93
C GLY A 103 35.97 -13.40 8.87
N PHE A 104 36.40 -13.33 7.62
CA PHE A 104 35.62 -13.84 6.50
C PHE A 104 35.89 -15.32 6.27
N SER A 105 34.87 -16.02 5.79
CA SER A 105 35.00 -17.45 5.50
C SER A 105 35.52 -17.73 4.09
N PHE A 106 35.39 -16.78 3.17
CA PHE A 106 35.85 -17.02 1.81
C PHE A 106 36.03 -15.69 1.11
N ILE A 107 36.73 -15.74 -0.02
CA ILE A 107 36.99 -14.58 -0.86
C ILE A 107 36.95 -15.02 -2.32
N GLU A 108 36.47 -14.13 -3.17
CA GLU A 108 36.42 -14.32 -4.61
C GLU A 108 37.43 -13.36 -5.22
N ILE A 109 38.58 -13.89 -5.65
CA ILE A 109 39.57 -13.04 -6.31
C ILE A 109 39.19 -12.85 -7.78
N GLY A 110 39.77 -11.84 -8.40
CA GLY A 110 39.38 -11.43 -9.73
C GLY A 110 38.46 -10.22 -9.70
N THR A 111 37.79 -9.99 -10.82
CA THR A 111 37.83 -10.85 -11.99
C THR A 111 39.15 -10.74 -12.74
N ILE A 112 39.63 -11.86 -13.26
CA ILE A 112 40.90 -11.90 -13.98
C ILE A 112 40.64 -12.14 -15.46
N THR A 113 41.61 -11.74 -16.27
CA THR A 113 41.61 -11.93 -17.71
C THR A 113 42.87 -12.69 -18.10
N PRO A 114 42.88 -13.34 -19.27
CA PRO A 114 44.09 -14.08 -19.67
C PRO A 114 45.36 -13.26 -19.60
N ARG A 115 45.37 -12.07 -20.23
CA ARG A 115 46.50 -11.16 -20.17
C ARG A 115 46.13 -9.93 -19.36
N GLY A 116 47.14 -9.30 -18.77
CA GLY A 116 46.90 -8.13 -17.95
C GLY A 116 46.44 -6.95 -18.78
N GLN A 117 45.73 -6.03 -18.12
CA GLN A 117 45.26 -4.82 -18.77
C GLN A 117 44.99 -3.77 -17.71
N THR A 118 45.20 -2.51 -18.10
CA THR A 118 45.15 -1.41 -17.14
C THR A 118 43.74 -0.98 -16.79
N GLY A 119 42.76 -1.27 -17.64
CA GLY A 119 41.41 -0.83 -17.39
C GLY A 119 41.17 0.58 -17.92
N ASN A 120 40.03 1.13 -17.52
CA ASN A 120 39.62 2.45 -17.98
C ASN A 120 40.39 3.54 -17.25
N ALA A 121 40.27 4.77 -17.76
CA ALA A 121 41.01 5.89 -17.20
C ALA A 121 40.48 6.24 -15.82
N LYS A 122 41.37 6.79 -14.99
CA LYS A 122 41.03 7.25 -13.65
C LYS A 122 40.74 8.75 -13.66
N PRO A 123 39.91 9.25 -12.73
CA PRO A 123 39.25 8.48 -11.67
C PRO A 123 38.10 7.63 -12.20
N ARG A 124 37.94 6.43 -11.65
CA ARG A 124 36.94 5.49 -12.12
C ARG A 124 36.15 4.85 -10.98
N ILE A 125 36.39 5.27 -9.74
CA ILE A 125 35.63 4.78 -8.59
C ILE A 125 35.22 5.99 -7.76
N PHE A 126 33.94 6.07 -7.41
CA PHE A 126 33.43 7.19 -6.64
C PHE A 126 32.39 6.70 -5.64
N ARG A 127 32.36 7.33 -4.48
CA ARG A 127 31.53 6.95 -3.35
C ARG A 127 30.55 8.07 -3.02
N ASP A 128 29.38 7.68 -2.56
CA ASP A 128 28.39 8.61 -2.01
C ASP A 128 28.13 8.16 -0.57
N VAL A 129 28.78 8.83 0.39
CA VAL A 129 28.78 8.33 1.76
C VAL A 129 27.39 8.42 2.37
N GLU A 130 26.64 9.48 2.06
CA GLU A 130 25.34 9.67 2.71
C GLU A 130 24.35 8.58 2.29
N SER A 131 24.51 8.02 1.10
CA SER A 131 23.68 6.90 0.65
C SER A 131 24.42 5.57 0.71
N ARG A 132 25.66 5.55 1.21
CA ARG A 132 26.44 4.34 1.33
C ARG A 132 26.49 3.58 0.01
N SER A 133 26.75 4.33 -1.06
CA SER A 133 26.74 3.79 -2.41
C SER A 133 28.05 4.07 -3.11
N ILE A 134 28.36 3.24 -4.10
CA ILE A 134 29.58 3.37 -4.89
C ILE A 134 29.20 3.20 -6.35
N ILE A 135 29.91 3.89 -7.22
CA ILE A 135 29.82 3.69 -8.66
C ILE A 135 31.24 3.52 -9.19
N ASN A 136 31.44 2.55 -10.07
CA ASN A 136 32.76 2.27 -10.61
C ASN A 136 32.67 1.94 -12.09
N SER A 137 33.73 2.27 -12.81
CA SER A 137 33.90 1.91 -14.22
C SER A 137 35.34 1.44 -14.43
N CYS A 138 35.74 0.41 -13.68
CA CYS A 138 37.13 -0.02 -13.67
C CYS A 138 37.53 -0.65 -15.00
N GLY A 139 36.72 -1.60 -15.48
CA GLY A 139 36.98 -2.23 -16.76
C GLY A 139 37.96 -3.39 -16.69
N PHE A 140 37.78 -4.25 -15.70
CA PHE A 140 38.58 -5.47 -15.55
C PHE A 140 40.08 -5.14 -15.54
N ASN A 141 40.47 -4.27 -14.62
CA ASN A 141 41.89 -4.00 -14.39
C ASN A 141 42.47 -5.12 -13.54
N ASN A 142 43.49 -5.80 -14.05
CA ASN A 142 44.12 -6.90 -13.32
C ASN A 142 45.45 -7.21 -13.96
N MET A 143 46.30 -7.90 -13.20
CA MET A 143 47.66 -8.18 -13.65
C MET A 143 47.74 -9.31 -14.66
N GLY A 144 46.66 -10.05 -14.86
CA GLY A 144 46.68 -11.13 -15.83
C GLY A 144 46.66 -12.49 -15.16
N CYS A 145 46.14 -13.48 -15.89
CA CYS A 145 45.92 -14.80 -15.30
C CYS A 145 47.22 -15.41 -14.79
N ASP A 146 48.31 -15.27 -15.55
CA ASP A 146 49.57 -15.91 -15.17
C ASP A 146 50.05 -15.41 -13.81
N LYS A 147 50.07 -14.09 -13.62
CA LYS A 147 50.60 -13.54 -12.36
C LYS A 147 49.65 -13.82 -11.19
N VAL A 148 48.34 -13.66 -11.42
CA VAL A 148 47.40 -13.93 -10.34
C VAL A 148 47.43 -15.41 -9.96
N THR A 149 47.65 -16.30 -10.93
CA THR A 149 47.82 -17.71 -10.61
C THR A 149 49.00 -17.92 -9.67
N GLU A 150 50.13 -17.26 -9.97
CA GLU A 150 51.29 -17.37 -9.09
C GLU A 150 50.98 -16.81 -7.70
N ASN A 151 50.19 -15.75 -7.63
CA ASN A 151 49.81 -15.19 -6.33
C ASN A 151 48.97 -16.19 -5.54
N LEU A 152 48.05 -16.88 -6.21
CA LEU A 152 47.19 -17.83 -5.51
C LEU A 152 47.96 -19.06 -5.07
N ILE A 153 48.90 -19.54 -5.90
CA ILE A 153 49.70 -20.69 -5.52
C ILE A 153 50.46 -20.40 -4.23
N LEU A 154 51.02 -19.19 -4.11
CA LEU A 154 51.76 -18.83 -2.91
C LEU A 154 50.83 -18.85 -1.69
N PHE A 155 49.59 -18.41 -1.84
CA PHE A 155 48.65 -18.48 -0.73
C PHE A 155 48.35 -19.92 -0.36
N ARG A 156 48.13 -20.78 -1.36
CA ARG A 156 47.82 -22.17 -1.08
C ARG A 156 48.95 -22.85 -0.31
N LYS A 157 50.20 -22.45 -0.58
CA LYS A 157 51.32 -23.04 0.15
C LYS A 157 51.36 -22.54 1.58
N ARG A 158 51.12 -21.25 1.80
CA ARG A 158 51.03 -20.73 3.15
C ARG A 158 49.84 -21.33 3.89
N GLN A 159 48.74 -21.57 3.19
CA GLN A 159 47.52 -22.07 3.84
C GLN A 159 47.76 -23.44 4.46
N GLU A 160 48.48 -24.31 3.78
CA GLU A 160 48.70 -25.66 4.29
C GLU A 160 49.42 -25.66 5.64
N GLU A 161 50.12 -24.58 5.96
CA GLU A 161 50.87 -24.48 7.20
C GLU A 161 50.13 -23.69 8.28
N ASP A 162 49.23 -22.80 7.89
CA ASP A 162 48.57 -21.89 8.82
C ASP A 162 47.27 -22.51 9.32
N LYS A 163 47.17 -22.72 10.62
CA LYS A 163 45.98 -23.32 11.21
C LYS A 163 44.80 -22.36 11.26
N LEU A 164 44.99 -21.08 10.94
CA LEU A 164 43.90 -20.13 10.87
C LEU A 164 43.20 -20.13 9.51
N LEU A 165 43.75 -20.82 8.52
CA LEU A 165 43.24 -20.75 7.15
C LEU A 165 42.90 -22.12 6.59
N SER A 166 42.94 -23.18 7.41
CA SER A 166 42.84 -24.53 6.88
C SER A 166 41.50 -24.78 6.21
N LYS A 167 40.44 -24.12 6.65
CA LYS A 167 39.11 -24.36 6.12
C LYS A 167 38.58 -23.20 5.27
N HIS A 168 39.37 -22.17 5.02
CA HIS A 168 38.91 -21.03 4.27
C HIS A 168 38.83 -21.36 2.79
N ILE A 169 37.86 -20.72 2.12
CA ILE A 169 37.51 -20.99 0.73
C ILE A 169 38.02 -19.85 -0.14
N VAL A 170 38.44 -20.19 -1.35
CA VAL A 170 38.90 -19.20 -2.31
C VAL A 170 38.35 -19.54 -3.69
N GLY A 171 37.53 -18.64 -4.23
CA GLY A 171 37.06 -18.75 -5.59
C GLY A 171 37.77 -17.77 -6.51
N VAL A 172 37.62 -18.02 -7.81
CA VAL A 172 38.28 -17.22 -8.84
C VAL A 172 37.25 -16.78 -9.85
N SER A 173 37.09 -15.47 -10.01
CA SER A 173 36.22 -14.90 -11.02
C SER A 173 36.99 -14.67 -12.30
N ILE A 174 36.42 -15.08 -13.43
CA ILE A 174 37.10 -15.04 -14.71
C ILE A 174 36.24 -14.28 -15.71
N GLY A 175 36.88 -13.47 -16.54
CA GLY A 175 36.25 -12.72 -17.58
C GLY A 175 37.02 -12.82 -18.88
N LYS A 176 36.94 -11.76 -19.69
CA LYS A 176 37.62 -11.71 -20.97
C LYS A 176 38.32 -10.37 -21.14
N ASN A 177 39.38 -10.36 -21.95
CA ASN A 177 40.10 -9.14 -22.26
C ASN A 177 39.25 -8.23 -23.12
N LYS A 178 39.65 -6.95 -23.16
CA LYS A 178 38.84 -5.93 -23.81
C LYS A 178 38.53 -6.29 -25.26
N ASP A 179 39.53 -6.84 -25.98
CA ASP A 179 39.41 -7.06 -27.41
C ASP A 179 39.20 -8.54 -27.76
N THR A 180 38.75 -9.34 -26.81
CA THR A 180 38.46 -10.74 -27.09
C THR A 180 37.13 -10.87 -27.81
N VAL A 181 37.12 -11.58 -28.93
CA VAL A 181 35.89 -11.75 -29.70
C VAL A 181 34.94 -12.68 -28.98
N ASN A 182 35.38 -13.92 -28.74
CA ASN A 182 34.53 -14.95 -28.14
C ASN A 182 35.01 -15.22 -26.72
N ILE A 183 34.13 -15.00 -25.75
CA ILE A 183 34.52 -15.04 -24.35
C ILE A 183 35.02 -16.41 -23.94
N VAL A 184 34.50 -17.48 -24.56
CA VAL A 184 34.84 -18.82 -24.12
C VAL A 184 36.35 -19.07 -24.26
N ASP A 185 36.96 -18.50 -25.29
CA ASP A 185 38.40 -18.68 -25.47
C ASP A 185 39.17 -18.17 -24.25
N ASP A 186 38.76 -17.03 -23.71
CA ASP A 186 39.45 -16.48 -22.54
C ASP A 186 39.14 -17.28 -21.29
N LEU A 187 37.89 -17.73 -21.14
CA LEU A 187 37.53 -18.52 -19.97
C LEU A 187 38.32 -19.83 -19.94
N LYS A 188 38.40 -20.52 -21.07
CA LYS A 188 39.13 -21.79 -21.11
C LYS A 188 40.59 -21.60 -20.73
N TYR A 189 41.22 -20.54 -21.22
CA TYR A 189 42.62 -20.28 -20.88
C TYR A 189 42.79 -20.12 -19.38
N CYS A 190 41.94 -19.31 -18.76
CA CYS A 190 42.08 -19.07 -17.32
C CYS A 190 41.87 -20.35 -16.53
N ILE A 191 40.89 -21.17 -16.93
CA ILE A 191 40.57 -22.37 -16.19
C ILE A 191 41.75 -23.32 -16.17
N ASN A 192 42.38 -23.52 -17.33
CA ASN A 192 43.51 -24.45 -17.40
C ASN A 192 44.72 -23.92 -16.64
N LYS A 193 44.81 -22.62 -16.41
CA LYS A 193 45.95 -22.03 -15.71
C LYS A 193 45.76 -22.01 -14.20
N ILE A 194 44.57 -21.67 -13.73
CA ILE A 194 44.32 -21.44 -12.32
C ILE A 194 43.29 -22.38 -11.72
N GLY A 195 42.56 -23.15 -12.54
CA GLY A 195 41.47 -23.95 -12.03
C GLY A 195 41.89 -24.93 -10.95
N ARG A 196 43.11 -25.45 -11.03
CA ARG A 196 43.56 -26.44 -10.07
C ARG A 196 43.68 -25.88 -8.66
N TYR A 197 43.76 -24.56 -8.51
CA TYR A 197 43.99 -23.92 -7.23
C TYR A 197 42.76 -23.21 -6.70
N ALA A 198 41.61 -23.37 -7.35
CA ALA A 198 40.39 -22.69 -6.98
C ALA A 198 39.41 -23.67 -6.36
N ASP A 199 38.68 -23.22 -5.34
CA ASP A 199 37.59 -24.02 -4.79
C ASP A 199 36.33 -23.91 -5.65
N TYR A 200 36.15 -22.79 -6.35
CA TYR A 200 35.08 -22.65 -7.32
C TYR A 200 35.48 -21.60 -8.34
N ILE A 201 34.84 -21.67 -9.49
CA ILE A 201 35.03 -20.70 -10.58
C ILE A 201 33.73 -19.91 -10.73
N ALA A 202 33.85 -18.60 -10.80
CA ALA A 202 32.72 -17.71 -10.99
C ALA A 202 32.81 -17.11 -12.38
N ILE A 203 31.81 -17.37 -13.21
CA ILE A 203 31.76 -16.86 -14.57
C ILE A 203 31.13 -15.48 -14.56
N ASN A 204 31.90 -14.47 -14.93
CA ASN A 204 31.44 -13.09 -14.92
C ASN A 204 30.91 -12.75 -16.31
N VAL A 205 29.59 -12.78 -16.46
CA VAL A 205 28.94 -12.30 -17.67
C VAL A 205 28.01 -11.15 -17.30
N SER A 206 28.36 -10.42 -16.24
CA SER A 206 27.47 -9.41 -15.70
C SER A 206 28.12 -8.04 -15.46
N SER A 207 29.41 -7.89 -15.74
CA SER A 207 30.03 -6.59 -15.56
C SER A 207 29.42 -5.57 -16.51
N PRO A 208 28.98 -4.41 -16.01
CA PRO A 208 28.44 -3.38 -16.90
C PRO A 208 29.51 -2.50 -17.54
N ASN A 209 30.78 -2.74 -17.26
CA ASN A 209 31.86 -1.89 -17.75
C ASN A 209 32.67 -2.54 -18.87
N THR A 210 32.27 -3.71 -19.32
CA THR A 210 32.81 -4.32 -20.54
C THR A 210 31.71 -4.32 -21.58
N PRO A 211 31.72 -3.40 -22.55
CA PRO A 211 30.60 -3.32 -23.51
C PRO A 211 30.32 -4.67 -24.15
N GLY A 212 29.06 -5.10 -24.07
CA GLY A 212 28.61 -6.32 -24.69
C GLY A 212 28.75 -7.56 -23.83
N LEU A 213 29.40 -7.46 -22.68
CA LEU A 213 29.59 -8.65 -21.85
C LEU A 213 28.24 -9.22 -21.42
N ARG A 214 27.33 -8.34 -20.97
CA ARG A 214 26.06 -8.80 -20.44
C ARG A 214 25.17 -9.43 -21.50
N ASP A 215 25.49 -9.26 -22.78
CA ASP A 215 24.77 -9.98 -23.83
C ASP A 215 24.94 -11.49 -23.66
N ASN A 216 26.04 -11.92 -23.03
CA ASN A 216 26.28 -13.34 -22.83
C ASN A 216 25.33 -13.98 -21.84
N GLN A 217 24.46 -13.19 -21.20
CA GLN A 217 23.40 -13.75 -20.37
C GLN A 217 22.22 -14.24 -21.21
N GLU A 218 22.22 -13.99 -22.51
CA GLU A 218 21.21 -14.58 -23.39
C GLU A 218 21.29 -16.10 -23.31
N ALA A 219 20.12 -16.75 -23.26
CA ALA A 219 20.06 -18.17 -22.90
C ALA A 219 20.99 -19.01 -23.77
N GLY A 220 20.95 -18.80 -25.09
CA GLY A 220 21.77 -19.61 -25.97
C GLY A 220 23.24 -19.47 -25.69
N LYS A 221 23.73 -18.24 -25.63
CA LYS A 221 25.14 -18.00 -25.36
C LYS A 221 25.51 -18.46 -23.95
N LEU A 222 24.62 -18.26 -22.98
CA LEU A 222 24.94 -18.61 -21.61
C LEU A 222 25.09 -20.13 -21.45
N LYS A 223 24.18 -20.89 -22.04
CA LYS A 223 24.29 -22.35 -21.98
C LYS A 223 25.63 -22.82 -22.55
N ASN A 224 26.00 -22.29 -23.73
CA ASN A 224 27.25 -22.70 -24.34
C ASN A 224 28.43 -22.34 -23.44
N ILE A 225 28.37 -21.19 -22.78
CA ILE A 225 29.47 -20.77 -21.91
C ILE A 225 29.59 -21.71 -20.72
N ILE A 226 28.47 -21.97 -20.04
CA ILE A 226 28.52 -22.81 -18.85
C ILE A 226 29.04 -24.20 -19.20
N LEU A 227 28.51 -24.79 -20.27
CA LEU A 227 28.93 -26.14 -20.66
C LEU A 227 30.40 -26.15 -21.07
N SER A 228 30.85 -25.11 -21.76
CA SER A 228 32.27 -25.03 -22.11
C SER A 228 33.14 -24.94 -20.86
N VAL A 229 32.71 -24.16 -19.88
CA VAL A 229 33.49 -24.03 -18.66
C VAL A 229 33.52 -25.36 -17.91
N LYS A 230 32.37 -26.02 -17.81
CA LYS A 230 32.32 -27.32 -17.12
C LYS A 230 33.20 -28.34 -17.81
N GLU A 231 33.18 -28.37 -19.14
CA GLU A 231 34.01 -29.33 -19.86
C GLU A 231 35.49 -29.08 -19.63
N GLU A 232 35.91 -27.81 -19.64
CA GLU A 232 37.32 -27.49 -19.47
C GLU A 232 37.78 -27.89 -18.07
N ILE A 233 36.94 -27.70 -17.05
CA ILE A 233 37.30 -28.13 -15.71
C ILE A 233 37.41 -29.64 -15.66
N ASP A 234 36.50 -30.35 -16.33
CA ASP A 234 36.59 -31.81 -16.40
C ASP A 234 37.81 -32.25 -17.19
N ASN A 235 38.25 -31.45 -18.17
CA ASN A 235 39.44 -31.78 -18.95
C ASN A 235 40.70 -31.61 -18.13
N LEU A 236 40.72 -30.67 -17.17
CA LEU A 236 41.87 -30.54 -16.29
C LEU A 236 42.20 -31.86 -15.61
N GLU A 237 41.18 -32.55 -15.12
CA GLU A 237 41.38 -33.85 -14.48
C GLU A 237 42.06 -34.82 -15.43
N LYS A 238 41.53 -34.97 -16.64
CA LYS A 238 42.10 -35.91 -17.60
C LYS A 238 43.53 -35.53 -17.97
N ASN A 239 43.75 -34.26 -18.31
CA ASN A 239 45.04 -33.84 -18.84
C ASN A 239 46.16 -34.05 -17.82
N ASN A 240 45.86 -33.91 -16.53
CA ASN A 240 46.86 -34.09 -15.49
C ASN A 240 46.70 -35.44 -14.81
N PHE A 246 47.46 -34.30 -5.24
CA PHE A 246 48.39 -33.44 -5.98
C PHE A 246 47.64 -32.59 -6.99
N LEU A 247 46.60 -33.15 -7.61
CA LEU A 247 45.89 -32.45 -8.67
C LEU A 247 45.21 -31.20 -8.14
N TRP A 248 44.35 -31.35 -7.13
CA TRP A 248 43.56 -30.23 -6.62
C TRP A 248 44.29 -29.61 -5.44
N PHE A 249 45.08 -28.58 -5.72
CA PHE A 249 45.80 -27.83 -4.67
C PHE A 249 44.91 -26.69 -4.17
N ASN A 250 43.74 -27.06 -3.65
CA ASN A 250 42.77 -26.10 -3.14
C ASN A 250 42.31 -26.55 -1.76
N THR A 251 41.23 -25.94 -1.25
CA THR A 251 40.74 -26.31 0.06
C THR A 251 39.91 -27.59 0.01
N THR A 252 39.04 -27.71 -0.98
CA THR A 252 38.14 -28.86 -1.04
C THR A 252 38.85 -30.14 -1.44
N LYS A 253 40.01 -30.03 -2.09
CA LYS A 253 40.68 -31.18 -2.70
C LYS A 253 39.81 -31.83 -3.77
N LYS A 254 38.84 -31.07 -4.29
CA LYS A 254 37.96 -31.51 -5.37
C LYS A 254 38.03 -30.50 -6.50
N LYS A 255 37.55 -30.89 -7.68
CA LYS A 255 37.53 -29.96 -8.79
C LYS A 255 36.64 -28.77 -8.43
N PRO A 256 36.95 -27.58 -8.94
CA PRO A 256 36.18 -26.40 -8.55
C PRO A 256 34.73 -26.50 -8.99
N LEU A 257 33.84 -25.95 -8.17
CA LEU A 257 32.47 -25.76 -8.57
C LEU A 257 32.37 -24.61 -9.56
N VAL A 258 31.24 -24.53 -10.27
CA VAL A 258 31.01 -23.51 -11.28
C VAL A 258 29.82 -22.67 -10.86
N PHE A 259 30.06 -21.38 -10.63
CA PHE A 259 29.01 -20.41 -10.37
C PHE A 259 28.94 -19.43 -11.55
N VAL A 260 27.78 -18.78 -11.68
CA VAL A 260 27.61 -17.68 -12.63
C VAL A 260 27.16 -16.46 -11.85
N LYS A 261 27.75 -15.30 -12.17
CA LYS A 261 27.39 -14.04 -11.56
C LYS A 261 26.49 -13.28 -12.53
N LEU A 262 25.28 -12.97 -12.09
CA LEU A 262 24.25 -12.37 -12.93
C LEU A 262 24.11 -10.89 -12.65
N ALA A 263 23.67 -10.13 -13.69
CA ALA A 263 23.40 -8.72 -13.61
C ALA A 263 21.96 -8.48 -13.17
N PRO A 264 21.71 -7.42 -12.39
CA PRO A 264 20.35 -7.18 -11.91
C PRO A 264 19.43 -6.51 -12.92
N ASP A 265 19.97 -5.96 -14.00
CA ASP A 265 19.18 -5.20 -14.98
C ASP A 265 18.67 -6.15 -16.06
N LEU A 266 17.64 -6.92 -15.69
CA LEU A 266 17.04 -7.89 -16.58
C LEU A 266 15.52 -7.83 -16.42
N ASN A 267 14.81 -8.15 -17.50
CA ASN A 267 13.37 -8.27 -17.43
C ASN A 267 12.99 -9.68 -17.00
N GLN A 268 11.71 -9.87 -16.67
CA GLN A 268 11.27 -11.14 -16.12
C GLN A 268 11.49 -12.28 -17.12
N GLU A 269 11.22 -12.03 -18.41
CA GLU A 269 11.40 -13.08 -19.40
C GLU A 269 12.87 -13.46 -19.52
N GLN A 270 13.78 -12.47 -19.45
CA GLN A 270 15.20 -12.78 -19.42
C GLN A 270 15.54 -13.67 -18.24
N LYS A 271 15.04 -13.31 -17.05
CA LYS A 271 15.37 -14.07 -15.85
C LYS A 271 14.83 -15.49 -15.92
N LYS A 272 13.65 -15.67 -16.53
CA LYS A 272 13.06 -17.01 -16.59
C LYS A 272 13.83 -17.91 -17.55
N GLU A 273 14.25 -17.39 -18.70
CA GLU A 273 15.04 -18.20 -19.63
C GLU A 273 16.42 -18.48 -19.05
N ILE A 274 16.98 -17.56 -18.27
CA ILE A 274 18.25 -17.84 -17.60
C ILE A 274 18.08 -18.96 -16.59
N ALA A 275 16.99 -18.92 -15.81
CA ALA A 275 16.74 -19.98 -14.84
C ALA A 275 16.64 -21.34 -15.52
N ASP A 276 15.95 -21.40 -16.66
CA ASP A 276 15.86 -22.66 -17.39
C ASP A 276 17.24 -23.18 -17.79
N VAL A 277 18.12 -22.29 -18.23
CA VAL A 277 19.47 -22.69 -18.62
C VAL A 277 20.24 -23.21 -17.41
N LEU A 278 20.17 -22.49 -16.29
CA LEU A 278 20.93 -22.89 -15.11
C LEU A 278 20.47 -24.27 -14.63
N LEU A 279 19.18 -24.54 -14.72
CA LEU A 279 18.69 -25.88 -14.36
C LEU A 279 19.16 -26.92 -15.37
N GLU A 280 19.17 -26.58 -16.66
CA GLU A 280 19.51 -27.57 -17.68
C GLU A 280 20.99 -27.92 -17.65
N THR A 281 21.85 -26.98 -17.26
CA THR A 281 23.29 -27.19 -17.26
C THR A 281 23.82 -27.71 -15.93
N ASN A 282 22.95 -27.89 -14.93
CA ASN A 282 23.37 -28.37 -13.61
C ASN A 282 24.45 -27.48 -13.03
N ILE A 283 24.33 -26.16 -13.22
CA ILE A 283 25.28 -25.25 -12.62
C ILE A 283 25.20 -25.38 -11.09
N ASP A 284 26.33 -25.13 -10.43
CA ASP A 284 26.44 -25.41 -8.99
C ASP A 284 25.90 -24.27 -8.12
N GLY A 285 25.80 -23.06 -8.65
CA GLY A 285 25.28 -21.95 -7.89
C GLY A 285 25.25 -20.71 -8.75
N MET A 286 24.55 -19.70 -8.25
CA MET A 286 24.44 -18.42 -8.92
C MET A 286 24.71 -17.30 -7.94
N ILE A 287 25.50 -16.32 -8.36
CA ILE A 287 25.85 -15.15 -7.58
C ILE A 287 24.90 -14.02 -7.98
N ILE A 288 24.10 -13.56 -7.03
CA ILE A 288 23.08 -12.54 -7.26
C ILE A 288 23.32 -11.44 -6.25
N SER A 289 23.84 -10.29 -6.71
CA SER A 289 24.11 -10.01 -8.11
C SER A 289 25.23 -8.99 -8.27
N ASN A 290 25.48 -8.61 -9.53
CA ASN A 290 26.49 -7.62 -9.85
C ASN A 290 25.92 -6.21 -9.67
N THR A 291 26.64 -5.20 -10.10
CA THR A 291 26.22 -3.82 -9.94
C THR A 291 25.10 -3.48 -10.93
N THR A 292 24.37 -2.42 -10.62
CA THR A 292 23.25 -1.99 -11.44
C THR A 292 23.59 -0.70 -12.18
N THR A 293 23.02 -0.55 -13.37
CA THR A 293 23.09 0.70 -14.12
C THR A 293 21.81 1.51 -14.02
N GLN A 294 20.85 1.07 -13.19
CA GLN A 294 19.52 1.66 -13.16
C GLN A 294 19.27 2.49 -11.91
N ILE A 295 20.32 2.98 -11.26
CA ILE A 295 20.19 3.89 -10.12
C ILE A 295 20.66 5.25 -10.58
N ASN A 296 19.71 6.17 -10.74
CA ASN A 296 20.00 7.57 -11.07
C ASN A 296 19.45 8.49 -9.99
N ASP A 297 19.41 7.99 -8.76
CA ASP A 297 18.91 8.73 -7.60
C ASP A 297 19.97 9.55 -6.89
N ILE A 298 21.24 9.40 -7.28
CA ILE A 298 22.37 9.90 -6.51
C ILE A 298 22.90 11.14 -7.22
N LYS A 299 22.64 12.31 -6.63
CA LYS A 299 23.08 13.57 -7.23
C LYS A 299 24.57 13.56 -7.52
N SER A 300 25.37 13.05 -6.59
CA SER A 300 26.81 13.05 -6.77
C SER A 300 27.29 12.10 -7.87
N PHE A 301 26.42 11.21 -8.36
CA PHE A 301 26.77 10.31 -9.45
C PHE A 301 26.19 10.74 -10.79
N GLU A 302 25.44 11.85 -10.82
CA GLU A 302 24.87 12.37 -12.05
C GLU A 302 25.84 12.29 -13.22
N ASN A 303 27.06 12.77 -13.01
CA ASN A 303 28.04 12.87 -14.08
C ASN A 303 28.54 11.52 -14.57
N LYS A 304 28.43 10.48 -13.76
CA LYS A 304 29.37 9.36 -13.83
C LYS A 304 28.82 8.15 -14.57
N LYS A 305 29.74 7.39 -15.14
CA LYS A 305 29.47 6.14 -15.84
C LYS A 305 29.89 4.97 -14.97
N GLY A 306 29.21 3.84 -15.15
CA GLY A 306 29.57 2.60 -14.52
C GLY A 306 28.41 1.99 -13.78
N GLY A 307 28.71 0.96 -13.00
CA GLY A 307 27.72 0.26 -12.21
C GLY A 307 27.75 0.70 -10.75
N VAL A 308 26.59 0.66 -10.12
CA VAL A 308 26.42 1.17 -8.76
C VAL A 308 26.36 0.02 -7.78
N SER A 309 27.00 0.20 -6.64
CA SER A 309 26.99 -0.76 -5.54
C SER A 309 26.40 -0.11 -4.29
N GLY A 310 26.19 -0.91 -3.25
CA GLY A 310 25.88 -0.40 -1.93
C GLY A 310 24.40 -0.44 -1.61
N ALA A 311 24.04 0.46 -0.69
CA ALA A 311 22.69 0.42 -0.11
C ALA A 311 21.61 0.58 -1.16
N LYS A 312 21.86 1.38 -2.20
CA LYS A 312 20.85 1.59 -3.22
C LYS A 312 20.63 0.36 -4.08
N LEU A 313 21.51 -0.65 -3.98
CA LEU A 313 21.34 -1.91 -4.71
C LEU A 313 20.69 -3.00 -3.89
N LYS A 314 20.54 -2.80 -2.57
CA LYS A 314 20.09 -3.88 -1.69
C LYS A 314 18.73 -4.42 -2.11
N ASP A 315 17.73 -3.54 -2.17
CA ASP A 315 16.37 -4.00 -2.48
C ASP A 315 16.31 -4.62 -3.87
N ILE A 316 16.98 -4.01 -4.85
CA ILE A 316 17.02 -4.58 -6.19
C ILE A 316 17.56 -6.01 -6.16
N SER A 317 18.65 -6.21 -5.42
CA SER A 317 19.30 -7.51 -5.39
C SER A 317 18.48 -8.54 -4.61
N THR A 318 17.85 -8.12 -3.51
CA THR A 318 17.05 -9.05 -2.73
C THR A 318 15.85 -9.55 -3.53
N LYS A 319 15.15 -8.63 -4.21
CA LYS A 319 14.04 -9.04 -5.08
C LYS A 319 14.53 -9.99 -6.16
N PHE A 320 15.69 -9.72 -6.75
CA PHE A 320 16.26 -10.61 -7.75
C PHE A 320 16.50 -12.00 -7.17
N ILE A 321 16.97 -12.07 -5.93
CA ILE A 321 17.17 -13.37 -5.28
C ILE A 321 15.85 -14.12 -5.17
N CYS A 322 14.80 -13.43 -4.72
CA CYS A 322 13.50 -14.08 -4.58
C CYS A 322 13.03 -14.65 -5.90
N GLU A 323 13.19 -13.90 -6.99
CA GLU A 323 12.70 -14.34 -8.30
C GLU A 323 13.45 -15.59 -8.76
N MET A 324 14.79 -15.55 -8.72
CA MET A 324 15.56 -16.68 -9.22
C MET A 324 15.39 -17.91 -8.33
N TYR A 325 15.26 -17.69 -7.02
CA TYR A 325 15.00 -18.81 -6.11
C TYR A 325 13.72 -19.52 -6.50
N ASN A 326 12.70 -18.76 -6.91
CA ASN A 326 11.44 -19.38 -7.33
C ASN A 326 11.55 -19.91 -8.76
N TYR A 327 12.19 -19.15 -9.66
CA TYR A 327 12.28 -19.59 -11.05
C TYR A 327 13.11 -20.86 -11.18
N THR A 328 14.11 -21.05 -10.32
CA THR A 328 14.90 -22.29 -10.32
C THR A 328 14.34 -23.33 -9.36
N ASN A 329 13.15 -23.12 -8.83
CA ASN A 329 12.50 -24.09 -7.94
C ASN A 329 13.42 -24.52 -6.80
N LYS A 330 14.19 -23.57 -6.29
CA LYS A 330 15.02 -23.76 -5.10
C LYS A 330 16.10 -24.82 -5.30
N GLN A 331 16.47 -25.11 -6.55
CA GLN A 331 17.43 -26.16 -6.84
C GLN A 331 18.84 -25.66 -7.07
N ILE A 332 19.03 -24.34 -7.18
CA ILE A 332 20.35 -23.75 -7.44
C ILE A 332 20.75 -22.89 -6.26
N PRO A 333 21.80 -23.25 -5.52
CA PRO A 333 22.23 -22.40 -4.40
C PRO A 333 22.59 -21.01 -4.86
N ILE A 334 22.37 -20.04 -3.98
CA ILE A 334 22.54 -18.63 -4.30
C ILE A 334 23.58 -18.01 -3.38
N ILE A 335 24.50 -17.26 -3.97
CA ILE A 335 25.44 -16.42 -3.24
C ILE A 335 24.95 -14.97 -3.37
N ALA A 336 24.67 -14.33 -2.24
CA ALA A 336 24.07 -13.01 -2.24
C ALA A 336 25.14 -11.92 -2.32
N SER A 337 24.89 -10.90 -3.12
CA SER A 337 25.78 -9.75 -3.23
C SER A 337 24.94 -8.53 -3.58
N GLY A 338 25.04 -7.49 -2.75
CA GLY A 338 24.34 -6.26 -3.03
C GLY A 338 23.80 -5.55 -1.81
N GLY A 339 24.50 -4.53 -1.34
CA GLY A 339 24.00 -3.70 -0.26
C GLY A 339 23.87 -4.40 1.08
N ILE A 340 24.76 -5.34 1.39
CA ILE A 340 24.73 -6.02 2.68
C ILE A 340 25.65 -5.27 3.63
N PHE A 341 25.08 -4.65 4.66
CA PHE A 341 25.84 -3.93 5.67
C PHE A 341 25.61 -4.46 7.07
N SER A 342 24.39 -4.85 7.40
CA SER A 342 24.01 -5.23 8.76
C SER A 342 23.64 -6.70 8.81
N GLY A 343 23.51 -7.21 10.04
CA GLY A 343 23.01 -8.56 10.22
C GLY A 343 21.60 -8.74 9.70
N LEU A 344 20.75 -7.72 9.91
CA LEU A 344 19.40 -7.77 9.35
C LEU A 344 19.44 -7.85 7.83
N ASP A 345 20.35 -7.11 7.19
CA ASP A 345 20.51 -7.20 5.74
C ASP A 345 20.86 -8.64 5.33
N ALA A 346 21.79 -9.26 6.04
CA ALA A 346 22.19 -10.63 5.70
C ALA A 346 21.01 -11.58 5.86
N LEU A 347 20.26 -11.45 6.96
CA LEU A 347 19.12 -12.35 7.18
C LEU A 347 18.08 -12.17 6.09
N GLU A 348 17.86 -10.93 5.64
CA GLU A 348 16.96 -10.70 4.51
C GLU A 348 17.40 -11.52 3.30
N LYS A 349 18.69 -11.45 2.97
CA LYS A 349 19.20 -12.22 1.84
C LYS A 349 18.98 -13.70 2.04
N ILE A 350 19.29 -14.20 3.25
CA ILE A 350 19.20 -15.63 3.52
C ILE A 350 17.75 -16.09 3.39
N GLU A 351 16.82 -15.38 4.05
CA GLU A 351 15.42 -15.76 3.98
C GLU A 351 14.85 -15.59 2.58
N ALA A 352 15.49 -14.79 1.73
CA ALA A 352 15.07 -14.68 0.33
C ALA A 352 15.51 -15.88 -0.50
N GLY A 353 16.49 -16.66 -0.03
CA GLY A 353 16.92 -17.83 -0.75
C GLY A 353 18.41 -18.03 -0.80
N ALA A 354 19.17 -17.08 -0.27
CA ALA A 354 20.62 -17.16 -0.31
C ALA A 354 21.16 -18.10 0.76
N SER A 355 22.21 -18.84 0.40
CA SER A 355 22.91 -19.71 1.34
C SER A 355 24.13 -19.06 1.95
N VAL A 356 24.67 -18.02 1.31
CA VAL A 356 25.89 -17.38 1.76
C VAL A 356 25.89 -15.97 1.20
N CYS A 357 26.62 -15.07 1.86
CA CYS A 357 26.64 -13.65 1.51
C CYS A 357 28.05 -13.20 1.18
N GLN A 358 28.15 -12.25 0.25
CA GLN A 358 29.41 -11.58 -0.06
C GLN A 358 29.29 -10.11 0.31
N LEU A 359 30.39 -9.54 0.80
CA LEU A 359 30.45 -8.14 1.15
C LEU A 359 31.47 -7.42 0.26
N TYR A 360 31.22 -6.13 0.02
CA TYR A 360 32.18 -5.25 -0.63
C TYR A 360 32.00 -3.85 -0.06
N SER A 361 30.87 -3.22 -0.38
CA SER A 361 30.61 -1.87 0.09
C SER A 361 30.70 -1.77 1.61
N CYS A 362 30.34 -2.84 2.32
CA CYS A 362 30.41 -2.82 3.78
C CYS A 362 31.84 -2.55 4.25
N LEU A 363 32.82 -3.20 3.64
CA LEU A 363 34.21 -2.95 4.01
C LEU A 363 34.62 -1.52 3.68
N VAL A 364 34.01 -0.93 2.64
CA VAL A 364 34.39 0.41 2.24
C VAL A 364 33.92 1.43 3.28
N PHE A 365 32.71 1.23 3.82
CA PHE A 365 32.10 2.24 4.67
C PHE A 365 32.18 1.92 6.16
N ASN A 366 32.49 0.69 6.55
CA ASN A 366 32.61 0.33 7.96
C ASN A 366 33.99 -0.19 8.34
N GLY A 367 34.87 -0.46 7.38
CA GLY A 367 36.26 -0.68 7.71
C GLY A 367 36.58 -2.11 8.12
N MET A 368 37.60 -2.23 8.97
CA MET A 368 38.17 -3.54 9.30
C MET A 368 37.29 -4.36 10.23
N LYS A 369 36.33 -3.74 10.91
CA LYS A 369 35.43 -4.44 11.79
C LYS A 369 34.23 -5.05 11.09
N SER A 370 34.18 -4.96 9.76
CA SER A 370 32.96 -5.34 9.04
C SER A 370 32.56 -6.79 9.32
N ALA A 371 33.53 -7.71 9.26
CA ALA A 371 33.20 -9.12 9.43
C ALA A 371 32.81 -9.44 10.88
N VAL A 372 33.61 -8.98 11.83
CA VAL A 372 33.31 -9.26 13.23
C VAL A 372 31.95 -8.70 13.61
N GLN A 373 31.63 -7.49 13.16
CA GLN A 373 30.39 -6.84 13.55
C GLN A 373 29.18 -7.55 12.94
N ILE A 374 29.26 -7.90 11.65
CA ILE A 374 28.09 -8.45 10.99
C ILE A 374 27.82 -9.88 11.45
N LYS A 375 28.87 -10.64 11.78
CA LYS A 375 28.68 -11.98 12.31
C LYS A 375 27.94 -11.93 13.65
N ARG A 376 28.35 -11.00 14.52
CA ARG A 376 27.69 -10.87 15.81
C ARG A 376 26.23 -10.46 15.65
N GLU A 377 25.96 -9.53 14.73
CA GLU A 377 24.59 -9.08 14.51
C GLU A 377 23.73 -10.22 13.97
N LEU A 378 24.27 -11.02 13.05
CA LEU A 378 23.50 -12.13 12.51
C LEU A 378 23.21 -13.17 13.58
N ASN A 379 24.21 -13.51 14.38
CA ASN A 379 24.00 -14.52 15.43
C ASN A 379 22.94 -14.07 16.42
N HIS A 380 23.02 -12.82 16.86
CA HIS A 380 22.01 -12.29 17.78
C HIS A 380 20.63 -12.22 17.14
N LEU A 381 20.56 -12.15 15.80
CA LEU A 381 19.27 -12.09 15.14
C LEU A 381 18.66 -13.47 14.97
N LEU A 382 19.46 -14.45 14.51
CA LEU A 382 18.97 -15.82 14.44
C LEU A 382 18.43 -16.27 15.79
N TYR A 383 19.07 -15.83 16.87
CA TYR A 383 18.58 -16.16 18.20
C TYR A 383 17.27 -15.43 18.49
N GLN A 384 17.23 -14.13 18.23
CA GLN A 384 16.02 -13.35 18.50
C GLN A 384 14.83 -13.87 17.71
N ARG A 385 15.06 -14.38 16.50
CA ARG A 385 13.98 -14.82 15.64
C ARG A 385 13.55 -16.27 15.90
N GLY A 386 14.31 -17.02 16.69
CA GLY A 386 13.95 -18.37 17.01
C GLY A 386 14.55 -19.44 16.12
N TYR A 387 15.44 -19.06 15.20
CA TYR A 387 16.10 -20.04 14.36
C TYR A 387 17.08 -20.86 15.17
N TYR A 388 17.09 -22.19 14.94
CA TYR A 388 18.10 -23.02 15.57
C TYR A 388 19.47 -22.80 14.93
N ASN A 389 19.50 -22.61 13.61
CA ASN A 389 20.74 -22.34 12.91
C ASN A 389 20.41 -21.59 11.62
N LEU A 390 21.47 -21.23 10.88
CA LEU A 390 21.28 -20.43 9.67
C LEU A 390 20.62 -21.24 8.56
N LYS A 391 21.02 -22.50 8.38
CA LYS A 391 20.44 -23.32 7.32
C LYS A 391 18.92 -23.37 7.43
N GLU A 392 18.39 -23.28 8.64
CA GLU A 392 16.94 -23.29 8.82
C GLU A 392 16.28 -22.04 8.25
N ALA A 393 17.03 -20.95 8.10
CA ALA A 393 16.46 -19.69 7.62
C ALA A 393 16.51 -19.56 6.11
N ILE A 394 17.22 -20.44 5.41
CA ILE A 394 17.39 -20.28 3.97
C ILE A 394 16.04 -20.42 3.30
N GLY A 395 15.57 -19.34 2.68
CA GLY A 395 14.36 -19.37 1.89
C GLY A 395 13.07 -19.34 2.68
N ARG A 396 13.11 -18.97 3.96
CA ARG A 396 11.90 -19.00 4.78
C ARG A 396 10.88 -17.93 4.37
N LYS A 397 11.30 -16.93 3.59
CA LYS A 397 10.34 -15.95 3.11
C LYS A 397 9.29 -16.58 2.20
N HIS A 398 9.60 -17.74 1.62
CA HIS A 398 8.70 -18.39 0.67
C HIS A 398 7.88 -19.49 1.32
N ASN B 24 10.05 -7.91 33.19
CA ASN B 24 11.27 -7.35 32.59
C ASN B 24 10.97 -6.87 31.17
N PRO B 25 11.39 -5.64 30.84
CA PRO B 25 11.08 -5.12 29.49
C PRO B 25 11.55 -6.05 28.38
N GLU B 26 12.64 -6.79 28.59
CA GLU B 26 13.14 -7.73 27.62
C GLU B 26 12.62 -9.15 27.85
N PHE B 27 11.51 -9.30 28.56
CA PHE B 27 10.97 -10.63 28.80
C PHE B 27 10.53 -11.24 27.48
N PHE B 28 10.92 -12.51 27.27
CA PHE B 28 10.91 -13.08 25.93
C PHE B 28 9.50 -13.26 25.37
N LEU B 29 8.51 -13.54 26.22
CA LEU B 29 7.20 -13.90 25.66
C LEU B 29 6.44 -12.70 25.12
N TYR B 30 6.74 -11.48 25.59
CA TYR B 30 6.27 -10.30 24.87
C TYR B 30 6.90 -10.24 23.48
N ASP B 31 8.12 -10.76 23.34
CA ASP B 31 8.73 -10.90 22.03
C ASP B 31 8.02 -11.98 21.21
N ILE B 32 7.57 -13.05 21.86
CA ILE B 32 6.84 -14.09 21.16
C ILE B 32 5.48 -13.56 20.70
N PHE B 33 4.78 -12.84 21.58
CA PHE B 33 3.53 -12.22 21.18
C PHE B 33 3.74 -11.22 20.04
N LEU B 34 4.90 -10.55 20.02
CA LEU B 34 5.13 -9.52 19.01
C LEU B 34 5.15 -10.10 17.61
N LYS B 35 5.86 -11.22 17.43
CA LYS B 35 5.88 -11.86 16.12
C LYS B 35 4.47 -12.26 15.69
N PHE B 36 3.72 -12.89 16.60
CA PHE B 36 2.34 -13.24 16.30
C PHE B 36 1.55 -12.02 15.86
N CYS B 37 1.72 -10.90 16.56
CA CYS B 37 0.97 -9.69 16.22
C CYS B 37 1.36 -9.16 14.84
N LEU B 38 2.67 -9.10 14.57
CA LEU B 38 3.14 -8.52 13.32
C LEU B 38 2.77 -9.36 12.11
N LYS B 39 2.46 -10.64 12.31
CA LYS B 39 2.16 -11.54 11.20
C LYS B 39 0.66 -11.70 10.93
N TYR B 40 -0.17 -11.61 11.96
CA TYR B 40 -1.57 -12.00 11.84
C TYR B 40 -2.57 -10.93 12.24
N ILE B 41 -2.18 -9.94 13.05
CA ILE B 41 -3.12 -9.02 13.66
C ILE B 41 -3.04 -7.66 12.99
N ASP B 42 -4.19 -6.99 12.91
CA ASP B 42 -4.27 -5.68 12.28
C ASP B 42 -3.48 -4.65 13.09
N GLY B 43 -2.84 -3.73 12.38
CA GLY B 43 -1.95 -2.78 13.03
C GLY B 43 -2.63 -2.01 14.15
N GLU B 44 -3.79 -1.43 13.86
CA GLU B 44 -4.49 -0.62 14.86
C GLU B 44 -4.96 -1.48 16.03
N ILE B 45 -5.33 -2.74 15.79
CA ILE B 45 -5.76 -3.59 16.88
C ILE B 45 -4.59 -3.91 17.81
N CYS B 46 -3.41 -4.19 17.23
CA CYS B 46 -2.21 -4.38 18.05
C CYS B 46 -1.99 -3.18 18.96
N HIS B 47 -2.04 -1.97 18.38
CA HIS B 47 -1.78 -0.77 19.15
C HIS B 47 -2.78 -0.62 20.29
N ASP B 48 -4.06 -0.81 20.00
CA ASP B 48 -5.08 -0.72 21.05
C ASP B 48 -4.81 -1.73 22.15
N LEU B 49 -4.39 -2.95 21.79
CA LEU B 49 -4.04 -3.94 22.79
C LEU B 49 -2.86 -3.47 23.65
N PHE B 50 -1.84 -2.90 23.01
CA PHE B 50 -0.74 -2.30 23.74
C PHE B 50 -1.25 -1.28 24.75
N LEU B 51 -2.14 -0.40 24.31
CA LEU B 51 -2.62 0.67 25.19
C LEU B 51 -3.47 0.11 26.32
N LEU B 52 -4.20 -0.97 26.10
CA LEU B 52 -5.02 -1.54 27.17
C LEU B 52 -4.15 -2.14 28.26
N LEU B 53 -3.19 -2.97 27.87
CA LEU B 53 -2.29 -3.57 28.86
C LEU B 53 -1.56 -2.49 29.65
N GLY B 54 -1.21 -1.39 28.98
CA GLY B 54 -0.61 -0.28 29.69
C GLY B 54 -1.59 0.45 30.58
N LYS B 55 -2.84 0.59 30.12
CA LYS B 55 -3.85 1.24 30.93
C LYS B 55 -4.04 0.52 32.26
N TYR B 56 -3.88 -0.80 32.27
CA TYR B 56 -4.04 -1.61 33.47
C TYR B 56 -2.70 -1.95 34.11
N ASN B 57 -1.63 -1.25 33.74
CA ASN B 57 -0.34 -1.37 34.39
C ASN B 57 0.18 -2.81 34.33
N ILE B 58 -0.07 -3.49 33.20
CA ILE B 58 0.38 -4.85 33.01
C ILE B 58 1.80 -4.94 32.45
N LEU B 59 2.28 -3.90 31.77
CA LEU B 59 3.53 -3.95 31.05
C LEU B 59 4.72 -3.90 32.00
N PRO B 60 5.86 -4.41 31.55
CA PRO B 60 7.04 -4.43 32.44
C PRO B 60 7.63 -3.05 32.65
N TYR B 61 8.42 -2.94 33.71
CA TYR B 61 9.09 -1.70 34.08
C TYR B 61 10.58 -1.79 33.82
N ASP B 62 11.18 -0.69 33.43
CA ASP B 62 12.64 -0.53 33.44
C ASP B 62 12.98 0.30 34.67
N THR B 63 13.42 -0.36 35.73
CA THR B 63 13.79 0.29 36.97
C THR B 63 15.29 0.56 37.06
N SER B 64 15.97 0.64 35.91
CA SER B 64 17.40 0.86 35.90
C SER B 64 17.71 2.35 35.99
N ASN B 65 18.80 2.69 36.66
CA ASN B 65 19.32 4.05 36.63
C ASN B 65 19.90 4.34 35.26
N ASP B 66 19.42 5.40 34.62
CA ASP B 66 19.98 5.79 33.33
C ASP B 66 21.35 6.41 33.51
N SER B 67 22.21 6.20 32.51
CA SER B 67 23.55 6.75 32.56
C SER B 67 23.50 8.28 32.54
N ILE B 68 24.14 8.91 33.52
CA ILE B 68 24.14 10.37 33.58
C ILE B 68 24.88 10.98 32.39
N TYR B 69 25.73 10.19 31.73
CA TYR B 69 26.45 10.68 30.55
C TYR B 69 25.60 10.64 29.29
N ALA B 70 24.42 10.03 29.33
CA ALA B 70 23.46 10.10 28.24
C ALA B 70 22.35 11.11 28.51
N CYS B 71 22.50 11.93 29.56
CA CYS B 71 21.54 12.99 29.82
C CYS B 71 21.59 14.04 28.71
N THR B 72 20.47 14.72 28.51
CA THR B 72 20.39 15.81 27.55
C THR B 72 19.35 16.80 28.05
N ASN B 73 19.29 17.95 27.38
CA ASN B 73 18.38 18.99 27.82
C ASN B 73 18.05 19.90 26.65
N ILE B 74 16.86 20.49 26.71
CA ILE B 74 16.43 21.55 25.81
C ILE B 74 16.00 22.70 26.72
N LYS B 75 16.87 23.69 26.91
CA LYS B 75 16.63 24.79 27.84
C LYS B 75 16.42 24.17 29.22
N HIS B 76 15.33 24.45 29.93
CA HIS B 76 15.15 23.93 31.28
C HIS B 76 14.56 22.52 31.31
N LEU B 77 14.27 21.94 30.15
CA LEU B 77 13.80 20.56 30.10
C LEU B 77 14.98 19.62 30.29
N ASP B 78 15.05 18.96 31.45
CA ASP B 78 16.13 18.03 31.77
C ASP B 78 15.63 16.61 31.49
N PHE B 79 16.13 16.02 30.41
CA PHE B 79 15.77 14.66 30.04
C PHE B 79 16.71 13.68 30.73
N ILE B 80 16.15 12.74 31.50
CA ILE B 80 16.98 11.77 32.20
C ILE B 80 17.69 10.86 31.21
N ASN B 81 17.11 10.65 30.03
CA ASN B 81 17.76 9.94 28.94
C ASN B 81 17.22 10.49 27.64
N PRO B 82 17.87 10.23 26.51
CA PRO B 82 17.54 10.98 25.29
C PRO B 82 16.46 10.35 24.43
N PHE B 83 15.64 9.47 25.00
CA PHE B 83 14.67 8.72 24.21
C PHE B 83 13.27 8.91 24.78
N GLY B 84 12.36 9.39 23.93
CA GLY B 84 10.97 9.50 24.28
C GLY B 84 10.10 8.85 23.21
N VAL B 85 8.78 8.93 23.44
CA VAL B 85 7.80 8.37 22.52
C VAL B 85 7.16 9.50 21.75
N ALA B 86 7.10 9.38 20.43
CA ALA B 86 6.61 10.45 19.58
C ALA B 86 5.09 10.57 19.69
N ALA B 87 4.57 11.65 19.11
CA ALA B 87 3.13 11.87 19.10
C ALA B 87 2.44 10.82 18.23
N GLY B 88 1.16 10.60 18.54
CA GLY B 88 0.36 9.61 17.84
C GLY B 88 0.39 8.22 18.44
N PHE B 89 1.22 7.98 19.45
CA PHE B 89 1.27 6.68 20.10
C PHE B 89 0.18 6.56 21.17
N ASP B 90 0.19 7.47 22.14
CA ASP B 90 -0.86 7.59 23.13
C ASP B 90 -1.60 8.90 22.85
N LYS B 91 -2.51 8.86 21.86
CA LYS B 91 -3.15 10.08 21.40
C LYS B 91 -3.98 10.73 22.50
N ASN B 92 -4.61 9.93 23.35
CA ASN B 92 -5.53 10.43 24.35
C ASN B 92 -4.95 10.42 25.76
N GLY B 93 -3.69 10.03 25.93
CA GLY B 93 -3.07 10.06 27.24
C GLY B 93 -3.70 9.10 28.23
N VAL B 94 -4.13 7.94 27.76
CA VAL B 94 -4.66 6.90 28.63
C VAL B 94 -3.60 5.93 29.13
N CYS B 95 -2.32 6.22 28.88
CA CYS B 95 -1.28 5.22 29.04
C CYS B 95 0.07 5.84 29.40
N ILE B 96 0.09 7.06 29.91
CA ILE B 96 1.35 7.79 30.08
C ILE B 96 2.27 7.03 31.04
N ASP B 97 1.73 6.58 32.18
CA ASP B 97 2.57 5.95 33.20
C ASP B 97 3.29 4.73 32.65
N SER B 98 2.54 3.78 32.08
CA SER B 98 3.13 2.52 31.66
C SER B 98 4.16 2.72 30.55
N ILE B 99 3.89 3.64 29.62
CA ILE B 99 4.82 3.87 28.52
C ILE B 99 6.13 4.45 29.04
N LEU B 100 6.05 5.48 29.88
CA LEU B 100 7.26 6.07 30.44
C LEU B 100 8.06 5.02 31.21
N LYS B 101 7.38 4.15 31.95
CA LYS B 101 8.02 3.13 32.76
C LYS B 101 8.66 2.01 31.95
N LEU B 102 8.49 2.01 30.63
CA LEU B 102 9.23 1.09 29.78
C LEU B 102 10.68 1.51 29.63
N GLY B 103 11.04 2.73 30.06
CA GLY B 103 12.41 3.19 29.98
C GLY B 103 12.58 4.51 29.27
N PHE B 104 11.47 5.15 28.90
CA PHE B 104 11.52 6.40 28.17
C PHE B 104 11.57 7.60 29.11
N SER B 105 12.22 8.66 28.66
CA SER B 105 12.38 9.86 29.47
C SER B 105 11.24 10.85 29.31
N PHE B 106 10.50 10.78 28.21
CA PHE B 106 9.38 11.69 27.99
C PHE B 106 8.45 11.08 26.95
N ILE B 107 7.27 11.68 26.83
CA ILE B 107 6.29 11.28 25.83
C ILE B 107 5.55 12.52 25.36
N GLU B 108 5.10 12.47 24.10
CA GLU B 108 4.34 13.55 23.47
C GLU B 108 2.96 12.99 23.18
N ILE B 109 1.97 13.35 23.99
CA ILE B 109 0.61 12.88 23.74
C ILE B 109 -0.05 13.76 22.69
N GLY B 110 -1.15 13.25 22.12
CA GLY B 110 -1.78 13.87 20.96
C GLY B 110 -1.39 13.15 19.69
N THR B 111 -1.66 13.80 18.56
CA THR B 111 -2.22 15.15 18.50
C THR B 111 -3.69 15.20 18.89
N ILE B 112 -4.05 16.20 19.69
CA ILE B 112 -5.42 16.39 20.12
C ILE B 112 -6.02 17.57 19.37
N THR B 113 -7.34 17.61 19.32
CA THR B 113 -8.11 18.70 18.76
C THR B 113 -9.16 19.14 19.77
N PRO B 114 -9.69 20.36 19.63
CA PRO B 114 -10.67 20.84 20.62
C PRO B 114 -11.83 19.89 20.86
N ARG B 115 -12.44 19.38 19.81
CA ARG B 115 -13.55 18.43 19.93
C ARG B 115 -13.10 17.07 19.40
N GLY B 116 -13.65 16.02 20.01
CA GLY B 116 -13.27 14.67 19.62
C GLY B 116 -13.62 14.39 18.17
N GLN B 117 -12.82 13.53 17.56
CA GLN B 117 -13.00 13.18 16.16
C GLN B 117 -12.86 11.68 15.99
N THR B 118 -13.58 11.15 15.00
CA THR B 118 -13.45 9.74 14.67
C THR B 118 -12.19 9.46 13.87
N GLY B 119 -11.76 10.41 13.05
CA GLY B 119 -10.69 10.17 12.11
C GLY B 119 -11.24 9.56 10.82
N ASN B 120 -10.31 9.17 9.95
CA ASN B 120 -10.69 8.59 8.67
C ASN B 120 -11.15 7.14 8.86
N ALA B 121 -11.62 6.55 7.76
CA ALA B 121 -12.18 5.22 7.82
C ALA B 121 -11.09 4.18 8.03
N LYS B 122 -11.43 3.11 8.79
CA LYS B 122 -10.56 1.96 8.95
C LYS B 122 -10.73 1.01 7.76
N PRO B 123 -9.65 0.31 7.37
CA PRO B 123 -8.32 0.29 7.98
C PRO B 123 -7.50 1.51 7.55
N ARG B 124 -6.79 2.11 8.50
CA ARG B 124 -6.03 3.32 8.24
C ARG B 124 -4.59 3.23 8.72
N ILE B 125 -4.13 2.04 9.13
CA ILE B 125 -2.74 1.84 9.52
C ILE B 125 -2.28 0.52 8.92
N PHE B 126 -1.12 0.53 8.28
CA PHE B 126 -0.58 -0.65 7.61
C PHE B 126 0.92 -0.72 7.90
N ARG B 127 1.40 -1.95 8.08
CA ARG B 127 2.82 -2.21 8.33
C ARG B 127 3.43 -2.93 7.14
N ASP B 128 4.71 -2.65 6.91
CA ASP B 128 5.54 -3.43 5.97
C ASP B 128 6.73 -3.94 6.78
N VAL B 129 6.64 -5.18 7.25
CA VAL B 129 7.64 -5.70 8.18
C VAL B 129 9.00 -5.86 7.49
N GLU B 130 9.00 -6.20 6.20
CA GLU B 130 10.26 -6.38 5.50
C GLU B 130 11.11 -5.11 5.55
N SER B 131 10.49 -3.96 5.31
CA SER B 131 11.18 -2.68 5.31
C SER B 131 11.04 -1.93 6.62
N ARG B 132 10.42 -2.53 7.63
CA ARG B 132 10.23 -1.90 8.93
C ARG B 132 9.60 -0.52 8.78
N SER B 133 8.53 -0.46 8.00
CA SER B 133 7.88 0.80 7.67
C SER B 133 6.40 0.72 7.99
N ILE B 134 5.79 1.90 8.16
CA ILE B 134 4.37 2.02 8.45
C ILE B 134 3.81 3.14 7.59
N ILE B 135 2.55 2.99 7.20
CA ILE B 135 1.79 4.07 6.55
C ILE B 135 0.45 4.16 7.25
N ASN B 136 0.00 5.38 7.54
CA ASN B 136 -1.22 5.60 8.28
C ASN B 136 -2.04 6.73 7.69
N SER B 137 -3.36 6.62 7.84
CA SER B 137 -4.32 7.59 7.33
C SER B 137 -5.27 8.02 8.45
N CYS B 138 -4.76 8.12 9.68
CA CYS B 138 -5.63 8.24 10.84
C CYS B 138 -6.56 9.44 10.73
N GLY B 139 -5.99 10.63 10.66
CA GLY B 139 -6.80 11.83 10.57
C GLY B 139 -7.22 12.40 11.91
N PHE B 140 -6.26 12.47 12.85
CA PHE B 140 -6.48 13.10 14.15
C PHE B 140 -7.66 12.47 14.90
N ASN B 141 -7.64 11.14 15.01
CA ASN B 141 -8.60 10.46 15.87
C ASN B 141 -8.21 10.68 17.33
N ASN B 142 -9.08 11.32 18.11
CA ASN B 142 -8.79 11.56 19.51
C ASN B 142 -10.08 11.85 20.26
N MET B 143 -9.99 11.75 21.59
CA MET B 143 -11.17 11.92 22.44
C MET B 143 -11.61 13.38 22.54
N GLY B 144 -10.76 14.31 22.15
CA GLY B 144 -11.05 15.72 22.35
C GLY B 144 -10.26 16.32 23.49
N CYS B 145 -10.08 17.63 23.43
CA CYS B 145 -9.16 18.29 24.35
C CYS B 145 -9.64 18.18 25.80
N ASP B 146 -10.95 18.21 26.01
CA ASP B 146 -11.47 18.14 27.38
C ASP B 146 -11.18 16.78 28.00
N LYS B 147 -11.45 15.70 27.26
CA LYS B 147 -11.21 14.38 27.80
C LYS B 147 -9.73 14.13 28.05
N VAL B 148 -8.88 14.54 27.10
CA VAL B 148 -7.45 14.29 27.26
C VAL B 148 -6.88 15.14 28.38
N THR B 149 -7.44 16.34 28.61
CA THR B 149 -6.94 17.19 29.68
C THR B 149 -7.10 16.52 31.04
N GLU B 150 -8.26 15.93 31.31
CA GLU B 150 -8.42 15.24 32.58
C GLU B 150 -7.54 14.01 32.67
N ASN B 151 -7.32 13.31 31.55
CA ASN B 151 -6.40 12.18 31.56
C ASN B 151 -5.00 12.62 32.00
N LEU B 152 -4.54 13.77 31.49
CA LEU B 152 -3.22 14.26 31.87
C LEU B 152 -3.20 14.71 33.33
N ILE B 153 -4.27 15.35 33.78
CA ILE B 153 -4.34 15.79 35.17
C ILE B 153 -4.18 14.60 36.11
N LEU B 154 -4.91 13.53 35.85
CA LEU B 154 -4.79 12.33 36.69
C LEU B 154 -3.36 11.80 36.69
N PHE B 155 -2.70 11.84 35.53
CA PHE B 155 -1.30 11.43 35.51
C PHE B 155 -0.45 12.34 36.40
N ARG B 156 -0.67 13.66 36.30
CA ARG B 156 0.12 14.58 37.11
C ARG B 156 -0.11 14.35 38.59
N LYS B 157 -1.31 13.93 38.98
CA LYS B 157 -1.58 13.67 40.39
C LYS B 157 -0.90 12.38 40.85
N ARG B 158 -0.87 11.36 39.98
CA ARG B 158 -0.11 10.16 40.31
C ARG B 158 1.39 10.44 40.32
N GLN B 159 1.86 11.29 39.39
CA GLN B 159 3.28 11.61 39.32
C GLN B 159 3.78 12.24 40.61
N GLU B 160 2.92 12.95 41.33
CA GLU B 160 3.33 13.53 42.60
C GLU B 160 3.75 12.45 43.59
N GLU B 161 3.08 11.30 43.56
CA GLU B 161 3.30 10.24 44.54
C GLU B 161 4.29 9.18 44.08
N ASP B 162 4.62 9.14 42.79
CA ASP B 162 5.34 8.00 42.22
C ASP B 162 6.84 8.26 42.19
N LYS B 163 7.61 7.32 42.73
CA LYS B 163 9.06 7.43 42.74
C LYS B 163 9.62 7.44 41.32
N LEU B 164 9.02 6.66 40.42
CA LEU B 164 9.60 6.46 39.10
C LEU B 164 9.35 7.62 38.15
N LEU B 165 8.21 8.29 38.27
CA LEU B 165 7.80 9.30 37.30
C LEU B 165 8.27 10.71 37.66
N SER B 166 9.09 10.85 38.70
CA SER B 166 9.33 12.16 39.30
C SER B 166 9.86 13.17 38.28
N LYS B 167 10.82 12.77 37.45
CA LYS B 167 11.48 13.69 36.54
C LYS B 167 11.07 13.50 35.09
N HIS B 168 10.07 12.66 34.83
CA HIS B 168 9.65 12.41 33.45
C HIS B 168 8.86 13.60 32.90
N ILE B 169 9.01 13.81 31.60
CA ILE B 169 8.48 14.98 30.91
C ILE B 169 7.33 14.53 30.01
N VAL B 170 6.30 15.37 29.92
CA VAL B 170 5.14 15.08 29.09
C VAL B 170 4.82 16.31 28.25
N GLY B 171 4.84 16.15 26.93
CA GLY B 171 4.42 17.19 26.02
C GLY B 171 3.07 16.90 25.42
N VAL B 172 2.43 17.93 24.84
CA VAL B 172 1.11 17.80 24.26
C VAL B 172 1.17 18.33 22.84
N SER B 173 0.78 17.51 21.87
CA SER B 173 0.69 17.90 20.48
C SER B 173 -0.73 18.36 20.20
N ILE B 174 -0.87 19.54 19.60
CA ILE B 174 -2.16 20.15 19.34
C ILE B 174 -2.30 20.43 17.86
N GLY B 175 -3.49 20.17 17.33
CA GLY B 175 -3.83 20.41 15.94
C GLY B 175 -5.19 21.10 15.83
N LYS B 176 -5.86 20.85 14.71
CA LYS B 176 -7.14 21.47 14.43
C LYS B 176 -8.17 20.42 14.06
N ASN B 177 -9.44 20.74 14.33
CA ASN B 177 -10.52 19.86 13.96
C ASN B 177 -10.66 19.78 12.43
N LYS B 178 -11.42 18.80 11.98
CA LYS B 178 -11.50 18.44 10.57
C LYS B 178 -11.85 19.63 9.71
N ASP B 179 -12.96 20.30 10.00
CA ASP B 179 -13.46 21.36 9.13
C ASP B 179 -13.29 22.75 9.73
N THR B 180 -12.43 22.90 10.74
CA THR B 180 -12.19 24.21 11.30
C THR B 180 -11.51 25.10 10.26
N VAL B 181 -11.99 26.33 10.12
CA VAL B 181 -11.45 27.25 9.12
C VAL B 181 -10.04 27.65 9.54
N ASN B 182 -9.93 28.43 10.61
CA ASN B 182 -8.64 28.98 11.04
C ASN B 182 -8.04 28.12 12.14
N ILE B 183 -6.85 27.57 11.87
CA ILE B 183 -6.22 26.66 12.82
C ILE B 183 -5.94 27.34 14.14
N VAL B 184 -5.69 28.65 14.13
CA VAL B 184 -5.30 29.34 15.36
C VAL B 184 -6.40 29.24 16.41
N ASP B 185 -7.66 29.32 15.99
CA ASP B 185 -8.77 29.22 16.94
C ASP B 185 -8.71 27.90 17.70
N ASP B 186 -8.49 26.79 16.99
CA ASP B 186 -8.41 25.50 17.65
C ASP B 186 -7.18 25.42 18.56
N LEU B 187 -6.05 25.96 18.11
CA LEU B 187 -4.83 25.89 18.91
C LEU B 187 -5.00 26.62 20.23
N LYS B 188 -5.65 27.79 20.20
CA LYS B 188 -5.79 28.58 21.42
C LYS B 188 -6.72 27.92 22.42
N TYR B 189 -7.77 27.23 21.94
CA TYR B 189 -8.64 26.51 22.85
C TYR B 189 -7.88 25.40 23.57
N CYS B 190 -7.07 24.64 22.84
CA CYS B 190 -6.31 23.56 23.45
C CYS B 190 -5.35 24.09 24.50
N ILE B 191 -4.69 25.22 24.20
CA ILE B 191 -3.69 25.75 25.13
C ILE B 191 -4.35 26.21 26.42
N ASN B 192 -5.47 26.92 26.32
CA ASN B 192 -6.14 27.41 27.51
C ASN B 192 -6.72 26.27 28.35
N LYS B 193 -6.90 25.09 27.76
CA LYS B 193 -7.45 23.96 28.49
C LYS B 193 -6.37 23.08 29.10
N ILE B 194 -5.31 22.78 28.35
CA ILE B 194 -4.31 21.79 28.75
C ILE B 194 -2.92 22.38 28.97
N GLY B 195 -2.70 23.65 28.61
CA GLY B 195 -1.35 24.19 28.68
C GLY B 195 -0.72 24.10 30.05
N ARG B 196 -1.51 24.30 31.10
CA ARG B 196 -0.97 24.32 32.45
C ARG B 196 -0.40 22.98 32.89
N TYR B 197 -0.76 21.90 32.20
CA TYR B 197 -0.33 20.56 32.58
C TYR B 197 0.72 19.97 31.65
N ALA B 198 1.10 20.70 30.61
CA ALA B 198 2.10 20.24 29.65
C ALA B 198 3.46 20.84 29.98
N ASP B 199 4.51 20.05 29.75
CA ASP B 199 5.86 20.57 29.87
C ASP B 199 6.28 21.34 28.63
N TYR B 200 5.74 20.96 27.48
CA TYR B 200 5.92 21.73 26.25
C TYR B 200 4.73 21.47 25.35
N ILE B 201 4.54 22.37 24.38
CA ILE B 201 3.46 22.30 23.42
C ILE B 201 4.06 22.10 22.03
N ALA B 202 3.57 21.10 21.30
CA ALA B 202 4.02 20.81 19.94
C ALA B 202 2.95 21.25 18.95
N ILE B 203 3.30 22.22 18.12
CA ILE B 203 2.39 22.71 17.08
C ILE B 203 2.49 21.78 15.87
N ASN B 204 1.42 21.03 15.61
CA ASN B 204 1.41 20.07 14.51
C ASN B 204 0.83 20.75 13.27
N VAL B 205 1.71 21.16 12.35
CA VAL B 205 1.30 21.73 11.08
C VAL B 205 1.86 20.86 9.96
N SER B 206 2.07 19.57 10.23
CA SER B 206 2.76 18.70 9.29
C SER B 206 2.06 17.37 9.04
N SER B 207 0.92 17.11 9.67
CA SER B 207 0.19 15.88 9.38
C SER B 207 -0.22 15.88 7.91
N PRO B 208 0.02 14.78 7.18
CA PRO B 208 -0.45 14.70 5.79
C PRO B 208 -1.88 14.22 5.62
N ASN B 209 -2.59 13.91 6.71
CA ASN B 209 -3.92 13.31 6.64
C ASN B 209 -5.02 14.29 7.02
N THR B 210 -4.72 15.58 7.11
CA THR B 210 -5.72 16.63 7.30
C THR B 210 -5.57 17.61 6.16
N PRO B 211 -6.47 17.59 5.17
CA PRO B 211 -6.27 18.43 3.98
C PRO B 211 -5.96 19.89 4.35
N GLY B 212 -4.88 20.41 3.76
CA GLY B 212 -4.52 21.80 3.91
C GLY B 212 -3.64 22.12 5.11
N LEU B 213 -3.48 21.19 6.05
CA LEU B 213 -2.72 21.50 7.25
C LEU B 213 -1.29 21.89 6.91
N ARG B 214 -0.64 21.13 6.04
CA ARG B 214 0.77 21.37 5.75
C ARG B 214 1.00 22.72 5.08
N ASP B 215 -0.03 23.30 4.45
CA ASP B 215 0.11 24.64 3.90
C ASP B 215 0.28 25.70 4.98
N ASN B 216 0.05 25.35 6.24
CA ASN B 216 0.38 26.22 7.36
C ASN B 216 1.88 26.30 7.62
N GLN B 217 2.67 25.53 6.89
CA GLN B 217 4.13 25.67 6.94
C GLN B 217 4.63 26.82 6.06
N GLU B 218 3.72 27.50 5.37
CA GLU B 218 4.10 28.73 4.67
C GLU B 218 4.62 29.75 5.67
N ALA B 219 5.66 30.49 5.27
CA ALA B 219 6.36 31.37 6.21
C ALA B 219 5.40 32.31 6.92
N GLY B 220 4.59 33.04 6.17
CA GLY B 220 3.70 34.02 6.78
C GLY B 220 2.73 33.39 7.75
N LYS B 221 2.10 32.28 7.36
CA LYS B 221 1.13 31.62 8.23
C LYS B 221 1.82 31.02 9.45
N LEU B 222 2.96 30.36 9.25
CA LEU B 222 3.66 29.74 10.36
C LEU B 222 4.05 30.76 11.41
N LYS B 223 4.53 31.93 10.97
CA LYS B 223 4.91 32.97 11.92
C LYS B 223 3.71 33.41 12.76
N ASN B 224 2.57 33.65 12.10
CA ASN B 224 1.36 34.06 12.82
C ASN B 224 0.90 32.96 13.77
N ILE B 225 1.05 31.69 13.36
CA ILE B 225 0.66 30.58 14.23
C ILE B 225 1.55 30.52 15.46
N ILE B 226 2.87 30.58 15.25
CA ILE B 226 3.80 30.48 16.37
C ILE B 226 3.55 31.61 17.37
N LEU B 227 3.39 32.84 16.86
CA LEU B 227 3.25 33.99 17.74
C LEU B 227 1.95 33.94 18.52
N SER B 228 0.86 33.46 17.90
CA SER B 228 -0.40 33.35 18.63
C SER B 228 -0.35 32.25 19.69
N VAL B 229 0.39 31.17 19.42
CA VAL B 229 0.55 30.11 20.41
C VAL B 229 1.33 30.64 21.61
N LYS B 230 2.41 31.39 21.36
CA LYS B 230 3.20 31.95 22.46
C LYS B 230 2.40 32.98 23.24
N GLU B 231 1.59 33.77 22.54
CA GLU B 231 0.78 34.78 23.21
C GLU B 231 -0.23 34.13 24.16
N GLU B 232 -0.86 33.03 23.72
CA GLU B 232 -1.86 32.38 24.57
C GLU B 232 -1.22 31.73 25.78
N ILE B 233 -0.02 31.18 25.61
CA ILE B 233 0.68 30.57 26.75
C ILE B 233 1.09 31.65 27.75
N ASP B 234 1.66 32.75 27.25
CA ASP B 234 2.05 33.84 28.14
C ASP B 234 0.86 34.45 28.86
N ASN B 235 -0.34 34.31 28.31
CA ASN B 235 -1.55 34.84 28.92
C ASN B 235 -2.26 33.81 29.80
N LEU B 236 -1.70 32.60 29.93
CA LEU B 236 -2.31 31.62 30.82
C LEU B 236 -2.24 32.10 32.27
N GLU B 237 -1.16 32.80 32.63
CA GLU B 237 -1.04 33.30 34.00
C GLU B 237 -2.04 34.42 34.26
N LYS B 238 -2.23 35.31 33.29
CA LYS B 238 -3.18 36.40 33.45
C LYS B 238 -4.59 35.86 33.68
N ASN B 239 -5.02 34.92 32.83
CA ASN B 239 -6.36 34.35 32.94
C ASN B 239 -6.53 33.43 34.13
N ASN B 240 -5.47 33.17 34.89
CA ASN B 240 -5.56 32.32 36.07
C ASN B 240 -6.14 33.10 37.25
N PHE B 246 1.41 26.19 41.87
CA PHE B 246 -0.03 26.07 41.63
C PHE B 246 -0.34 26.21 40.14
N LEU B 247 0.14 27.30 39.53
CA LEU B 247 -0.20 27.58 38.14
C LEU B 247 0.26 26.44 37.23
N TRP B 248 1.55 26.12 37.26
CA TRP B 248 2.12 25.12 36.35
C TRP B 248 2.13 23.76 37.06
N PHE B 249 1.10 22.97 36.82
CA PHE B 249 0.99 21.62 37.39
C PHE B 249 1.60 20.62 36.39
N ASN B 250 2.92 20.74 36.23
CA ASN B 250 3.67 19.92 35.29
C ASN B 250 5.00 19.56 35.96
N THR B 251 5.94 19.04 35.15
CA THR B 251 7.22 18.63 35.71
C THR B 251 8.15 19.81 35.94
N THR B 252 8.21 20.73 34.96
CA THR B 252 9.13 21.86 35.05
C THR B 252 8.68 22.93 36.04
N LYS B 253 7.40 22.94 36.41
CA LYS B 253 6.85 24.01 37.24
C LYS B 253 7.01 25.37 36.56
N LYS B 254 7.08 25.36 35.23
CA LYS B 254 7.22 26.58 34.44
C LYS B 254 6.28 26.48 33.25
N LYS B 255 6.04 27.62 32.60
CA LYS B 255 5.17 27.63 31.44
C LYS B 255 5.76 26.73 30.34
N PRO B 256 4.91 26.06 29.58
CA PRO B 256 5.42 25.08 28.62
C PRO B 256 6.20 25.74 27.49
N LEU B 257 7.23 25.04 27.03
CA LEU B 257 7.96 25.45 25.84
C LEU B 257 7.10 25.18 24.60
N VAL B 258 7.45 25.85 23.51
CA VAL B 258 6.72 25.71 22.25
C VAL B 258 7.67 25.10 21.22
N PHE B 259 7.29 23.95 20.68
CA PHE B 259 7.97 23.33 19.55
C PHE B 259 7.06 23.35 18.34
N VAL B 260 7.65 23.16 17.16
CA VAL B 260 6.91 23.01 15.91
C VAL B 260 7.37 21.72 15.24
N LYS B 261 6.42 20.90 14.82
CA LYS B 261 6.70 19.67 14.10
C LYS B 261 6.56 19.92 12.61
N LEU B 262 7.61 19.63 11.85
CA LEU B 262 7.69 19.96 10.44
C LEU B 262 7.59 18.70 9.60
N ALA B 263 7.02 18.84 8.39
CA ALA B 263 6.97 17.77 7.43
C ALA B 263 8.25 17.73 6.61
N PRO B 264 8.71 16.53 6.22
CA PRO B 264 9.96 16.46 5.44
C PRO B 264 9.77 16.75 3.96
N ASP B 265 8.53 16.94 3.50
CA ASP B 265 8.26 17.12 2.07
C ASP B 265 8.25 18.62 1.75
N LEU B 266 9.45 19.20 1.74
CA LEU B 266 9.64 20.61 1.46
C LEU B 266 10.83 20.79 0.53
N ASN B 267 10.81 21.86 -0.26
CA ASN B 267 11.96 22.23 -1.05
C ASN B 267 12.89 23.14 -0.24
N GLN B 268 14.10 23.35 -0.76
CA GLN B 268 15.11 24.07 0.00
C GLN B 268 14.65 25.49 0.33
N GLU B 269 14.00 26.16 -0.61
CA GLU B 269 13.54 27.52 -0.35
C GLU B 269 12.51 27.54 0.77
N GLN B 270 11.59 26.58 0.78
CA GLN B 270 10.61 26.50 1.86
C GLN B 270 11.30 26.28 3.21
N LYS B 271 12.35 25.45 3.22
CA LYS B 271 13.04 25.16 4.47
C LYS B 271 13.77 26.40 4.99
N LYS B 272 14.35 27.19 4.09
CA LYS B 272 15.06 28.38 4.53
C LYS B 272 14.10 29.44 5.06
N GLU B 273 12.95 29.62 4.39
CA GLU B 273 11.96 30.58 4.89
C GLU B 273 11.42 30.16 6.25
N ILE B 274 11.17 28.86 6.43
CA ILE B 274 10.72 28.37 7.74
C ILE B 274 11.81 28.65 8.78
N ALA B 275 13.07 28.36 8.43
CA ALA B 275 14.16 28.55 9.37
C ALA B 275 14.19 30.00 9.87
N ASP B 276 14.10 30.96 8.95
CA ASP B 276 14.12 32.36 9.35
C ASP B 276 12.92 32.70 10.25
N VAL B 277 11.77 32.06 10.02
CA VAL B 277 10.61 32.31 10.86
C VAL B 277 10.83 31.74 12.25
N LEU B 278 11.44 30.55 12.34
CA LEU B 278 11.71 29.97 13.65
C LEU B 278 12.71 30.81 14.42
N LEU B 279 13.71 31.38 13.73
CA LEU B 279 14.64 32.27 14.40
C LEU B 279 13.97 33.58 14.80
N GLU B 280 13.10 34.12 13.94
CA GLU B 280 12.47 35.39 14.24
C GLU B 280 11.51 35.29 15.42
N THR B 281 10.82 34.15 15.56
CA THR B 281 9.82 33.98 16.59
C THR B 281 10.40 33.42 17.89
N ASN B 282 11.69 33.12 17.92
CA ASN B 282 12.34 32.58 19.12
C ASN B 282 11.63 31.33 19.63
N ILE B 283 11.31 30.44 18.69
CA ILE B 283 10.69 29.17 19.05
C ILE B 283 11.70 28.33 19.83
N ASP B 284 11.20 27.52 20.77
CA ASP B 284 12.07 26.81 21.69
C ASP B 284 12.68 25.55 21.08
N GLY B 285 12.08 25.00 20.04
CA GLY B 285 12.63 23.82 19.39
C GLY B 285 11.76 23.41 18.23
N MET B 286 12.31 22.50 17.42
CA MET B 286 11.61 21.99 16.25
C MET B 286 11.73 20.47 16.23
N ILE B 287 10.63 19.81 15.90
CA ILE B 287 10.56 18.36 15.83
C ILE B 287 10.70 17.96 14.37
N ILE B 288 11.80 17.29 14.03
CA ILE B 288 12.14 16.89 12.68
C ILE B 288 12.25 15.37 12.69
N SER B 289 11.28 14.67 12.10
CA SER B 289 10.17 15.24 11.36
C SER B 289 8.93 14.33 11.41
N ASN B 290 7.87 14.74 10.72
CA ASN B 290 6.64 13.97 10.63
C ASN B 290 6.78 12.93 9.51
N THR B 291 5.70 12.23 9.21
CA THR B 291 5.70 11.24 8.15
C THR B 291 5.88 11.92 6.78
N THR B 292 6.19 11.10 5.78
CA THR B 292 6.50 11.58 4.45
C THR B 292 5.54 11.00 3.43
N THR B 293 5.35 11.75 2.34
CA THR B 293 4.52 11.30 1.23
C THR B 293 5.34 11.01 -0.02
N GLN B 294 6.66 11.14 0.04
CA GLN B 294 7.51 10.99 -1.13
C GLN B 294 8.11 9.59 -1.26
N ILE B 295 7.68 8.64 -0.43
CA ILE B 295 8.14 7.26 -0.50
C ILE B 295 7.05 6.46 -1.19
N ASN B 296 7.35 5.92 -2.38
CA ASN B 296 6.37 5.17 -3.15
C ASN B 296 7.00 3.98 -3.85
N ASP B 297 8.03 3.38 -3.24
CA ASP B 297 8.66 2.17 -3.75
C ASP B 297 8.39 0.97 -2.86
N ILE B 298 7.48 1.08 -1.90
CA ILE B 298 7.09 -0.03 -1.03
C ILE B 298 5.90 -0.72 -1.70
N LYS B 299 6.14 -1.94 -2.20
CA LYS B 299 5.13 -2.63 -2.99
C LYS B 299 3.82 -2.78 -2.21
N SER B 300 3.90 -3.20 -0.95
CA SER B 300 2.70 -3.46 -0.17
C SER B 300 1.94 -2.18 0.18
N PHE B 301 2.52 -1.01 -0.03
CA PHE B 301 1.86 0.26 0.28
C PHE B 301 1.29 0.95 -0.96
N GLU B 302 1.46 0.36 -2.16
CA GLU B 302 1.00 1.02 -3.38
C GLU B 302 -0.51 1.24 -3.38
N ASN B 303 -1.23 0.47 -2.57
CA ASN B 303 -2.68 0.52 -2.44
C ASN B 303 -3.18 1.45 -1.34
N LYS B 304 -2.30 2.01 -0.53
CA LYS B 304 -2.71 2.71 0.66
C LYS B 304 -2.32 4.17 0.59
N LYS B 305 -3.03 4.98 1.36
CA LYS B 305 -2.85 6.41 1.43
C LYS B 305 -2.26 6.80 2.78
N GLY B 306 -1.68 8.00 2.82
CA GLY B 306 -1.18 8.57 4.06
C GLY B 306 0.32 8.76 4.02
N GLY B 307 0.87 9.04 5.20
CA GLY B 307 2.29 9.27 5.36
C GLY B 307 3.03 8.05 5.87
N VAL B 308 4.28 7.92 5.43
CA VAL B 308 5.10 6.73 5.70
C VAL B 308 6.02 7.01 6.87
N SER B 309 6.16 6.04 7.75
CA SER B 309 7.07 6.08 8.88
C SER B 309 8.06 4.92 8.78
N GLY B 310 9.09 4.98 9.61
CA GLY B 310 9.96 3.84 9.78
C GLY B 310 11.32 3.94 9.13
N ALA B 311 11.87 2.79 8.73
CA ALA B 311 13.27 2.73 8.30
C ALA B 311 13.50 3.52 7.02
N LYS B 312 12.54 3.50 6.09
CA LYS B 312 12.73 4.18 4.81
C LYS B 312 12.59 5.69 4.91
N LEU B 313 12.22 6.22 6.08
CA LEU B 313 12.23 7.65 6.32
C LEU B 313 13.48 8.12 7.05
N LYS B 314 14.28 7.19 7.58
CA LYS B 314 15.44 7.57 8.38
C LYS B 314 16.33 8.56 7.63
N ASP B 315 16.82 8.16 6.45
CA ASP B 315 17.76 9.01 5.72
C ASP B 315 17.14 10.35 5.36
N ILE B 316 15.87 10.35 4.96
CA ILE B 316 15.18 11.60 4.65
C ILE B 316 15.16 12.51 5.87
N SER B 317 14.82 11.94 7.03
CA SER B 317 14.70 12.73 8.26
C SER B 317 16.05 13.26 8.72
N THR B 318 17.10 12.44 8.64
CA THR B 318 18.41 12.87 9.11
C THR B 318 18.96 13.98 8.23
N LYS B 319 18.84 13.86 6.90
CA LYS B 319 19.24 14.94 6.02
C LYS B 319 18.48 16.23 6.35
N PHE B 320 17.18 16.12 6.62
CA PHE B 320 16.39 17.29 6.98
C PHE B 320 16.92 17.94 8.26
N ILE B 321 17.39 17.12 9.21
CA ILE B 321 17.94 17.67 10.45
C ILE B 321 19.18 18.50 10.16
N CYS B 322 20.12 17.93 9.39
CA CYS B 322 21.33 18.67 9.05
C CYS B 322 21.00 20.00 8.39
N GLU B 323 20.04 19.98 7.45
CA GLU B 323 19.70 21.20 6.72
C GLU B 323 19.19 22.27 7.67
N MET B 324 18.24 21.92 8.55
CA MET B 324 17.66 22.92 9.43
C MET B 324 18.65 23.34 10.51
N TYR B 325 19.48 22.42 10.98
CA TYR B 325 20.54 22.77 11.93
C TYR B 325 21.42 23.89 11.39
N ASN B 326 21.78 23.79 10.10
CA ASN B 326 22.61 24.82 9.49
C ASN B 326 21.80 26.08 9.18
N TYR B 327 20.56 25.91 8.72
CA TYR B 327 19.74 27.07 8.37
C TYR B 327 19.40 27.91 9.58
N THR B 328 19.19 27.29 10.74
CA THR B 328 18.95 28.02 11.98
C THR B 328 20.25 28.35 12.72
N ASN B 329 21.40 28.09 12.10
CA ASN B 329 22.70 28.40 12.70
C ASN B 329 22.84 27.79 14.09
N LYS B 330 22.27 26.59 14.25
CA LYS B 330 22.42 25.80 15.47
C LYS B 330 21.83 26.48 16.70
N GLN B 331 20.87 27.39 16.50
CA GLN B 331 20.27 28.12 17.61
C GLN B 331 18.93 27.56 18.06
N ILE B 332 18.36 26.64 17.32
CA ILE B 332 17.03 26.08 17.63
C ILE B 332 17.23 24.59 17.98
N PRO B 333 17.04 24.19 19.23
CA PRO B 333 17.17 22.76 19.56
C PRO B 333 16.24 21.91 18.71
N ILE B 334 16.68 20.69 18.44
CA ILE B 334 15.99 19.79 17.52
C ILE B 334 15.59 18.52 18.27
N ILE B 335 14.35 18.08 18.05
CA ILE B 335 13.87 16.78 18.50
C ILE B 335 13.81 15.88 17.27
N ALA B 336 14.55 14.77 17.30
CA ALA B 336 14.65 13.89 16.15
C ALA B 336 13.51 12.89 16.12
N SER B 337 12.97 12.64 14.93
CA SER B 337 11.89 11.69 14.76
C SER B 337 11.95 11.15 13.33
N GLY B 338 12.11 9.84 13.20
CA GLY B 338 12.09 9.23 11.88
C GLY B 338 13.08 8.09 11.71
N GLY B 339 12.58 6.86 11.74
CA GLY B 339 13.41 5.71 11.43
C GLY B 339 14.49 5.39 12.45
N ILE B 340 14.27 5.75 13.71
CA ILE B 340 15.24 5.47 14.76
C ILE B 340 14.92 4.10 15.35
N PHE B 341 15.80 3.13 15.11
CA PHE B 341 15.63 1.77 15.61
C PHE B 341 16.76 1.29 16.50
N SER B 342 17.97 1.83 16.34
CA SER B 342 19.15 1.34 17.03
C SER B 342 19.92 2.52 17.63
N GLY B 343 20.88 2.19 18.49
CA GLY B 343 21.74 3.22 19.04
C GLY B 343 22.52 3.96 17.98
N LEU B 344 22.91 3.25 16.91
CA LEU B 344 23.59 3.91 15.79
C LEU B 344 22.65 4.89 15.11
N ASP B 345 21.41 4.50 14.84
CA ASP B 345 20.45 5.43 14.27
C ASP B 345 20.31 6.66 15.15
N ALA B 346 20.26 6.47 16.46
CA ALA B 346 20.08 7.61 17.37
C ALA B 346 21.30 8.53 17.33
N LEU B 347 22.51 7.95 17.38
CA LEU B 347 23.71 8.78 17.35
C LEU B 347 23.82 9.55 16.04
N GLU B 348 23.38 8.96 14.93
CA GLU B 348 23.35 9.68 13.66
C GLU B 348 22.50 10.94 13.77
N LYS B 349 21.30 10.81 14.37
CA LYS B 349 20.45 11.99 14.56
C LYS B 349 21.13 13.02 15.46
N ILE B 350 21.75 12.56 16.55
CA ILE B 350 22.43 13.47 17.47
C ILE B 350 23.53 14.23 16.75
N GLU B 351 24.42 13.50 16.08
CA GLU B 351 25.52 14.16 15.38
C GLU B 351 25.03 15.05 14.25
N ALA B 352 23.82 14.81 13.75
CA ALA B 352 23.25 15.69 12.73
C ALA B 352 22.76 17.00 13.31
N GLY B 353 22.47 17.05 14.61
CA GLY B 353 22.04 18.28 15.23
C GLY B 353 20.93 18.14 16.27
N ALA B 354 20.47 16.91 16.49
CA ALA B 354 19.38 16.68 17.42
C ALA B 354 19.89 16.57 18.86
N SER B 355 19.13 17.12 19.80
CA SER B 355 19.43 17.02 21.21
C SER B 355 18.72 15.86 21.89
N VAL B 356 17.63 15.36 21.30
CA VAL B 356 16.84 14.28 21.87
C VAL B 356 16.17 13.54 20.71
N CYS B 357 15.75 12.30 20.99
CA CYS B 357 15.13 11.45 19.99
C CYS B 357 13.76 10.97 20.45
N GLN B 358 12.86 10.79 19.48
CA GLN B 358 11.55 10.19 19.73
C GLN B 358 11.41 8.92 18.88
N LEU B 359 10.84 7.89 19.48
CA LEU B 359 10.62 6.62 18.80
C LEU B 359 9.12 6.41 18.58
N TYR B 360 8.80 5.74 17.47
CA TYR B 360 7.45 5.26 17.22
C TYR B 360 7.52 3.88 16.58
N SER B 361 7.97 3.84 15.32
CA SER B 361 8.09 2.56 14.62
C SER B 361 8.94 1.56 15.38
N CYS B 362 9.94 2.04 16.15
CA CYS B 362 10.77 1.13 16.91
C CYS B 362 9.95 0.27 17.86
N LEU B 363 8.97 0.89 18.55
CA LEU B 363 8.13 0.13 19.46
C LEU B 363 7.24 -0.85 18.72
N VAL B 364 6.85 -0.52 17.49
CA VAL B 364 5.97 -1.40 16.74
C VAL B 364 6.70 -2.67 16.33
N PHE B 365 7.97 -2.55 15.93
CA PHE B 365 8.70 -3.67 15.36
C PHE B 365 9.65 -4.34 16.35
N ASN B 366 10.07 -3.64 17.41
CA ASN B 366 10.95 -4.23 18.42
C ASN B 366 10.26 -4.52 19.74
N GLY B 367 9.15 -3.86 20.03
CA GLY B 367 8.33 -4.22 21.17
C GLY B 367 8.72 -3.57 22.47
N MET B 368 8.52 -4.29 23.59
CA MET B 368 8.69 -3.71 24.91
C MET B 368 10.15 -3.43 25.25
N LYS B 369 11.09 -4.13 24.60
CA LYS B 369 12.51 -3.95 24.88
C LYS B 369 13.10 -2.71 24.23
N SER B 370 12.28 -1.91 23.54
CA SER B 370 12.83 -0.85 22.69
C SER B 370 13.68 0.13 23.49
N ALA B 371 13.14 0.66 24.59
CA ALA B 371 13.87 1.69 25.34
C ALA B 371 15.11 1.10 25.99
N VAL B 372 14.96 -0.03 26.68
CA VAL B 372 16.11 -0.64 27.35
C VAL B 372 17.22 -0.95 26.36
N GLN B 373 16.88 -1.53 25.21
CA GLN B 373 17.91 -1.97 24.28
C GLN B 373 18.61 -0.78 23.63
N ILE B 374 17.83 0.22 23.18
CA ILE B 374 18.44 1.32 22.46
C ILE B 374 19.33 2.15 23.39
N LYS B 375 18.90 2.32 24.65
CA LYS B 375 19.72 3.06 25.60
C LYS B 375 21.06 2.38 25.83
N ARG B 376 21.06 1.05 25.95
CA ARG B 376 22.32 0.32 26.07
C ARG B 376 23.16 0.49 24.82
N GLU B 377 22.54 0.38 23.64
CA GLU B 377 23.29 0.49 22.40
C GLU B 377 23.95 1.85 22.27
N LEU B 378 23.25 2.91 22.65
CA LEU B 378 23.81 4.25 22.54
C LEU B 378 24.96 4.44 23.53
N ASN B 379 24.78 3.97 24.78
CA ASN B 379 25.84 4.10 25.76
C ASN B 379 27.13 3.41 25.28
N HIS B 380 26.99 2.20 24.72
CA HIS B 380 28.17 1.51 24.19
C HIS B 380 28.78 2.30 23.04
N LEU B 381 27.93 2.90 22.18
CA LEU B 381 28.42 3.61 21.02
C LEU B 381 29.14 4.89 21.43
N LEU B 382 28.58 5.64 22.38
CA LEU B 382 29.25 6.84 22.86
C LEU B 382 30.64 6.51 23.38
N TYR B 383 30.76 5.43 24.14
CA TYR B 383 32.08 5.01 24.61
C TYR B 383 32.99 4.62 23.45
N GLN B 384 32.46 3.86 22.49
CA GLN B 384 33.28 3.41 21.38
C GLN B 384 33.74 4.57 20.51
N ARG B 385 32.94 5.62 20.40
CA ARG B 385 33.29 6.78 19.58
C ARG B 385 34.12 7.82 20.34
N GLY B 386 34.38 7.60 21.62
CA GLY B 386 35.24 8.48 22.38
C GLY B 386 34.56 9.66 23.04
N TYR B 387 33.23 9.74 22.97
CA TYR B 387 32.52 10.85 23.60
C TYR B 387 32.53 10.68 25.12
N TYR B 388 32.71 11.79 25.83
CA TYR B 388 32.56 11.75 27.28
C TYR B 388 31.09 11.70 27.70
N ASN B 389 30.21 12.34 26.92
CA ASN B 389 28.78 12.28 27.17
C ASN B 389 28.05 12.57 25.87
N LEU B 390 26.72 12.49 25.92
CA LEU B 390 25.93 12.70 24.71
C LEU B 390 25.98 14.14 24.24
N LYS B 391 25.88 15.10 25.17
CA LYS B 391 25.84 16.50 24.80
C LYS B 391 27.00 16.89 23.91
N GLU B 392 28.16 16.26 24.08
CA GLU B 392 29.32 16.60 23.26
C GLU B 392 29.22 16.06 21.85
N ALA B 393 28.27 15.16 21.58
CA ALA B 393 28.08 14.65 20.23
C ALA B 393 27.09 15.47 19.41
N ILE B 394 26.31 16.35 20.05
CA ILE B 394 25.24 17.05 19.35
C ILE B 394 25.85 17.93 18.26
N GLY B 395 25.50 17.65 17.01
CA GLY B 395 25.96 18.46 15.91
C GLY B 395 27.38 18.23 15.47
N ARG B 396 28.07 17.24 16.05
CA ARG B 396 29.49 17.07 15.75
C ARG B 396 29.75 16.73 14.29
N LYS B 397 28.73 16.28 13.56
CA LYS B 397 28.91 16.01 12.14
C LYS B 397 29.32 17.26 11.37
N HIS B 398 29.09 18.44 11.92
CA HIS B 398 29.40 19.70 11.24
C HIS B 398 30.67 20.35 11.80
N PRO C 25 -21.41 -27.44 27.47
CA PRO C 25 -21.02 -26.23 26.73
C PRO C 25 -21.55 -24.94 27.36
N GLU C 26 -22.36 -25.09 28.42
CA GLU C 26 -22.84 -23.95 29.18
C GLU C 26 -21.85 -23.50 30.25
N PHE C 27 -20.57 -23.83 30.09
CA PHE C 27 -19.56 -23.45 31.08
C PHE C 27 -19.60 -21.95 31.32
N PHE C 28 -19.65 -21.57 32.61
CA PHE C 28 -19.83 -20.17 32.96
C PHE C 28 -18.70 -19.31 32.37
N LEU C 29 -17.47 -19.83 32.38
CA LEU C 29 -16.32 -19.00 32.04
C LEU C 29 -16.24 -18.69 30.54
N TYR C 30 -16.95 -19.44 29.70
CA TYR C 30 -16.96 -19.13 28.28
C TYR C 30 -17.96 -18.03 27.96
N ASP C 31 -19.08 -17.97 28.68
CA ASP C 31 -20.06 -16.92 28.42
C ASP C 31 -19.52 -15.55 28.77
N ILE C 32 -18.73 -15.45 29.84
CA ILE C 32 -18.24 -14.15 30.27
C ILE C 32 -17.22 -13.60 29.28
N PHE C 33 -16.41 -14.47 28.66
CA PHE C 33 -15.53 -14.01 27.60
C PHE C 33 -16.34 -13.47 26.44
N LEU C 34 -17.47 -14.12 26.12
CA LEU C 34 -18.27 -13.72 24.98
C LEU C 34 -18.72 -12.27 25.10
N LYS C 35 -19.22 -11.85 26.27
CA LYS C 35 -19.66 -10.48 26.40
C LYS C 35 -18.49 -9.53 26.21
N PHE C 36 -17.35 -9.86 26.84
CA PHE C 36 -16.16 -9.04 26.62
C PHE C 36 -15.77 -9.05 25.13
N CYS C 37 -15.91 -10.20 24.47
CA CYS C 37 -15.54 -10.30 23.06
C CYS C 37 -16.46 -9.46 22.18
N LEU C 38 -17.77 -9.50 22.44
CA LEU C 38 -18.71 -8.81 21.58
C LEU C 38 -18.64 -7.30 21.69
N LYS C 39 -18.02 -6.78 22.75
CA LYS C 39 -17.98 -5.34 22.98
C LYS C 39 -16.71 -4.68 22.47
N TYR C 40 -15.56 -5.32 22.59
CA TYR C 40 -14.30 -4.66 22.32
C TYR C 40 -13.44 -5.33 21.25
N ILE C 41 -13.58 -6.63 21.04
CA ILE C 41 -12.65 -7.38 20.21
C ILE C 41 -13.22 -7.49 18.80
N ASP C 42 -12.34 -7.31 17.80
CA ASP C 42 -12.72 -7.40 16.40
C ASP C 42 -13.40 -8.72 16.11
N GLY C 43 -14.37 -8.68 15.20
CA GLY C 43 -15.18 -9.85 14.93
C GLY C 43 -14.36 -11.03 14.41
N GLU C 44 -13.51 -10.77 13.43
CA GLU C 44 -12.75 -11.86 12.83
C GLU C 44 -11.70 -12.41 13.79
N ILE C 45 -11.14 -11.56 14.66
CA ILE C 45 -10.23 -12.05 15.68
C ILE C 45 -10.95 -12.99 16.63
N CYS C 46 -12.16 -12.60 17.06
CA CYS C 46 -12.96 -13.47 17.90
C CYS C 46 -13.18 -14.83 17.25
N HIS C 47 -13.49 -14.82 15.95
CA HIS C 47 -13.75 -16.08 15.25
C HIS C 47 -12.49 -16.92 15.15
N ASP C 48 -11.35 -16.30 14.80
CA ASP C 48 -10.11 -17.06 14.65
C ASP C 48 -9.66 -17.63 15.99
N LEU C 49 -9.88 -16.89 17.09
CA LEU C 49 -9.56 -17.42 18.40
C LEU C 49 -10.48 -18.59 18.75
N PHE C 50 -11.76 -18.48 18.40
CA PHE C 50 -12.67 -19.61 18.55
C PHE C 50 -12.12 -20.84 17.83
N LEU C 51 -11.72 -20.67 16.58
CA LEU C 51 -11.15 -21.78 15.82
C LEU C 51 -9.85 -22.26 16.44
N LEU C 52 -9.07 -21.36 17.03
CA LEU C 52 -7.83 -21.77 17.68
C LEU C 52 -8.11 -22.69 18.86
N LEU C 53 -9.05 -22.30 19.73
CA LEU C 53 -9.42 -23.17 20.85
C LEU C 53 -9.94 -24.51 20.36
N GLY C 54 -10.76 -24.49 19.30
CA GLY C 54 -11.29 -25.73 18.77
C GLY C 54 -10.19 -26.64 18.25
N LYS C 55 -9.23 -26.09 17.52
CA LYS C 55 -8.16 -26.93 16.99
C LYS C 55 -7.34 -27.54 18.12
N TYR C 56 -7.12 -26.79 19.21
CA TYR C 56 -6.40 -27.32 20.35
C TYR C 56 -7.28 -28.12 21.30
N ASN C 57 -8.55 -28.31 20.93
CA ASN C 57 -9.43 -29.24 21.63
C ASN C 57 -9.58 -28.91 23.11
N ILE C 58 -9.76 -27.63 23.41
CA ILE C 58 -10.06 -27.21 24.77
C ILE C 58 -11.44 -26.56 24.87
N LEU C 59 -12.29 -26.79 23.88
CA LEU C 59 -13.68 -26.38 23.96
C LEU C 59 -14.50 -27.43 24.67
N PRO C 60 -15.63 -27.06 25.26
CA PRO C 60 -16.43 -28.04 26.02
C PRO C 60 -17.12 -29.04 25.11
N TYR C 61 -17.43 -30.18 25.70
CA TYR C 61 -18.07 -31.29 25.00
C TYR C 61 -19.51 -31.45 25.47
N ASP C 62 -20.40 -31.79 24.54
CA ASP C 62 -21.77 -32.21 24.86
C ASP C 62 -21.83 -33.73 24.72
N THR C 63 -21.70 -34.43 25.85
CA THR C 63 -21.68 -35.89 25.85
C THR C 63 -23.06 -36.48 26.11
N SER C 64 -24.11 -35.68 26.10
CA SER C 64 -25.45 -36.15 26.37
C SER C 64 -26.04 -36.84 25.14
N ASN C 65 -26.91 -37.82 25.39
CA ASN C 65 -27.64 -38.47 24.31
C ASN C 65 -28.77 -37.56 23.83
N ASP C 66 -28.79 -37.29 22.54
CA ASP C 66 -29.85 -36.46 21.97
C ASP C 66 -31.15 -37.25 21.91
N SER C 67 -32.27 -36.53 21.97
CA SER C 67 -33.57 -37.17 21.93
C SER C 67 -33.78 -37.87 20.61
N ILE C 68 -34.29 -39.11 20.67
CA ILE C 68 -34.55 -39.86 19.46
C ILE C 68 -35.70 -39.28 18.66
N TYR C 69 -36.58 -38.51 19.31
CA TYR C 69 -37.74 -37.91 18.64
C TYR C 69 -37.41 -36.59 17.97
N ALA C 70 -36.18 -36.09 18.13
CA ALA C 70 -35.71 -34.91 17.43
C ALA C 70 -34.75 -35.26 16.29
N CYS C 71 -34.65 -36.54 15.94
CA CYS C 71 -33.88 -36.96 14.79
C CYS C 71 -34.58 -36.52 13.50
N THR C 72 -33.80 -36.47 12.42
CA THR C 72 -34.34 -36.08 11.12
C THR C 72 -33.41 -36.66 10.04
N ASN C 73 -33.80 -36.49 8.79
CA ASN C 73 -33.03 -37.05 7.70
C ASN C 73 -33.32 -36.29 6.41
N ILE C 74 -32.36 -36.37 5.50
CA ILE C 74 -32.51 -35.90 4.12
C ILE C 74 -32.08 -37.06 3.25
N LYS C 75 -33.05 -37.74 2.63
CA LYS C 75 -32.80 -39.00 1.92
C LYS C 75 -32.09 -39.92 2.91
N HIS C 76 -30.93 -40.50 2.56
CA HIS C 76 -30.28 -41.45 3.45
C HIS C 76 -29.39 -40.79 4.50
N LEU C 77 -29.29 -39.47 4.53
CA LEU C 77 -28.53 -38.77 5.56
C LEU C 77 -29.33 -38.77 6.86
N ASP C 78 -28.80 -39.42 7.88
CA ASP C 78 -29.48 -39.53 9.18
C ASP C 78 -28.80 -38.59 10.17
N PHE C 79 -29.47 -37.49 10.49
CA PHE C 79 -28.96 -36.53 11.46
C PHE C 79 -29.41 -36.93 12.86
N ILE C 80 -28.46 -37.06 13.79
CA ILE C 80 -28.80 -37.45 15.16
C ILE C 80 -29.60 -36.34 15.85
N ASN C 81 -29.42 -35.09 15.42
CA ASN C 81 -30.25 -33.99 15.85
C ASN C 81 -30.32 -33.00 14.70
N PRO C 82 -31.24 -32.02 14.78
CA PRO C 82 -31.55 -31.25 13.56
C PRO C 82 -30.73 -29.99 13.39
N PHE C 83 -29.60 -29.87 14.10
CA PHE C 83 -28.84 -28.63 14.11
C PHE C 83 -27.41 -28.87 13.65
N GLY C 84 -27.00 -28.11 12.63
CA GLY C 84 -25.62 -28.12 12.17
C GLY C 84 -25.05 -26.71 12.11
N VAL C 85 -23.79 -26.64 11.73
CA VAL C 85 -23.10 -25.37 11.57
C VAL C 85 -22.99 -25.07 10.09
N ALA C 86 -23.41 -23.87 9.70
CA ALA C 86 -23.47 -23.49 8.29
C ALA C 86 -22.06 -23.28 7.72
N ALA C 87 -22.00 -23.25 6.40
CA ALA C 87 -20.74 -22.98 5.71
C ALA C 87 -20.18 -21.62 6.13
N GLY C 88 -18.86 -21.48 6.00
CA GLY C 88 -18.20 -20.24 6.34
C GLY C 88 -17.70 -20.15 7.78
N PHE C 89 -18.16 -21.05 8.66
CA PHE C 89 -17.68 -21.01 10.05
C PHE C 89 -16.29 -21.63 10.17
N ASP C 90 -16.14 -22.87 9.68
CA ASP C 90 -14.83 -23.53 9.59
C ASP C 90 -14.51 -23.68 8.10
N LYS C 91 -14.11 -22.56 7.48
CA LYS C 91 -13.90 -22.55 6.04
C LYS C 91 -12.89 -23.62 5.62
N ASN C 92 -11.89 -23.88 6.44
CA ASN C 92 -10.79 -24.77 6.09
C ASN C 92 -10.84 -26.11 6.79
N GLY C 93 -11.86 -26.37 7.60
CA GLY C 93 -11.95 -27.64 8.30
C GLY C 93 -10.81 -27.89 9.26
N VAL C 94 -10.44 -26.89 10.05
CA VAL C 94 -9.31 -27.03 10.97
C VAL C 94 -9.72 -27.56 12.33
N CYS C 95 -11.00 -27.47 12.69
CA CYS C 95 -11.47 -27.98 13.97
C CYS C 95 -12.88 -28.55 13.81
N ILE C 96 -13.04 -29.46 12.84
CA ILE C 96 -14.32 -30.12 12.65
C ILE C 96 -14.73 -30.85 13.92
N ASP C 97 -13.80 -31.61 14.51
CA ASP C 97 -14.10 -32.40 15.69
C ASP C 97 -14.69 -31.53 16.80
N SER C 98 -13.99 -30.44 17.15
CA SER C 98 -14.36 -29.67 18.32
C SER C 98 -15.71 -28.99 18.13
N ILE C 99 -15.97 -28.45 16.94
CA ILE C 99 -17.24 -27.78 16.69
C ILE C 99 -18.38 -28.78 16.85
N LEU C 100 -18.24 -29.96 16.22
CA LEU C 100 -19.30 -30.96 16.30
C LEU C 100 -19.56 -31.38 17.74
N LYS C 101 -18.51 -31.53 18.54
CA LYS C 101 -18.67 -31.99 19.92
C LYS C 101 -19.33 -30.93 20.79
N LEU C 102 -19.53 -29.71 20.30
CA LEU C 102 -20.36 -28.75 21.01
C LEU C 102 -21.81 -29.20 21.10
N GLY C 103 -22.23 -30.15 20.25
CA GLY C 103 -23.58 -30.66 20.28
C GLY C 103 -24.28 -30.69 18.92
N PHE C 104 -23.57 -30.29 17.87
CA PHE C 104 -24.17 -30.25 16.55
C PHE C 104 -24.11 -31.63 15.89
N SER C 105 -25.05 -31.87 14.98
CA SER C 105 -25.13 -33.15 14.28
C SER C 105 -24.36 -33.16 12.97
N PHE C 106 -24.03 -31.98 12.43
CA PHE C 106 -23.28 -31.92 11.18
C PHE C 106 -22.67 -30.54 11.04
N ILE C 107 -21.74 -30.43 10.09
CA ILE C 107 -21.09 -29.17 9.75
C ILE C 107 -20.85 -29.15 8.25
N GLU C 108 -20.92 -27.96 7.67
CA GLU C 108 -20.62 -27.72 6.27
C GLU C 108 -19.33 -26.92 6.21
N ILE C 109 -18.24 -27.57 5.79
CA ILE C 109 -16.98 -26.85 5.66
C ILE C 109 -16.94 -26.12 4.32
N GLY C 110 -16.00 -25.19 4.19
CA GLY C 110 -15.96 -24.29 3.06
C GLY C 110 -16.64 -22.96 3.39
N THR C 111 -16.97 -22.22 2.33
CA THR C 111 -16.76 -22.64 0.95
C THR C 111 -15.30 -22.66 0.54
N ILE C 112 -14.92 -23.67 -0.24
CA ILE C 112 -13.56 -23.81 -0.72
C ILE C 112 -13.52 -23.49 -2.21
N THR C 113 -12.32 -23.19 -2.69
CA THR C 113 -12.04 -22.97 -4.10
C THR C 113 -10.82 -23.78 -4.48
N PRO C 114 -10.66 -24.12 -5.77
CA PRO C 114 -9.48 -24.90 -6.17
C PRO C 114 -8.17 -24.32 -5.71
N ARG C 115 -7.96 -23.02 -5.95
CA ARG C 115 -6.76 -22.31 -5.52
C ARG C 115 -7.05 -21.55 -4.23
N GLY C 116 -6.06 -21.51 -3.35
CA GLY C 116 -6.23 -20.75 -2.12
C GLY C 116 -6.40 -19.27 -2.41
N GLN C 117 -7.12 -18.59 -1.51
CA GLN C 117 -7.39 -17.18 -1.66
C GLN C 117 -7.26 -16.48 -0.31
N THR C 118 -6.71 -15.26 -0.34
CA THR C 118 -6.65 -14.44 0.87
C THR C 118 -8.01 -13.82 1.19
N GLY C 119 -8.85 -13.61 0.19
CA GLY C 119 -10.11 -12.93 0.38
C GLY C 119 -9.98 -11.44 0.20
N ASN C 120 -11.10 -10.75 0.46
CA ASN C 120 -11.12 -9.30 0.37
C ASN C 120 -10.44 -8.68 1.59
N ALA C 121 -10.16 -7.38 1.49
CA ALA C 121 -9.37 -6.70 2.50
C ALA C 121 -10.11 -6.63 3.83
N LYS C 122 -9.35 -6.72 4.91
CA LYS C 122 -9.86 -6.58 6.26
C LYS C 122 -9.82 -5.12 6.70
N PRO C 123 -10.66 -4.71 7.67
CA PRO C 123 -11.68 -5.53 8.33
C PRO C 123 -12.87 -5.81 7.42
N ARG C 124 -13.35 -7.05 7.42
CA ARG C 124 -14.41 -7.48 6.53
C ARG C 124 -15.56 -8.16 7.26
N ILE C 125 -15.58 -8.12 8.60
CA ILE C 125 -16.64 -8.72 9.39
C ILE C 125 -16.99 -7.75 10.51
N PHE C 126 -18.28 -7.48 10.68
CA PHE C 126 -18.74 -6.53 11.68
C PHE C 126 -20.06 -7.02 12.27
N ARG C 127 -20.17 -6.93 13.59
CA ARG C 127 -21.38 -7.32 14.30
C ARG C 127 -22.16 -6.08 14.72
N ASP C 128 -23.48 -6.25 14.86
CA ASP C 128 -24.37 -5.22 15.39
C ASP C 128 -25.16 -5.92 16.50
N VAL C 129 -24.67 -5.79 17.74
CA VAL C 129 -25.21 -6.59 18.84
C VAL C 129 -26.68 -6.25 19.09
N GLU C 130 -27.04 -4.98 19.02
CA GLU C 130 -28.43 -4.59 19.19
C GLU C 130 -29.34 -5.34 18.23
N SER C 131 -28.88 -5.59 17.02
CA SER C 131 -29.69 -6.27 16.03
C SER C 131 -29.48 -7.78 16.05
N ARG C 132 -28.40 -8.25 16.68
CA ARG C 132 -27.99 -9.65 16.55
C ARG C 132 -27.78 -9.98 15.08
N SER C 133 -27.20 -9.03 14.35
CA SER C 133 -26.92 -9.19 12.93
C SER C 133 -25.43 -9.08 12.66
N ILE C 134 -25.02 -9.60 11.50
CA ILE C 134 -23.64 -9.59 11.06
C ILE C 134 -23.61 -9.16 9.61
N ILE C 135 -22.53 -8.49 9.21
CA ILE C 135 -22.26 -8.18 7.82
C ILE C 135 -20.84 -8.63 7.51
N ASN C 136 -20.64 -9.23 6.35
CA ASN C 136 -19.34 -9.77 5.98
C ASN C 136 -19.09 -9.60 4.49
N SER C 137 -17.83 -9.38 4.15
CA SER C 137 -17.37 -9.31 2.77
C SER C 137 -16.04 -10.07 2.66
N CYS C 138 -16.06 -11.33 3.08
CA CYS C 138 -14.82 -12.10 3.18
C CYS C 138 -14.23 -12.38 1.80
N GLY C 139 -15.04 -12.93 0.88
CA GLY C 139 -14.59 -13.19 -0.47
C GLY C 139 -13.93 -14.53 -0.68
N PHE C 140 -14.46 -15.57 -0.06
CA PHE C 140 -13.96 -16.94 -0.23
C PHE C 140 -12.50 -17.05 0.18
N ASN C 141 -12.17 -16.51 1.35
CA ASN C 141 -10.84 -16.73 1.92
C ASN C 141 -10.73 -18.16 2.41
N ASN C 142 -9.84 -18.94 1.81
CA ASN C 142 -9.63 -20.32 2.21
C ASN C 142 -8.28 -20.78 1.70
N MET C 143 -7.77 -21.85 2.30
CA MET C 143 -6.44 -22.36 1.99
C MET C 143 -6.39 -23.14 0.68
N GLY C 144 -7.53 -23.37 0.03
CA GLY C 144 -7.56 -24.08 -1.22
C GLY C 144 -8.00 -25.52 -1.05
N CYS C 145 -8.51 -26.09 -2.14
CA CYS C 145 -9.13 -27.42 -2.08
C CYS C 145 -8.14 -28.47 -1.62
N ASP C 146 -6.92 -28.45 -2.13
CA ASP C 146 -5.96 -29.51 -1.81
C ASP C 146 -5.64 -29.54 -0.32
N LYS C 147 -5.43 -28.36 0.29
CA LYS C 147 -5.13 -28.33 1.71
C LYS C 147 -6.34 -28.70 2.56
N VAL C 148 -7.52 -28.19 2.20
CA VAL C 148 -8.72 -28.52 2.97
C VAL C 148 -9.06 -29.99 2.83
N THR C 149 -8.80 -30.57 1.65
CA THR C 149 -8.97 -32.02 1.49
C THR C 149 -8.12 -32.78 2.49
N GLU C 150 -6.86 -32.38 2.63
CA GLU C 150 -5.98 -33.02 3.62
C GLU C 150 -6.55 -32.91 5.02
N ASN C 151 -7.11 -31.74 5.37
CA ASN C 151 -7.68 -31.56 6.69
C ASN C 151 -8.92 -32.44 6.89
N LEU C 152 -9.73 -32.58 5.85
CA LEU C 152 -10.91 -33.45 5.96
C LEU C 152 -10.50 -34.92 6.03
N ILE C 153 -9.48 -35.31 5.26
CA ILE C 153 -8.99 -36.68 5.32
C ILE C 153 -8.54 -37.01 6.74
N LEU C 154 -7.79 -36.09 7.35
CA LEU C 154 -7.33 -36.32 8.72
C LEU C 154 -8.51 -36.45 9.67
N PHE C 155 -9.57 -35.67 9.44
CA PHE C 155 -10.74 -35.80 10.30
C PHE C 155 -11.41 -37.15 10.12
N ARG C 156 -11.53 -37.62 8.88
CA ARG C 156 -12.18 -38.91 8.64
C ARG C 156 -11.42 -40.06 9.30
N LYS C 157 -10.09 -39.98 9.34
CA LYS C 157 -9.32 -41.01 10.03
C LYS C 157 -9.54 -40.96 11.53
N ARG C 158 -9.58 -39.75 12.11
CA ARG C 158 -9.92 -39.62 13.52
C ARG C 158 -11.35 -40.08 13.79
N GLN C 159 -12.27 -39.75 12.90
CA GLN C 159 -13.67 -40.15 13.09
C GLN C 159 -13.82 -41.65 13.14
N GLU C 160 -13.00 -42.38 12.38
CA GLU C 160 -13.05 -43.83 12.43
C GLU C 160 -12.78 -44.36 13.84
N GLU C 161 -11.98 -43.62 14.63
CA GLU C 161 -11.55 -44.08 15.93
C GLU C 161 -12.29 -43.41 17.09
N ASP C 162 -13.03 -42.33 16.82
CA ASP C 162 -13.69 -41.58 17.88
C ASP C 162 -15.11 -42.08 18.07
N LYS C 163 -15.45 -42.42 19.32
CA LYS C 163 -16.78 -42.93 19.61
C LYS C 163 -17.83 -41.83 19.74
N LEU C 164 -17.43 -40.57 19.70
CA LEU C 164 -18.38 -39.47 19.78
C LEU C 164 -18.83 -38.96 18.41
N LEU C 165 -18.14 -39.32 17.33
CA LEU C 165 -18.37 -38.72 16.03
C LEU C 165 -18.74 -39.72 14.95
N SER C 166 -19.10 -40.95 15.32
CA SER C 166 -19.30 -41.98 14.30
C SER C 166 -20.48 -41.67 13.39
N LYS C 167 -21.49 -40.95 13.88
CA LYS C 167 -22.69 -40.69 13.11
C LYS C 167 -22.80 -39.24 12.65
N HIS C 168 -21.82 -38.41 12.98
CA HIS C 168 -21.88 -37.00 12.56
C HIS C 168 -21.60 -36.88 11.08
N ILE C 169 -22.18 -35.87 10.46
CA ILE C 169 -22.16 -35.69 9.01
C ILE C 169 -21.32 -34.46 8.69
N VAL C 170 -20.54 -34.54 7.62
CA VAL C 170 -19.71 -33.43 7.16
C VAL C 170 -19.98 -33.19 5.69
N GLY C 171 -20.51 -32.01 5.38
CA GLY C 171 -20.67 -31.59 4.00
C GLY C 171 -19.57 -30.62 3.61
N VAL C 172 -19.46 -30.39 2.31
CA VAL C 172 -18.42 -29.54 1.75
C VAL C 172 -19.06 -28.56 0.77
N SER C 173 -18.93 -27.27 1.06
CA SER C 173 -19.39 -26.22 0.16
C SER C 173 -18.26 -25.87 -0.79
N ILE C 174 -18.59 -25.77 -2.08
CA ILE C 174 -17.61 -25.52 -3.12
C ILE C 174 -18.04 -24.30 -3.93
N GLY C 175 -17.06 -23.48 -4.29
CA GLY C 175 -17.28 -22.29 -5.09
C GLY C 175 -16.25 -22.20 -6.20
N LYS C 176 -15.93 -20.96 -6.58
CA LYS C 176 -14.98 -20.73 -7.65
C LYS C 176 -14.03 -19.61 -7.26
N ASN C 177 -12.81 -19.69 -7.79
CA ASN C 177 -11.86 -18.60 -7.62
C ASN C 177 -12.36 -17.35 -8.31
N LYS C 178 -11.89 -16.19 -7.82
CA LYS C 178 -12.41 -14.92 -8.30
C LYS C 178 -12.26 -14.79 -9.81
N ASP C 179 -11.12 -15.19 -10.34
CA ASP C 179 -10.79 -14.93 -11.74
C ASP C 179 -11.21 -16.04 -12.69
N THR C 180 -11.79 -17.13 -12.19
CA THR C 180 -12.18 -18.24 -13.06
C THR C 180 -13.31 -17.81 -13.99
N VAL C 181 -13.21 -18.22 -15.26
CA VAL C 181 -14.22 -17.85 -16.25
C VAL C 181 -15.41 -18.81 -16.18
N ASN C 182 -15.15 -20.11 -16.31
CA ASN C 182 -16.20 -21.12 -16.25
C ASN C 182 -16.22 -21.71 -14.84
N ILE C 183 -17.29 -21.41 -14.09
CA ILE C 183 -17.39 -21.91 -12.73
C ILE C 183 -17.32 -23.44 -12.71
N VAL C 184 -17.83 -24.09 -13.75
CA VAL C 184 -17.89 -25.54 -13.75
C VAL C 184 -16.49 -26.15 -13.67
N ASP C 185 -15.50 -25.49 -14.27
CA ASP C 185 -14.14 -25.99 -14.19
C ASP C 185 -13.66 -26.08 -12.74
N ASP C 186 -13.98 -25.07 -11.93
CA ASP C 186 -13.57 -25.08 -10.54
C ASP C 186 -14.37 -26.11 -9.74
N LEU C 187 -15.67 -26.21 -10.00
CA LEU C 187 -16.49 -27.19 -9.28
C LEU C 187 -16.00 -28.60 -9.56
N LYS C 188 -15.67 -28.91 -10.81
CA LYS C 188 -15.23 -30.26 -11.15
C LYS C 188 -13.90 -30.58 -10.48
N TYR C 189 -13.01 -29.60 -10.37
CA TYR C 189 -11.74 -29.84 -9.70
C TYR C 189 -11.96 -30.23 -8.25
N CYS C 190 -12.79 -29.47 -7.54
CA CYS C 190 -13.03 -29.76 -6.12
C CYS C 190 -13.68 -31.13 -5.95
N ILE C 191 -14.67 -31.44 -6.79
CA ILE C 191 -15.35 -32.73 -6.68
C ILE C 191 -14.35 -33.88 -6.78
N ASN C 192 -13.40 -33.77 -7.71
CA ASN C 192 -12.48 -34.88 -7.97
C ASN C 192 -11.44 -35.04 -6.87
N LYS C 193 -11.20 -34.01 -6.06
CA LYS C 193 -10.23 -34.10 -4.98
C LYS C 193 -10.87 -34.39 -3.62
N ILE C 194 -12.03 -33.81 -3.33
CA ILE C 194 -12.62 -33.90 -2.00
C ILE C 194 -13.94 -34.65 -1.99
N GLY C 195 -14.54 -34.91 -3.16
CA GLY C 195 -15.90 -35.44 -3.20
C GLY C 195 -16.05 -36.75 -2.44
N ARG C 196 -15.07 -37.64 -2.55
CA ARG C 196 -15.17 -38.94 -1.92
C ARG C 196 -15.10 -38.88 -0.41
N TYR C 197 -14.76 -37.73 0.17
CA TYR C 197 -14.69 -37.57 1.61
C TYR C 197 -15.87 -36.77 2.17
N ALA C 198 -16.81 -36.37 1.34
CA ALA C 198 -17.93 -35.54 1.77
C ALA C 198 -19.19 -36.39 1.83
N ASP C 199 -20.03 -36.12 2.83
CA ASP C 199 -21.34 -36.75 2.89
C ASP C 199 -22.32 -36.07 1.93
N TYR C 200 -22.14 -34.77 1.69
CA TYR C 200 -22.88 -34.07 0.65
C TYR C 200 -22.04 -32.92 0.14
N ILE C 201 -22.40 -32.44 -1.04
CA ILE C 201 -21.74 -31.31 -1.68
C ILE C 201 -22.75 -30.18 -1.80
N ALA C 202 -22.37 -28.99 -1.35
CA ALA C 202 -23.20 -27.80 -1.45
C ALA C 202 -22.62 -26.90 -2.53
N ILE C 203 -23.40 -26.67 -3.60
CA ILE C 203 -22.99 -25.80 -4.69
C ILE C 203 -23.30 -24.35 -4.28
N ASN C 204 -22.26 -23.57 -4.05
CA ASN C 204 -22.41 -22.19 -3.58
C ASN C 204 -22.44 -21.25 -4.78
N VAL C 205 -23.63 -20.79 -5.15
CA VAL C 205 -23.79 -19.82 -6.23
C VAL C 205 -24.50 -18.60 -5.68
N SER C 206 -24.37 -18.35 -4.37
CA SER C 206 -25.14 -17.28 -3.74
C SER C 206 -24.31 -16.35 -2.87
N SER C 207 -22.98 -16.46 -2.87
CA SER C 207 -22.17 -15.51 -2.13
C SER C 207 -22.27 -14.13 -2.79
N PRO C 208 -22.60 -13.07 -2.04
CA PRO C 208 -22.62 -11.72 -2.62
C PRO C 208 -21.24 -11.08 -2.74
N ASN C 209 -20.19 -11.76 -2.30
CA ASN C 209 -18.87 -11.15 -2.17
C ASN C 209 -17.88 -11.63 -3.23
N THR C 210 -18.35 -12.39 -4.21
CA THR C 210 -17.55 -12.75 -5.39
C THR C 210 -18.24 -12.17 -6.61
N PRO C 211 -17.69 -11.14 -7.25
CA PRO C 211 -18.40 -10.52 -8.39
C PRO C 211 -18.77 -11.55 -9.45
N GLY C 212 -20.03 -11.50 -9.88
CA GLY C 212 -20.52 -12.36 -10.93
C GLY C 212 -20.96 -13.74 -10.49
N LEU C 213 -20.74 -14.12 -9.24
CA LEU C 213 -21.06 -15.48 -8.82
C LEU C 213 -22.57 -15.71 -8.83
N ARG C 214 -23.33 -14.78 -8.24
CA ARG C 214 -24.77 -14.98 -8.12
C ARG C 214 -25.47 -15.04 -9.48
N ASP C 215 -24.83 -14.55 -10.53
CA ASP C 215 -25.41 -14.68 -11.87
C ASP C 215 -25.58 -16.13 -12.26
N ASN C 216 -24.84 -17.05 -11.65
CA ASN C 216 -24.99 -18.47 -11.94
C ASN C 216 -26.27 -19.05 -11.36
N GLN C 217 -27.05 -18.29 -10.62
CA GLN C 217 -28.38 -18.72 -10.22
C GLN C 217 -29.38 -18.65 -11.37
N GLU C 218 -29.05 -17.95 -12.45
CA GLU C 218 -29.86 -17.99 -13.66
C GLU C 218 -30.19 -19.44 -14.03
N ALA C 219 -31.48 -19.70 -14.29
CA ALA C 219 -31.95 -21.07 -14.38
C ALA C 219 -31.18 -21.86 -15.45
N GLY C 220 -30.86 -21.21 -16.56
CA GLY C 220 -30.12 -21.91 -17.61
C GLY C 220 -28.73 -22.32 -17.17
N LYS C 221 -27.99 -21.38 -16.59
CA LYS C 221 -26.66 -21.70 -16.08
C LYS C 221 -26.73 -22.68 -14.91
N LEU C 222 -27.72 -22.49 -14.02
CA LEU C 222 -27.79 -23.32 -12.83
C LEU C 222 -28.06 -24.77 -13.18
N LYS C 223 -28.92 -25.02 -14.17
CA LYS C 223 -29.19 -26.39 -14.58
C LYS C 223 -27.92 -27.06 -15.09
N ASN C 224 -27.15 -26.36 -15.92
CA ASN C 224 -25.90 -26.92 -16.43
C ASN C 224 -24.94 -27.21 -15.27
N ILE C 225 -24.91 -26.34 -14.27
CA ILE C 225 -24.01 -26.53 -13.14
C ILE C 225 -24.40 -27.79 -12.37
N ILE C 226 -25.68 -27.94 -12.08
CA ILE C 226 -26.14 -29.07 -11.27
C ILE C 226 -25.85 -30.38 -11.98
N LEU C 227 -26.21 -30.47 -13.26
CA LEU C 227 -25.95 -31.69 -14.01
C LEU C 227 -24.45 -31.97 -14.10
N SER C 228 -23.64 -30.93 -14.34
CA SER C 228 -22.20 -31.13 -14.43
C SER C 228 -21.63 -31.66 -13.12
N VAL C 229 -22.14 -31.16 -11.99
CA VAL C 229 -21.65 -31.63 -10.69
C VAL C 229 -22.09 -33.07 -10.44
N LYS C 230 -23.36 -33.37 -10.74
CA LYS C 230 -23.87 -34.72 -10.52
C LYS C 230 -23.11 -35.73 -11.37
N GLU C 231 -22.84 -35.39 -12.64
CA GLU C 231 -22.14 -36.32 -13.51
C GLU C 231 -20.70 -36.52 -13.04
N GLU C 232 -20.06 -35.45 -12.55
CA GLU C 232 -18.70 -35.58 -12.05
C GLU C 232 -18.66 -36.49 -10.83
N ILE C 233 -19.63 -36.37 -9.94
CA ILE C 233 -19.70 -37.26 -8.79
C ILE C 233 -19.92 -38.70 -9.27
N ASP C 234 -20.74 -38.89 -10.30
CA ASP C 234 -20.98 -40.22 -10.82
C ASP C 234 -19.73 -40.80 -11.48
N ASN C 235 -18.91 -39.96 -12.10
CA ASN C 235 -17.68 -40.43 -12.72
C ASN C 235 -16.64 -40.85 -11.69
N LEU C 236 -16.72 -40.32 -10.46
CA LEU C 236 -15.82 -40.78 -9.41
C LEU C 236 -16.00 -42.26 -9.15
N GLU C 237 -17.25 -42.73 -9.16
CA GLU C 237 -17.51 -44.16 -8.94
C GLU C 237 -17.00 -45.00 -10.10
N LYS C 238 -17.25 -44.56 -11.33
CA LYS C 238 -16.82 -45.33 -12.50
C LYS C 238 -15.31 -45.40 -12.59
N ASN C 239 -14.62 -44.29 -12.28
CA ASN C 239 -13.17 -44.28 -12.35
C ASN C 239 -12.53 -45.03 -11.19
N ASN C 240 -13.17 -45.02 -10.02
CA ASN C 240 -12.63 -45.70 -8.84
C ASN C 240 -13.54 -46.86 -8.43
N PHE C 246 -14.49 -48.71 -0.14
CA PHE C 246 -13.25 -47.99 0.13
C PHE C 246 -13.26 -46.61 -0.52
N LEU C 247 -14.03 -46.45 -1.59
CA LEU C 247 -14.05 -45.18 -2.30
C LEU C 247 -14.66 -44.08 -1.44
N TRP C 248 -15.85 -44.32 -0.90
CA TRP C 248 -16.55 -43.30 -0.12
C TRP C 248 -16.03 -43.35 1.32
N PHE C 249 -14.99 -42.54 1.58
CA PHE C 249 -14.43 -42.42 2.93
C PHE C 249 -15.16 -41.27 3.65
N ASN C 250 -16.42 -41.54 3.96
CA ASN C 250 -17.29 -40.56 4.60
C ASN C 250 -18.13 -41.28 5.64
N THR C 251 -19.14 -40.59 6.16
CA THR C 251 -20.00 -41.19 7.18
C THR C 251 -20.97 -42.19 6.58
N THR C 252 -21.53 -41.88 5.41
CA THR C 252 -22.59 -42.68 4.82
C THR C 252 -22.08 -43.89 4.07
N LYS C 253 -20.80 -43.91 3.67
CA LYS C 253 -20.27 -44.94 2.78
C LYS C 253 -21.02 -44.95 1.45
N LYS C 254 -21.57 -43.80 1.08
CA LYS C 254 -22.32 -43.65 -0.16
C LYS C 254 -21.89 -42.36 -0.85
N LYS C 255 -22.23 -42.26 -2.14
CA LYS C 255 -21.85 -41.08 -2.89
C LYS C 255 -22.48 -39.85 -2.25
N PRO C 256 -21.80 -38.70 -2.26
CA PRO C 256 -22.36 -37.52 -1.61
C PRO C 256 -23.63 -37.06 -2.30
N LEU C 257 -24.58 -36.57 -1.50
CA LEU C 257 -25.73 -35.88 -2.06
C LEU C 257 -25.31 -34.50 -2.56
N VAL C 258 -26.12 -33.94 -3.44
CA VAL C 258 -25.84 -32.64 -4.03
C VAL C 258 -26.92 -31.66 -3.56
N PHE C 259 -26.49 -30.60 -2.90
CA PHE C 259 -27.36 -29.49 -2.53
C PHE C 259 -26.94 -28.23 -3.28
N VAL C 260 -27.86 -27.28 -3.35
CA VAL C 260 -27.56 -25.96 -3.88
C VAL C 260 -27.95 -24.93 -2.83
N LYS C 261 -27.08 -23.96 -2.58
CA LYS C 261 -27.35 -22.88 -1.65
C LYS C 261 -27.77 -21.64 -2.44
N LEU C 262 -28.96 -21.13 -2.16
CA LEU C 262 -29.56 -20.05 -2.90
C LEU C 262 -29.53 -18.76 -2.09
N ALA C 263 -29.47 -17.64 -2.80
CA ALA C 263 -29.51 -16.32 -2.17
C ALA C 263 -30.95 -15.87 -1.95
N PRO C 264 -31.23 -15.12 -0.88
CA PRO C 264 -32.59 -14.62 -0.65
C PRO C 264 -32.95 -13.43 -1.51
N ASP C 265 -32.03 -12.89 -2.29
CA ASP C 265 -32.27 -11.70 -3.11
C ASP C 265 -32.56 -12.12 -4.55
N LEU C 266 -33.70 -12.78 -4.71
CA LEU C 266 -34.20 -13.22 -6.00
C LEU C 266 -35.65 -12.79 -6.14
N ASN C 267 -36.07 -12.52 -7.37
CA ASN C 267 -37.47 -12.20 -7.63
C ASN C 267 -38.28 -13.49 -7.82
N GLN C 268 -39.59 -13.35 -7.78
CA GLN C 268 -40.47 -14.53 -7.81
C GLN C 268 -40.28 -15.32 -9.09
N GLU C 269 -40.13 -14.63 -10.23
CA GLU C 269 -39.95 -15.35 -11.48
C GLU C 269 -38.70 -16.22 -11.44
N GLN C 270 -37.60 -15.69 -10.90
CA GLN C 270 -36.39 -16.50 -10.77
C GLN C 270 -36.62 -17.71 -9.87
N LYS C 271 -37.33 -17.51 -8.76
CA LYS C 271 -37.54 -18.62 -7.83
C LYS C 271 -38.35 -19.73 -8.48
N LYS C 272 -39.33 -19.37 -9.32
CA LYS C 272 -40.12 -20.39 -9.99
C LYS C 272 -39.30 -21.11 -11.06
N GLU C 273 -38.50 -20.38 -11.82
CA GLU C 273 -37.62 -21.03 -12.78
C GLU C 273 -36.63 -21.95 -12.07
N ILE C 274 -36.05 -21.49 -10.98
CA ILE C 274 -35.10 -22.33 -10.24
C ILE C 274 -35.78 -23.56 -9.70
N ALA C 275 -36.99 -23.40 -9.17
CA ALA C 275 -37.74 -24.54 -8.65
C ALA C 275 -37.87 -25.63 -9.72
N ASP C 276 -38.28 -25.24 -10.93
CA ASP C 276 -38.39 -26.21 -12.01
C ASP C 276 -37.05 -26.90 -12.27
N VAL C 277 -35.95 -26.15 -12.26
CA VAL C 277 -34.64 -26.75 -12.48
C VAL C 277 -34.32 -27.78 -11.39
N LEU C 278 -34.59 -27.42 -10.13
CA LEU C 278 -34.30 -28.36 -9.04
C LEU C 278 -35.08 -29.66 -9.21
N LEU C 279 -36.33 -29.56 -9.68
CA LEU C 279 -37.11 -30.77 -9.91
C LEU C 279 -36.58 -31.53 -11.12
N GLU C 280 -36.28 -30.82 -12.21
CA GLU C 280 -35.82 -31.48 -13.43
C GLU C 280 -34.53 -32.26 -13.19
N THR C 281 -33.62 -31.70 -12.40
CA THR C 281 -32.33 -32.32 -12.17
C THR C 281 -32.33 -33.27 -10.98
N ASN C 282 -33.45 -33.38 -10.26
CA ASN C 282 -33.54 -34.24 -9.08
C ASN C 282 -32.42 -33.92 -8.10
N ILE C 283 -32.27 -32.63 -7.79
CA ILE C 283 -31.32 -32.23 -6.77
C ILE C 283 -31.77 -32.80 -5.42
N ASP C 284 -30.81 -33.15 -4.57
CA ASP C 284 -31.12 -33.81 -3.31
C ASP C 284 -31.62 -32.86 -2.24
N GLY C 285 -31.28 -31.58 -2.34
CA GLY C 285 -31.76 -30.60 -1.38
C GLY C 285 -31.35 -29.21 -1.79
N MET C 286 -31.93 -28.23 -1.11
CA MET C 286 -31.63 -26.83 -1.33
C MET C 286 -31.41 -26.17 0.02
N ILE C 287 -30.35 -25.37 0.11
CA ILE C 287 -30.03 -24.64 1.33
C ILE C 287 -30.58 -23.22 1.21
N ILE C 288 -31.54 -22.89 2.07
CA ILE C 288 -32.25 -21.62 2.04
C ILE C 288 -32.09 -21.01 3.42
N SER C 289 -31.28 -19.95 3.53
CA SER C 289 -30.59 -19.31 2.41
C SER C 289 -29.25 -18.70 2.81
N ASN C 290 -28.61 -18.03 1.85
CA ASN C 290 -27.36 -17.33 2.09
C ASN C 290 -27.69 -15.93 2.62
N THR C 291 -26.66 -15.08 2.72
CA THR C 291 -26.84 -13.73 3.25
C THR C 291 -27.58 -12.86 2.23
N THR C 292 -28.06 -11.71 2.71
CA THR C 292 -28.87 -10.81 1.90
C THR C 292 -28.15 -9.48 1.71
N THR C 293 -28.39 -8.89 0.53
CA THR C 293 -27.86 -7.60 0.14
C THR C 293 -28.83 -6.46 0.38
N GLN C 294 -30.07 -6.76 0.76
CA GLN C 294 -31.17 -5.82 0.67
C GLN C 294 -31.73 -5.43 2.04
N ILE C 295 -30.87 -5.34 3.05
CA ILE C 295 -31.23 -4.83 4.36
C ILE C 295 -30.53 -3.49 4.55
N ASN C 296 -31.30 -2.47 4.96
CA ASN C 296 -30.87 -1.08 4.91
C ASN C 296 -30.96 -0.37 6.25
N ASP C 297 -31.58 -1.01 7.26
CA ASP C 297 -32.04 -0.35 8.47
C ASP C 297 -31.17 -0.64 9.68
N ILE C 298 -29.85 -0.70 9.46
CA ILE C 298 -28.91 -0.93 10.55
C ILE C 298 -27.89 0.19 10.49
N LYS C 299 -27.94 1.11 11.46
CA LYS C 299 -27.11 2.30 11.41
C LYS C 299 -25.63 1.95 11.30
N SER C 300 -25.17 0.99 12.12
CA SER C 300 -23.75 0.68 12.18
C SER C 300 -23.24 0.03 10.92
N PHE C 301 -24.11 -0.50 10.07
CA PHE C 301 -23.71 -1.14 8.82
C PHE C 301 -23.78 -0.19 7.62
N GLU C 302 -24.30 1.02 7.80
CA GLU C 302 -24.50 1.93 6.67
C GLU C 302 -23.23 2.09 5.85
N ASN C 303 -22.08 2.21 6.51
CA ASN C 303 -20.80 2.40 5.82
C ASN C 303 -20.19 1.09 5.34
N LYS C 304 -20.83 -0.05 5.58
CA LYS C 304 -20.21 -1.35 5.37
C LYS C 304 -20.68 -1.99 4.07
N LYS C 305 -19.88 -2.95 3.60
CA LYS C 305 -20.15 -3.71 2.40
C LYS C 305 -20.33 -5.18 2.75
N GLY C 306 -21.03 -5.89 1.87
CA GLY C 306 -21.17 -7.33 2.00
C GLY C 306 -22.58 -7.81 2.23
N GLY C 307 -22.72 -9.06 2.67
CA GLY C 307 -24.02 -9.65 2.93
C GLY C 307 -24.31 -9.71 4.41
N VAL C 308 -25.59 -9.64 4.74
CA VAL C 308 -26.04 -9.51 6.12
C VAL C 308 -26.63 -10.85 6.58
N SER C 309 -26.29 -11.24 7.81
CA SER C 309 -26.81 -12.42 8.46
C SER C 309 -27.42 -12.03 9.80
N GLY C 310 -28.11 -12.99 10.41
CA GLY C 310 -28.61 -12.80 11.76
C GLY C 310 -30.11 -12.58 11.86
N ALA C 311 -30.54 -11.90 12.93
CA ALA C 311 -31.96 -11.76 13.20
C ALA C 311 -32.70 -11.02 12.07
N LYS C 312 -32.04 -10.06 11.42
CA LYS C 312 -32.69 -9.30 10.37
C LYS C 312 -32.93 -10.13 9.11
N LEU C 313 -32.34 -11.33 9.02
CA LEU C 313 -32.51 -12.19 7.86
C LEU C 313 -33.57 -13.26 8.09
N LYS C 314 -34.01 -13.46 9.33
CA LYS C 314 -34.84 -14.61 9.65
C LYS C 314 -36.13 -14.61 8.83
N ASP C 315 -36.90 -13.52 8.92
CA ASP C 315 -38.19 -13.47 8.24
C ASP C 315 -38.01 -13.59 6.73
N ILE C 316 -36.99 -12.91 6.18
CA ILE C 316 -36.74 -12.99 4.75
C ILE C 316 -36.51 -14.42 4.32
N SER C 317 -35.67 -15.15 5.06
CA SER C 317 -35.32 -16.50 4.66
C SER C 317 -36.43 -17.50 4.95
N THR C 318 -37.18 -17.30 6.04
CA THR C 318 -38.32 -18.19 6.32
C THR C 318 -39.37 -18.09 5.22
N LYS C 319 -39.71 -16.87 4.80
CA LYS C 319 -40.64 -16.72 3.69
C LYS C 319 -40.10 -17.38 2.43
N PHE C 320 -38.78 -17.28 2.20
CA PHE C 320 -38.16 -17.94 1.07
C PHE C 320 -38.36 -19.45 1.14
N ILE C 321 -38.23 -20.02 2.34
CA ILE C 321 -38.46 -21.45 2.52
C ILE C 321 -39.89 -21.81 2.10
N CYS C 322 -40.86 -21.02 2.59
CA CYS C 322 -42.26 -21.31 2.27
C CYS C 322 -42.51 -21.28 0.77
N GLU C 323 -41.91 -20.31 0.08
CA GLU C 323 -42.12 -20.19 -1.37
C GLU C 323 -41.55 -21.39 -2.10
N MET C 324 -40.30 -21.76 -1.82
CA MET C 324 -39.67 -22.86 -2.53
C MET C 324 -40.30 -24.20 -2.15
N TYR C 325 -40.73 -24.35 -0.89
CA TYR C 325 -41.46 -25.55 -0.50
C TYR C 325 -42.66 -25.77 -1.41
N ASN C 326 -43.41 -24.71 -1.70
CA ASN C 326 -44.59 -24.81 -2.55
C ASN C 326 -44.22 -24.90 -4.03
N TYR C 327 -43.23 -24.12 -4.48
CA TYR C 327 -42.86 -24.14 -5.89
C TYR C 327 -42.32 -25.51 -6.28
N THR C 328 -41.60 -26.18 -5.38
CA THR C 328 -41.11 -27.53 -5.62
C THR C 328 -42.10 -28.61 -5.19
N ASN C 329 -43.34 -28.22 -4.86
CA ASN C 329 -44.38 -29.18 -4.47
C ASN C 329 -43.92 -30.10 -3.35
N LYS C 330 -43.07 -29.60 -2.47
CA LYS C 330 -42.60 -30.34 -1.30
C LYS C 330 -41.77 -31.56 -1.67
N GLN C 331 -41.21 -31.58 -2.88
CA GLN C 331 -40.44 -32.72 -3.35
C GLN C 331 -38.94 -32.59 -3.11
N ILE C 332 -38.45 -31.44 -2.66
CA ILE C 332 -37.03 -31.17 -2.51
C ILE C 332 -36.75 -30.85 -1.05
N PRO C 333 -35.98 -31.66 -0.33
CA PRO C 333 -35.67 -31.33 1.07
C PRO C 333 -34.99 -29.99 1.19
N ILE C 334 -35.23 -29.32 2.32
CA ILE C 334 -34.76 -27.96 2.55
C ILE C 334 -33.88 -27.95 3.79
N ILE C 335 -32.69 -27.36 3.67
CA ILE C 335 -31.82 -27.05 4.79
C ILE C 335 -31.99 -25.56 5.08
N ALA C 336 -32.45 -25.25 6.29
CA ALA C 336 -32.74 -23.86 6.66
C ALA C 336 -31.48 -23.17 7.15
N SER C 337 -31.32 -21.91 6.74
CA SER C 337 -30.22 -21.07 7.20
C SER C 337 -30.70 -19.63 7.19
N GLY C 338 -30.60 -18.94 8.33
CA GLY C 338 -30.96 -17.54 8.39
C GLY C 338 -31.67 -17.13 9.66
N GLY C 339 -30.93 -16.54 10.60
CA GLY C 339 -31.53 -15.96 11.77
C GLY C 339 -32.08 -16.93 12.79
N ILE C 340 -31.50 -18.12 12.88
CA ILE C 340 -31.96 -19.14 13.81
C ILE C 340 -31.16 -18.98 15.10
N PHE C 341 -31.84 -18.55 16.17
CA PHE C 341 -31.21 -18.36 17.46
C PHE C 341 -31.82 -19.21 18.56
N SER C 342 -33.11 -19.51 18.51
CA SER C 342 -33.82 -20.19 19.58
C SER C 342 -34.58 -21.37 19.01
N GLY C 343 -35.11 -22.19 19.92
CA GLY C 343 -35.97 -23.28 19.50
C GLY C 343 -37.18 -22.81 18.74
N LEU C 344 -37.69 -21.62 19.09
CA LEU C 344 -38.82 -21.05 18.37
C LEU C 344 -38.46 -20.79 16.91
N ASP C 345 -37.32 -20.15 16.67
CA ASP C 345 -36.87 -19.91 15.30
C ASP C 345 -36.75 -21.23 14.54
N ALA C 346 -36.14 -22.24 15.17
CA ALA C 346 -35.96 -23.52 14.50
C ALA C 346 -37.29 -24.14 14.13
N LEU C 347 -38.27 -24.08 15.05
CA LEU C 347 -39.58 -24.65 14.77
C LEU C 347 -40.26 -23.90 13.63
N GLU C 348 -40.07 -22.59 13.57
CA GLU C 348 -40.59 -21.83 12.44
C GLU C 348 -40.05 -22.37 11.12
N LYS C 349 -38.73 -22.53 11.03
CA LYS C 349 -38.13 -23.02 9.79
C LYS C 349 -38.64 -24.42 9.46
N ILE C 350 -38.76 -25.28 10.47
CA ILE C 350 -39.20 -26.65 10.23
C ILE C 350 -40.65 -26.69 9.75
N GLU C 351 -41.54 -26.01 10.47
CA GLU C 351 -42.94 -25.98 10.06
C GLU C 351 -43.12 -25.26 8.72
N ALA C 352 -42.15 -24.44 8.32
CA ALA C 352 -42.20 -23.80 7.01
C ALA C 352 -41.79 -24.75 5.89
N GLY C 353 -41.11 -25.86 6.21
CA GLY C 353 -40.76 -26.85 5.20
C GLY C 353 -39.35 -27.40 5.31
N ALA C 354 -38.58 -26.93 6.29
CA ALA C 354 -37.21 -27.36 6.43
C ALA C 354 -37.13 -28.66 7.24
N SER C 355 -36.15 -29.50 6.87
CA SER C 355 -35.90 -30.75 7.58
C SER C 355 -34.75 -30.64 8.58
N VAL C 356 -33.82 -29.70 8.37
CA VAL C 356 -32.69 -29.49 9.25
C VAL C 356 -32.41 -27.99 9.27
N CYS C 357 -31.68 -27.55 10.30
CA CYS C 357 -31.33 -26.15 10.46
C CYS C 357 -29.82 -26.00 10.61
N GLN C 358 -29.30 -24.91 10.06
CA GLN C 358 -27.89 -24.57 10.18
C GLN C 358 -27.77 -23.28 10.98
N LEU C 359 -26.79 -23.24 11.89
CA LEU C 359 -26.56 -22.07 12.72
C LEU C 359 -25.23 -21.41 12.35
N TYR C 360 -25.19 -20.09 12.48
CA TYR C 360 -23.96 -19.33 12.36
C TYR C 360 -23.99 -18.17 13.36
N SER C 361 -24.86 -17.19 13.10
CA SER C 361 -24.95 -16.02 13.97
C SER C 361 -25.26 -16.42 15.41
N CYS C 362 -26.02 -17.50 15.61
CA CYS C 362 -26.34 -17.93 16.97
C CYS C 362 -25.08 -18.25 17.76
N LEU C 363 -24.14 -18.95 17.14
CA LEU C 363 -22.86 -19.23 17.80
C LEU C 363 -22.10 -17.95 18.11
N VAL C 364 -22.28 -16.92 17.29
CA VAL C 364 -21.52 -15.68 17.50
C VAL C 364 -22.06 -14.92 18.69
N PHE C 365 -23.39 -14.92 18.88
CA PHE C 365 -24.02 -14.12 19.92
C PHE C 365 -24.42 -14.92 21.15
N ASN C 366 -24.47 -16.25 21.07
CA ASN C 366 -24.80 -17.08 22.22
C ASN C 366 -23.66 -17.95 22.70
N GLY C 367 -22.61 -18.15 21.90
CA GLY C 367 -21.42 -18.79 22.40
C GLY C 367 -21.48 -20.31 22.36
N MET C 368 -20.67 -20.94 23.23
CA MET C 368 -20.50 -22.39 23.17
C MET C 368 -21.77 -23.15 23.54
N LYS C 369 -22.69 -22.52 24.27
CA LYS C 369 -23.91 -23.19 24.68
C LYS C 369 -24.97 -23.25 23.58
N SER C 370 -24.66 -22.76 22.38
CA SER C 370 -25.69 -22.61 21.36
C SER C 370 -26.39 -23.93 21.07
N ALA C 371 -25.62 -24.99 20.84
CA ALA C 371 -26.23 -26.26 20.44
C ALA C 371 -27.05 -26.85 21.58
N VAL C 372 -26.47 -26.91 22.78
CA VAL C 372 -27.17 -27.53 23.91
C VAL C 372 -28.46 -26.77 24.22
N GLN C 373 -28.41 -25.44 24.14
CA GLN C 373 -29.57 -24.64 24.52
C GLN C 373 -30.70 -24.80 23.51
N ILE C 374 -30.37 -24.70 22.22
CA ILE C 374 -31.43 -24.73 21.20
C ILE C 374 -32.02 -26.13 21.08
N LYS C 375 -31.23 -27.17 21.29
CA LYS C 375 -31.78 -28.53 21.24
C LYS C 375 -32.82 -28.72 22.33
N ARG C 376 -32.53 -28.26 23.55
CA ARG C 376 -33.47 -28.37 24.64
C ARG C 376 -34.73 -27.54 24.38
N GLU C 377 -34.54 -26.33 23.84
CA GLU C 377 -35.70 -25.47 23.58
C GLU C 377 -36.62 -26.09 22.54
N LEU C 378 -36.05 -26.68 21.48
CA LEU C 378 -36.89 -27.28 20.44
C LEU C 378 -37.67 -28.46 20.98
N ASN C 379 -37.02 -29.31 21.78
CA ASN C 379 -37.73 -30.48 22.34
C ASN C 379 -38.95 -30.04 23.14
N HIS C 380 -38.83 -28.99 23.95
CA HIS C 380 -39.98 -28.53 24.72
C HIS C 380 -41.08 -28.03 23.80
N LEU C 381 -40.71 -27.34 22.72
CA LEU C 381 -41.73 -26.83 21.80
C LEU C 381 -42.43 -27.95 21.05
N LEU C 382 -41.67 -28.97 20.63
CA LEU C 382 -42.30 -30.13 20.00
C LEU C 382 -43.33 -30.74 20.93
N TYR C 383 -42.97 -30.91 22.21
CA TYR C 383 -43.91 -31.43 23.18
C TYR C 383 -45.09 -30.48 23.34
N GLN C 384 -44.84 -29.17 23.36
CA GLN C 384 -45.92 -28.21 23.48
C GLN C 384 -46.88 -28.30 22.30
N ARG C 385 -46.35 -28.56 21.10
CA ARG C 385 -47.21 -28.65 19.92
C ARG C 385 -48.03 -29.94 19.91
N GLY C 386 -47.65 -30.93 20.70
CA GLY C 386 -48.24 -32.25 20.58
C GLY C 386 -47.60 -33.14 19.53
N TYR C 387 -46.50 -32.71 18.93
CA TYR C 387 -45.83 -33.53 17.94
C TYR C 387 -45.19 -34.75 18.60
N TYR C 388 -45.34 -35.91 17.97
CA TYR C 388 -44.68 -37.12 18.46
C TYR C 388 -43.18 -37.08 18.15
N ASN C 389 -42.81 -36.55 17.00
CA ASN C 389 -41.40 -36.39 16.66
C ASN C 389 -41.25 -35.20 15.72
N LEU C 390 -40.01 -34.85 15.42
CA LEU C 390 -39.74 -33.66 14.61
C LEU C 390 -40.28 -33.83 13.19
N LYS C 391 -40.11 -35.02 12.60
CA LYS C 391 -40.57 -35.22 11.22
C LYS C 391 -42.06 -34.92 11.08
N GLU C 392 -42.83 -35.04 12.16
CA GLU C 392 -44.24 -34.70 12.10
C GLU C 392 -44.45 -33.21 11.88
N ALA C 393 -43.49 -32.38 12.25
CA ALA C 393 -43.64 -30.94 12.17
C ALA C 393 -43.25 -30.37 10.80
N ILE C 394 -42.52 -31.14 9.99
CA ILE C 394 -41.97 -30.59 8.76
C ILE C 394 -43.10 -30.15 7.84
N GLY C 395 -43.10 -28.87 7.49
CA GLY C 395 -44.10 -28.35 6.56
C GLY C 395 -45.50 -28.23 7.11
N ARG C 396 -45.69 -28.38 8.42
CA ARG C 396 -47.03 -28.41 8.98
C ARG C 396 -47.76 -27.08 8.81
N LYS C 397 -47.03 -25.98 8.61
CA LYS C 397 -47.69 -24.70 8.44
C LYS C 397 -48.42 -24.57 7.10
N HIS C 398 -48.26 -25.56 6.21
CA HIS C 398 -48.93 -25.52 4.92
C HIS C 398 -50.17 -26.42 4.90
N ASN D 24 -19.68 34.27 -44.08
CA ASN D 24 -19.15 32.98 -43.71
C ASN D 24 -18.28 33.08 -42.46
N PRO D 25 -18.15 31.98 -41.72
CA PRO D 25 -17.22 31.98 -40.58
C PRO D 25 -15.78 32.24 -40.98
N GLU D 26 -15.41 31.97 -42.23
CA GLU D 26 -14.06 32.24 -42.74
C GLU D 26 -13.96 33.61 -43.40
N PHE D 27 -14.76 34.58 -42.97
CA PHE D 27 -14.88 35.85 -43.68
C PHE D 27 -13.64 36.72 -43.50
N PHE D 28 -13.31 37.45 -44.57
CA PHE D 28 -12.18 38.37 -44.58
C PHE D 28 -12.06 39.16 -43.29
N LEU D 29 -13.04 40.02 -43.03
CA LEU D 29 -12.83 41.14 -42.11
C LEU D 29 -12.54 40.68 -40.69
N TYR D 30 -13.07 39.53 -40.27
CA TYR D 30 -12.89 39.12 -38.89
C TYR D 30 -11.44 38.72 -38.59
N ASP D 31 -10.70 38.30 -39.61
CA ASP D 31 -9.29 37.98 -39.40
C ASP D 31 -8.43 39.24 -39.36
N ILE D 32 -8.79 40.27 -40.14
CA ILE D 32 -8.07 41.54 -40.04
C ILE D 32 -8.31 42.18 -38.69
N PHE D 33 -9.57 42.19 -38.23
CA PHE D 33 -9.85 42.73 -36.90
C PHE D 33 -9.09 41.98 -35.82
N LEU D 34 -8.96 40.66 -35.97
CA LEU D 34 -8.32 39.86 -34.94
C LEU D 34 -6.85 40.26 -34.76
N LYS D 35 -6.12 40.39 -35.87
CA LYS D 35 -4.73 40.81 -35.79
C LYS D 35 -4.61 42.13 -35.04
N PHE D 36 -5.38 43.14 -35.45
CA PHE D 36 -5.29 44.45 -34.80
C PHE D 36 -5.81 44.40 -33.37
N CYS D 37 -6.78 43.53 -33.09
CA CYS D 37 -7.24 43.37 -31.71
C CYS D 37 -6.17 42.72 -30.85
N LEU D 38 -5.55 41.65 -31.36
CA LEU D 38 -4.64 40.86 -30.54
C LEU D 38 -3.42 41.67 -30.11
N LYS D 39 -2.96 42.59 -30.96
CA LYS D 39 -1.74 43.33 -30.68
C LYS D 39 -2.00 44.57 -29.82
N TYR D 40 -3.15 45.23 -30.01
CA TYR D 40 -3.38 46.55 -29.43
C TYR D 40 -4.38 46.53 -28.29
N ILE D 41 -5.50 45.84 -28.45
CA ILE D 41 -6.63 46.01 -27.54
C ILE D 41 -6.52 45.06 -26.35
N ASP D 42 -7.00 45.52 -25.20
CA ASP D 42 -6.98 44.73 -23.98
C ASP D 42 -7.72 43.42 -24.17
N GLY D 43 -7.31 42.41 -23.39
CA GLY D 43 -7.88 41.09 -23.50
C GLY D 43 -9.37 41.03 -23.24
N GLU D 44 -9.80 41.50 -22.07
CA GLU D 44 -11.21 41.40 -21.71
C GLU D 44 -12.07 42.30 -22.59
N ILE D 45 -11.53 43.40 -23.08
CA ILE D 45 -12.28 44.26 -23.99
C ILE D 45 -12.59 43.51 -25.27
N CYS D 46 -11.58 42.83 -25.84
CA CYS D 46 -11.80 42.02 -27.02
C CYS D 46 -12.88 40.98 -26.76
N HIS D 47 -12.80 40.30 -25.61
CA HIS D 47 -13.72 39.19 -25.35
C HIS D 47 -15.16 39.68 -25.23
N ASP D 48 -15.41 40.69 -24.41
CA ASP D 48 -16.77 41.19 -24.26
C ASP D 48 -17.27 41.88 -25.52
N LEU D 49 -16.37 42.40 -26.35
CA LEU D 49 -16.78 42.84 -27.69
C LEU D 49 -17.23 41.64 -28.51
N PHE D 50 -16.52 40.52 -28.41
CA PHE D 50 -16.97 39.28 -29.04
C PHE D 50 -18.36 38.91 -28.53
N LEU D 51 -18.55 38.86 -27.21
CA LEU D 51 -19.86 38.55 -26.66
C LEU D 51 -20.90 39.55 -27.14
N LEU D 52 -20.54 40.83 -27.24
CA LEU D 52 -21.48 41.84 -27.70
C LEU D 52 -21.93 41.56 -29.12
N LEU D 53 -20.99 41.26 -30.02
CA LEU D 53 -21.34 41.01 -31.41
C LEU D 53 -22.27 39.81 -31.52
N GLY D 54 -22.03 38.77 -30.72
CA GLY D 54 -22.89 37.60 -30.76
C GLY D 54 -24.25 37.83 -30.14
N LYS D 55 -24.30 38.65 -29.07
CA LYS D 55 -25.58 38.89 -28.42
C LYS D 55 -26.56 39.57 -29.35
N TYR D 56 -26.07 40.33 -30.32
CA TYR D 56 -26.91 40.96 -31.33
C TYR D 56 -26.89 40.20 -32.65
N ASN D 57 -26.45 38.94 -32.63
CA ASN D 57 -26.60 38.05 -33.78
C ASN D 57 -25.90 38.61 -35.02
N ILE D 58 -24.75 39.23 -34.82
CA ILE D 58 -23.99 39.77 -35.94
C ILE D 58 -22.95 38.78 -36.46
N LEU D 59 -22.53 37.83 -35.65
CA LEU D 59 -21.49 36.90 -36.04
C LEU D 59 -21.97 36.01 -37.18
N PRO D 60 -21.05 35.44 -37.96
CA PRO D 60 -21.44 34.56 -39.06
C PRO D 60 -21.87 33.20 -38.55
N TYR D 61 -22.66 32.52 -39.38
CA TYR D 61 -23.15 31.19 -39.08
C TYR D 61 -22.39 30.15 -39.89
N ASP D 62 -22.24 28.96 -39.31
CA ASP D 62 -21.84 27.76 -40.03
C ASP D 62 -23.10 26.90 -40.17
N THR D 63 -23.72 26.94 -41.35
CA THR D 63 -24.89 26.12 -41.61
C THR D 63 -24.55 24.86 -42.41
N SER D 64 -23.28 24.55 -42.56
CA SER D 64 -22.87 23.33 -43.23
C SER D 64 -23.28 22.10 -42.43
N ASN D 65 -23.57 21.01 -43.13
CA ASN D 65 -23.83 19.74 -42.48
C ASN D 65 -22.51 19.12 -42.03
N ASP D 66 -22.43 18.76 -40.76
CA ASP D 66 -21.23 18.14 -40.23
C ASP D 66 -21.16 16.67 -40.65
N SER D 67 -19.94 16.18 -40.82
CA SER D 67 -19.75 14.80 -41.24
C SER D 67 -20.31 13.85 -40.19
N ILE D 68 -21.16 12.93 -40.64
CA ILE D 68 -21.71 11.93 -39.72
C ILE D 68 -20.62 11.08 -39.10
N TYR D 69 -19.46 10.99 -39.76
CA TYR D 69 -18.36 10.15 -39.28
C TYR D 69 -17.51 10.83 -38.21
N ALA D 70 -17.76 12.10 -37.91
CA ALA D 70 -17.06 12.79 -36.83
C ALA D 70 -17.96 13.05 -35.63
N CYS D 71 -19.17 12.50 -35.61
CA CYS D 71 -20.03 12.63 -34.45
C CYS D 71 -19.49 11.76 -33.31
N THR D 72 -19.93 12.06 -32.10
CA THR D 72 -19.43 11.35 -30.93
C THR D 72 -20.48 11.46 -29.83
N ASN D 73 -20.23 10.74 -28.74
CA ASN D 73 -21.21 10.68 -27.66
C ASN D 73 -20.51 10.42 -26.34
N ILE D 74 -21.18 10.80 -25.26
CA ILE D 74 -20.79 10.47 -23.90
C ILE D 74 -22.06 9.99 -23.21
N LYS D 75 -22.19 8.67 -23.07
CA LYS D 75 -23.44 8.03 -22.63
C LYS D 75 -24.52 8.48 -23.59
N HIS D 76 -25.66 9.00 -23.12
CA HIS D 76 -26.76 9.33 -24.02
C HIS D 76 -26.62 10.71 -24.67
N LEU D 77 -25.56 11.46 -24.38
CA LEU D 77 -25.37 12.77 -24.98
C LEU D 77 -24.77 12.60 -26.38
N ASP D 78 -25.50 12.98 -27.42
CA ASP D 78 -25.08 12.84 -28.81
C ASP D 78 -24.61 14.20 -29.31
N PHE D 79 -23.31 14.31 -29.58
CA PHE D 79 -22.71 15.51 -30.11
C PHE D 79 -22.68 15.43 -31.64
N ILE D 80 -23.22 16.46 -32.29
CA ILE D 80 -23.26 16.45 -33.76
C ILE D 80 -21.84 16.51 -34.33
N ASN D 81 -20.93 17.18 -33.62
CA ASN D 81 -19.51 17.20 -33.96
C ASN D 81 -18.74 17.22 -32.66
N PRO D 82 -17.43 16.99 -32.67
CA PRO D 82 -16.72 16.76 -31.41
C PRO D 82 -16.11 17.99 -30.76
N PHE D 83 -16.55 19.18 -31.13
CA PHE D 83 -15.95 20.42 -30.66
C PHE D 83 -16.99 21.29 -29.98
N GLY D 84 -16.74 21.63 -28.71
CA GLY D 84 -17.52 22.60 -27.97
C GLY D 84 -16.64 23.71 -27.44
N VAL D 85 -17.28 24.64 -26.74
CA VAL D 85 -16.61 25.78 -26.12
C VAL D 85 -16.50 25.52 -24.63
N ALA D 86 -15.32 25.74 -24.08
CA ALA D 86 -15.05 25.43 -22.68
C ALA D 86 -15.71 26.46 -21.76
N ALA D 87 -15.77 26.10 -20.47
CA ALA D 87 -16.27 27.03 -19.47
C ALA D 87 -15.39 28.28 -19.43
N GLY D 88 -15.99 29.40 -19.03
CA GLY D 88 -15.30 30.66 -18.93
C GLY D 88 -15.45 31.56 -20.13
N PHE D 89 -15.90 31.02 -21.26
CA PHE D 89 -16.07 31.84 -22.46
C PHE D 89 -17.35 32.66 -22.40
N ASP D 90 -18.47 32.00 -22.10
CA ASP D 90 -19.76 32.65 -21.87
C ASP D 90 -20.14 32.35 -20.42
N LYS D 91 -19.55 33.11 -19.49
CA LYS D 91 -19.76 32.82 -18.07
C LYS D 91 -21.21 32.97 -17.68
N ASN D 92 -21.93 33.92 -18.29
CA ASN D 92 -23.31 34.21 -17.92
C ASN D 92 -24.33 33.72 -18.93
N GLY D 93 -23.89 33.06 -20.00
CA GLY D 93 -24.83 32.53 -20.97
C GLY D 93 -25.62 33.59 -21.70
N VAL D 94 -24.98 34.73 -22.00
CA VAL D 94 -25.64 35.80 -22.73
C VAL D 94 -25.49 35.63 -24.25
N CYS D 95 -24.76 34.62 -24.70
CA CYS D 95 -24.34 34.52 -26.09
C CYS D 95 -24.42 33.09 -26.60
N ILE D 96 -25.31 32.28 -26.01
CA ILE D 96 -25.32 30.85 -26.29
C ILE D 96 -25.54 30.60 -27.78
N ASP D 97 -26.59 31.21 -28.33
CA ASP D 97 -27.01 30.88 -29.69
C ASP D 97 -25.89 31.14 -30.71
N SER D 98 -25.31 32.34 -30.72
CA SER D 98 -24.40 32.68 -31.79
C SER D 98 -23.10 31.90 -31.65
N ILE D 99 -22.65 31.67 -30.40
CA ILE D 99 -21.43 30.88 -30.23
C ILE D 99 -21.60 29.49 -30.85
N LEU D 100 -22.72 28.82 -30.57
CA LEU D 100 -22.96 27.50 -31.13
C LEU D 100 -23.05 27.55 -32.65
N LYS D 101 -23.68 28.61 -33.17
CA LYS D 101 -23.87 28.72 -34.62
C LYS D 101 -22.57 29.01 -35.36
N LEU D 102 -21.48 29.26 -34.64
CA LEU D 102 -20.17 29.33 -35.29
C LEU D 102 -19.74 27.96 -35.81
N GLY D 103 -20.34 26.88 -35.31
CA GLY D 103 -20.00 25.54 -35.77
C GLY D 103 -19.75 24.55 -34.65
N PHE D 104 -19.89 25.00 -33.41
CA PHE D 104 -19.65 24.13 -32.27
C PHE D 104 -20.88 23.30 -31.96
N SER D 105 -20.64 22.11 -31.42
CA SER D 105 -21.73 21.19 -31.08
C SER D 105 -22.26 21.38 -29.67
N PHE D 106 -21.50 22.01 -28.78
CA PHE D 106 -21.97 22.24 -27.42
C PHE D 106 -21.15 23.36 -26.80
N ILE D 107 -21.62 23.82 -25.64
CA ILE D 107 -20.96 24.88 -24.90
C ILE D 107 -21.17 24.63 -23.40
N GLU D 108 -20.19 25.01 -22.61
CA GLU D 108 -20.24 24.91 -21.15
C GLU D 108 -20.27 26.32 -20.59
N ILE D 109 -21.43 26.75 -20.11
CA ILE D 109 -21.57 28.09 -19.53
C ILE D 109 -21.09 28.04 -18.09
N GLY D 110 -20.91 29.20 -17.48
CA GLY D 110 -20.29 29.26 -16.17
C GLY D 110 -18.79 29.46 -16.28
N THR D 111 -18.09 29.25 -15.17
CA THR D 111 -18.66 28.76 -13.93
C THR D 111 -19.53 29.81 -13.25
N ILE D 112 -20.60 29.35 -12.60
CA ILE D 112 -21.55 30.23 -11.95
C ILE D 112 -21.49 30.00 -10.44
N THR D 113 -21.83 31.04 -9.70
CA THR D 113 -21.89 31.03 -8.24
C THR D 113 -23.32 31.29 -7.79
N PRO D 114 -23.71 30.84 -6.59
CA PRO D 114 -25.05 31.18 -6.09
C PRO D 114 -25.33 32.67 -6.12
N ARG D 115 -24.39 33.49 -5.64
CA ARG D 115 -24.51 34.94 -5.68
C ARG D 115 -23.59 35.50 -6.77
N GLY D 116 -24.04 36.57 -7.40
CA GLY D 116 -23.21 37.23 -8.39
C GLY D 116 -21.93 37.75 -7.77
N GLN D 117 -20.89 37.86 -8.61
CA GLN D 117 -19.58 38.32 -8.15
C GLN D 117 -18.96 39.23 -9.20
N THR D 118 -18.14 40.16 -8.73
CA THR D 118 -17.42 41.06 -9.61
C THR D 118 -16.10 40.47 -10.08
N GLY D 119 -15.52 39.56 -9.32
CA GLY D 119 -14.23 38.99 -9.66
C GLY D 119 -13.08 39.89 -9.24
N ASN D 120 -11.87 39.43 -9.54
CA ASN D 120 -10.69 40.18 -9.18
C ASN D 120 -10.55 41.43 -10.04
N ALA D 121 -9.60 42.28 -9.66
CA ALA D 121 -9.50 43.60 -10.26
C ALA D 121 -8.93 43.51 -11.67
N LYS D 122 -9.48 44.29 -12.56
CA LYS D 122 -8.94 44.31 -13.91
C LYS D 122 -7.77 45.29 -14.01
N PRO D 123 -6.81 45.07 -14.92
CA PRO D 123 -6.86 43.97 -15.88
C PRO D 123 -6.53 42.61 -15.28
N ARG D 124 -7.25 41.57 -15.70
CA ARG D 124 -7.07 40.23 -15.15
C ARG D 124 -6.88 39.18 -16.23
N ILE D 125 -6.75 39.58 -17.49
CA ILE D 125 -6.56 38.66 -18.60
C ILE D 125 -5.49 39.23 -19.52
N PHE D 126 -4.51 38.39 -19.87
CA PHE D 126 -3.44 38.81 -20.76
C PHE D 126 -3.06 37.64 -21.67
N ARG D 127 -2.65 37.99 -22.88
CA ARG D 127 -2.25 37.02 -23.89
C ARG D 127 -0.81 37.26 -24.31
N ASP D 128 -0.14 36.20 -24.73
CA ASP D 128 1.18 36.29 -25.38
C ASP D 128 1.04 35.57 -26.72
N VAL D 129 0.92 36.34 -27.80
CA VAL D 129 0.55 35.77 -29.08
C VAL D 129 1.62 34.83 -29.61
N GLU D 130 2.89 35.17 -29.39
CA GLU D 130 3.97 34.37 -29.96
C GLU D 130 3.94 32.94 -29.44
N SER D 131 3.47 32.73 -28.22
CA SER D 131 3.34 31.40 -27.65
C SER D 131 1.90 30.90 -27.64
N ARG D 132 0.95 31.70 -28.10
CA ARG D 132 -0.46 31.32 -28.16
C ARG D 132 -0.93 30.82 -26.79
N SER D 133 -0.57 31.56 -25.75
CA SER D 133 -0.92 31.21 -24.38
C SER D 133 -1.67 32.37 -23.74
N ILE D 134 -2.40 32.04 -22.67
CA ILE D 134 -3.22 33.01 -21.95
C ILE D 134 -3.01 32.80 -20.47
N ILE D 135 -3.07 33.89 -19.71
CA ILE D 135 -3.02 33.85 -18.25
C ILE D 135 -4.17 34.71 -17.74
N ASN D 136 -4.92 34.19 -16.78
CA ASN D 136 -6.09 34.89 -16.26
C ASN D 136 -6.18 34.71 -14.75
N SER D 137 -6.72 35.72 -14.09
CA SER D 137 -7.01 35.67 -12.65
C SER D 137 -8.38 36.31 -12.43
N CYS D 138 -9.40 35.76 -13.10
CA CYS D 138 -10.73 36.36 -13.06
C CYS D 138 -11.36 36.22 -11.68
N GLY D 139 -11.45 34.99 -11.18
CA GLY D 139 -12.02 34.76 -9.86
C GLY D 139 -13.52 34.58 -9.86
N PHE D 140 -14.03 33.77 -10.78
CA PHE D 140 -15.45 33.44 -10.85
C PHE D 140 -16.31 34.70 -10.93
N ASN D 141 -16.04 35.52 -11.95
CA ASN D 141 -16.84 36.71 -12.22
C ASN D 141 -18.06 36.31 -13.03
N ASN D 142 -19.24 36.46 -12.44
CA ASN D 142 -20.48 36.08 -13.12
C ASN D 142 -21.64 36.81 -12.45
N MET D 143 -22.80 36.73 -13.09
CA MET D 143 -23.99 37.47 -12.67
C MET D 143 -24.80 36.74 -11.61
N GLY D 144 -24.38 35.55 -11.20
CA GLY D 144 -25.11 34.83 -10.18
C GLY D 144 -26.03 33.76 -10.76
N CYS D 145 -26.23 32.70 -9.98
CA CYS D 145 -26.93 31.53 -10.48
C CYS D 145 -28.31 31.88 -11.05
N ASP D 146 -29.15 32.52 -10.25
CA ASP D 146 -30.54 32.72 -10.65
C ASP D 146 -30.63 33.54 -11.94
N LYS D 147 -29.75 34.53 -12.10
CA LYS D 147 -29.79 35.34 -13.31
C LYS D 147 -29.28 34.56 -14.51
N VAL D 148 -28.23 33.76 -14.33
CA VAL D 148 -27.77 32.90 -15.42
C VAL D 148 -28.84 31.87 -15.76
N THR D 149 -29.56 31.38 -14.76
CA THR D 149 -30.65 30.45 -15.00
C THR D 149 -31.67 31.04 -15.96
N GLU D 150 -32.07 32.29 -15.73
CA GLU D 150 -33.04 32.94 -16.61
C GLU D 150 -32.49 33.08 -18.02
N ASN D 151 -31.20 33.39 -18.15
CA ASN D 151 -30.58 33.46 -19.48
C ASN D 151 -30.68 32.11 -20.18
N LEU D 152 -30.41 31.03 -19.46
CA LEU D 152 -30.46 29.69 -20.06
C LEU D 152 -31.89 29.31 -20.39
N ILE D 153 -32.84 29.66 -19.53
CA ILE D 153 -34.25 29.39 -19.82
C ILE D 153 -34.64 30.06 -21.14
N LEU D 154 -34.24 31.31 -21.32
CA LEU D 154 -34.57 32.02 -22.54
C LEU D 154 -33.94 31.34 -23.76
N PHE D 155 -32.72 30.83 -23.60
CA PHE D 155 -32.11 30.10 -24.70
C PHE D 155 -32.90 28.83 -25.02
N ARG D 156 -33.28 28.08 -23.98
CA ARG D 156 -34.02 26.84 -24.20
C ARG D 156 -35.33 27.10 -24.92
N LYS D 157 -35.98 28.24 -24.67
CA LYS D 157 -37.20 28.57 -25.39
C LYS D 157 -36.89 28.95 -26.84
N ARG D 158 -35.81 29.68 -27.08
CA ARG D 158 -35.39 29.97 -28.44
C ARG D 158 -35.00 28.68 -29.17
N GLN D 159 -34.28 27.80 -28.47
CA GLN D 159 -33.86 26.54 -29.08
C GLN D 159 -35.05 25.70 -29.54
N GLU D 160 -36.18 25.81 -28.85
CA GLU D 160 -37.36 25.03 -29.23
C GLU D 160 -37.86 25.44 -30.62
N GLU D 161 -37.61 26.68 -31.03
CA GLU D 161 -38.12 27.21 -32.28
C GLU D 161 -37.06 27.34 -33.36
N ASP D 162 -35.78 27.14 -33.04
CA ASP D 162 -34.68 27.34 -33.98
C ASP D 162 -34.29 26.02 -34.61
N LYS D 163 -34.21 25.99 -35.94
CA LYS D 163 -33.85 24.78 -36.65
C LYS D 163 -32.37 24.46 -36.60
N LEU D 164 -31.53 25.42 -36.20
CA LEU D 164 -30.10 25.18 -36.14
C LEU D 164 -29.63 24.62 -34.80
N LEU D 165 -30.41 24.82 -33.73
CA LEU D 165 -29.96 24.49 -32.38
C LEU D 165 -30.62 23.25 -31.80
N SER D 166 -31.40 22.53 -32.61
CA SER D 166 -32.24 21.46 -32.07
C SER D 166 -31.45 20.42 -31.30
N LYS D 167 -30.22 20.09 -31.73
CA LYS D 167 -29.48 19.03 -31.08
C LYS D 167 -28.23 19.50 -30.36
N HIS D 168 -27.99 20.81 -30.27
CA HIS D 168 -26.82 21.33 -29.58
C HIS D 168 -26.97 21.13 -28.07
N ILE D 169 -25.85 20.84 -27.42
CA ILE D 169 -25.81 20.50 -26.00
C ILE D 169 -25.31 21.71 -25.21
N VAL D 170 -25.89 21.92 -24.04
CA VAL D 170 -25.47 23.01 -23.16
C VAL D 170 -25.24 22.44 -21.77
N GLY D 171 -24.00 22.55 -21.27
CA GLY D 171 -23.70 22.15 -19.93
C GLY D 171 -23.48 23.37 -19.05
N VAL D 172 -23.51 23.19 -17.73
CA VAL D 172 -23.36 24.28 -16.78
C VAL D 172 -22.26 23.89 -15.79
N SER D 173 -21.24 24.74 -15.69
CA SER D 173 -20.20 24.58 -14.69
C SER D 173 -20.61 25.35 -13.44
N ILE D 174 -20.53 24.70 -12.28
CA ILE D 174 -20.99 25.26 -11.03
C ILE D 174 -19.81 25.33 -10.06
N GLY D 175 -19.72 26.45 -9.33
CA GLY D 175 -18.63 26.67 -8.41
C GLY D 175 -19.08 27.22 -7.08
N LYS D 176 -18.17 27.89 -6.36
CA LYS D 176 -18.45 28.40 -5.03
C LYS D 176 -18.24 29.91 -4.99
N ASN D 177 -19.03 30.58 -4.15
CA ASN D 177 -18.76 31.97 -3.84
C ASN D 177 -17.49 32.08 -3.02
N LYS D 178 -16.82 33.22 -3.11
CA LYS D 178 -15.46 33.35 -2.58
C LYS D 178 -15.42 33.00 -1.10
N ASP D 179 -16.34 33.54 -0.32
CA ASP D 179 -16.29 33.38 1.14
C ASP D 179 -17.22 32.29 1.65
N THR D 180 -17.79 31.48 0.77
CA THR D 180 -18.55 30.32 1.23
C THR D 180 -17.60 29.32 1.91
N VAL D 181 -18.02 28.80 3.06
CA VAL D 181 -17.19 27.86 3.80
C VAL D 181 -17.27 26.47 3.19
N ASN D 182 -18.48 25.91 3.11
CA ASN D 182 -18.71 24.58 2.57
C ASN D 182 -19.11 24.70 1.10
N ILE D 183 -18.29 24.12 0.22
CA ILE D 183 -18.54 24.23 -1.21
C ILE D 183 -19.84 23.54 -1.59
N VAL D 184 -20.14 22.42 -0.92
CA VAL D 184 -21.28 21.60 -1.34
C VAL D 184 -22.58 22.37 -1.25
N ASP D 185 -22.74 23.26 -0.28
CA ASP D 185 -23.99 23.99 -0.16
C ASP D 185 -24.18 24.91 -1.37
N ASP D 186 -23.08 25.52 -1.84
CA ASP D 186 -23.20 26.31 -3.07
C ASP D 186 -23.61 25.44 -4.25
N LEU D 187 -23.00 24.25 -4.37
CA LEU D 187 -23.30 23.38 -5.51
C LEU D 187 -24.77 22.99 -5.53
N LYS D 188 -25.31 22.60 -4.38
CA LYS D 188 -26.69 22.13 -4.33
C LYS D 188 -27.68 23.25 -4.61
N TYR D 189 -27.36 24.48 -4.21
CA TYR D 189 -28.22 25.59 -4.56
C TYR D 189 -28.29 25.77 -6.07
N CYS D 190 -27.14 25.76 -6.73
CA CYS D 190 -27.11 25.91 -8.18
C CYS D 190 -27.86 24.77 -8.87
N ILE D 191 -27.70 23.55 -8.36
CA ILE D 191 -28.34 22.40 -9.00
C ILE D 191 -29.87 22.53 -8.94
N ASN D 192 -30.39 22.89 -7.77
CA ASN D 192 -31.83 22.97 -7.61
C ASN D 192 -32.45 24.12 -8.40
N LYS D 193 -31.65 25.10 -8.83
CA LYS D 193 -32.17 26.21 -9.61
C LYS D 193 -31.95 26.03 -11.10
N ILE D 194 -30.79 25.51 -11.52
CA ILE D 194 -30.43 25.44 -12.92
C ILE D 194 -30.35 24.01 -13.45
N GLY D 195 -30.36 23.00 -12.57
CA GLY D 195 -30.18 21.64 -13.04
C GLY D 195 -31.19 21.20 -14.07
N ARG D 196 -32.43 21.69 -13.96
CA ARG D 196 -33.49 21.27 -14.88
C ARG D 196 -33.17 21.63 -16.32
N TYR D 197 -32.38 22.68 -16.54
CA TYR D 197 -32.16 23.23 -17.86
C TYR D 197 -30.80 22.87 -18.44
N ALA D 198 -30.06 22.00 -17.76
CA ALA D 198 -28.71 21.62 -18.17
C ALA D 198 -28.72 20.22 -18.76
N ASP D 199 -27.95 20.05 -19.83
CA ASP D 199 -27.74 18.71 -20.37
C ASP D 199 -26.71 17.94 -19.55
N TYR D 200 -25.77 18.65 -18.93
CA TYR D 200 -24.83 18.05 -17.99
C TYR D 200 -24.35 19.12 -17.03
N ILE D 201 -23.77 18.67 -15.92
CA ILE D 201 -23.25 19.55 -14.89
C ILE D 201 -21.77 19.26 -14.70
N ALA D 202 -20.96 20.30 -14.65
CA ALA D 202 -19.52 20.19 -14.45
C ALA D 202 -19.15 20.80 -13.10
N ILE D 203 -18.60 19.97 -12.22
CA ILE D 203 -18.21 20.42 -10.89
C ILE D 203 -16.81 21.03 -10.99
N ASN D 204 -16.70 22.33 -10.74
CA ASN D 204 -15.43 23.04 -10.88
C ASN D 204 -14.72 23.04 -9.54
N VAL D 205 -13.80 22.09 -9.35
CA VAL D 205 -12.94 22.04 -8.18
C VAL D 205 -11.51 22.31 -8.66
N SER D 206 -11.38 23.10 -9.72
CA SER D 206 -10.14 23.22 -10.47
C SER D 206 -9.60 24.62 -10.62
N SER D 207 -10.41 25.65 -10.39
CA SER D 207 -9.94 27.01 -10.64
C SER D 207 -8.74 27.33 -9.76
N PRO D 208 -7.66 27.88 -10.31
CA PRO D 208 -6.54 28.33 -9.47
C PRO D 208 -6.74 29.71 -8.88
N ASN D 209 -7.83 30.40 -9.21
CA ASN D 209 -8.03 31.79 -8.83
C ASN D 209 -9.05 31.95 -7.70
N THR D 210 -9.51 30.86 -7.10
CA THR D 210 -10.34 30.92 -5.90
C THR D 210 -9.57 30.26 -4.77
N PRO D 211 -9.11 31.01 -3.77
CA PRO D 211 -8.25 30.40 -2.73
C PRO D 211 -8.93 29.22 -2.06
N GLY D 212 -8.25 28.08 -2.05
CA GLY D 212 -8.71 26.90 -1.36
C GLY D 212 -9.60 25.98 -2.16
N LEU D 213 -9.90 26.31 -3.42
CA LEU D 213 -10.83 25.49 -4.18
C LEU D 213 -10.19 24.17 -4.64
N ARG D 214 -8.93 24.21 -5.06
CA ARG D 214 -8.30 23.03 -5.63
C ARG D 214 -8.08 21.93 -4.60
N ASP D 215 -8.09 22.26 -3.30
CA ASP D 215 -7.96 21.24 -2.27
C ASP D 215 -9.16 20.32 -2.20
N ASN D 216 -10.27 20.67 -2.85
CA ASN D 216 -11.40 19.76 -2.94
C ASN D 216 -11.12 18.57 -3.83
N GLN D 217 -10.04 18.60 -4.62
CA GLN D 217 -9.63 17.44 -5.39
C GLN D 217 -9.08 16.32 -4.52
N GLU D 218 -8.78 16.59 -3.25
CA GLU D 218 -8.45 15.54 -2.31
C GLU D 218 -9.54 14.48 -2.32
N ALA D 219 -9.14 13.21 -2.41
CA ALA D 219 -10.08 12.14 -2.67
C ALA D 219 -11.26 12.18 -1.71
N GLY D 220 -10.99 12.34 -0.42
CA GLY D 220 -12.05 12.30 0.57
C GLY D 220 -13.14 13.32 0.29
N LYS D 221 -12.76 14.58 0.13
CA LYS D 221 -13.74 15.64 -0.09
C LYS D 221 -14.27 15.64 -1.51
N LEU D 222 -13.53 15.10 -2.48
CA LEU D 222 -14.06 15.00 -3.83
C LEU D 222 -15.19 13.99 -3.90
N LYS D 223 -15.05 12.85 -3.22
CA LYS D 223 -16.10 11.84 -3.20
C LYS D 223 -17.40 12.41 -2.66
N ASN D 224 -17.34 13.03 -1.47
CA ASN D 224 -18.55 13.58 -0.86
C ASN D 224 -19.18 14.63 -1.76
N ILE D 225 -18.36 15.41 -2.47
CA ILE D 225 -18.90 16.43 -3.36
C ILE D 225 -19.67 15.79 -4.51
N ILE D 226 -19.09 14.77 -5.14
CA ILE D 226 -19.74 14.13 -6.27
C ILE D 226 -21.04 13.46 -5.82
N LEU D 227 -20.99 12.75 -4.69
CA LEU D 227 -22.18 12.05 -4.22
C LEU D 227 -23.31 13.01 -3.89
N SER D 228 -23.02 14.13 -3.23
CA SER D 228 -24.07 15.07 -2.89
C SER D 228 -24.65 15.72 -4.15
N VAL D 229 -23.78 16.06 -5.11
CA VAL D 229 -24.27 16.63 -6.36
C VAL D 229 -25.19 15.64 -7.06
N LYS D 230 -24.75 14.38 -7.16
CA LYS D 230 -25.58 13.35 -7.78
C LYS D 230 -26.86 13.15 -7.00
N GLU D 231 -26.79 13.19 -5.68
CA GLU D 231 -27.98 13.01 -4.85
C GLU D 231 -28.97 14.15 -5.08
N GLU D 232 -28.47 15.37 -5.20
CA GLU D 232 -29.35 16.51 -5.42
C GLU D 232 -30.04 16.41 -6.78
N ILE D 233 -29.33 15.92 -7.80
CA ILE D 233 -29.92 15.79 -9.12
C ILE D 233 -30.97 14.68 -9.13
N ASP D 234 -30.73 13.61 -8.37
CA ASP D 234 -31.69 12.52 -8.31
C ASP D 234 -32.99 12.96 -7.64
N ASN D 235 -32.91 13.85 -6.66
CA ASN D 235 -34.10 14.31 -5.95
C ASN D 235 -34.83 15.42 -6.70
N LEU D 236 -34.24 15.99 -7.75
CA LEU D 236 -34.96 16.96 -8.55
C LEU D 236 -36.23 16.37 -9.12
N GLU D 237 -36.20 15.07 -9.47
CA GLU D 237 -37.40 14.43 -10.01
C GLU D 237 -38.47 14.31 -8.94
N LYS D 238 -38.06 14.04 -7.70
CA LYS D 238 -39.04 13.81 -6.63
C LYS D 238 -39.67 15.10 -6.14
N ASN D 239 -38.96 16.20 -6.14
CA ASN D 239 -39.54 17.48 -5.71
C ASN D 239 -39.85 18.34 -6.93
N PHE D 246 -41.52 17.71 -19.28
CA PHE D 246 -41.73 18.94 -18.52
C PHE D 246 -40.53 19.22 -17.62
N LEU D 247 -40.19 18.26 -16.76
CA LEU D 247 -39.14 18.49 -15.77
C LEU D 247 -37.83 18.86 -16.44
N TRP D 248 -37.41 18.09 -17.43
CA TRP D 248 -36.12 18.28 -18.08
C TRP D 248 -36.32 19.17 -19.30
N PHE D 249 -36.12 20.48 -19.10
CA PHE D 249 -36.24 21.46 -20.17
C PHE D 249 -34.88 21.73 -20.78
N ASN D 250 -34.37 20.70 -21.45
CA ASN D 250 -33.03 20.71 -22.01
C ASN D 250 -33.06 19.96 -23.34
N THR D 251 -31.88 19.68 -23.88
CA THR D 251 -31.81 19.02 -25.18
C THR D 251 -32.18 17.55 -25.06
N THR D 252 -31.71 16.87 -24.02
CA THR D 252 -31.87 15.44 -23.91
C THR D 252 -33.23 15.03 -23.40
N LYS D 253 -33.90 15.90 -22.63
CA LYS D 253 -35.12 15.54 -21.91
C LYS D 253 -34.84 14.47 -20.85
N LYS D 254 -33.61 14.44 -20.35
CA LYS D 254 -33.18 13.50 -19.32
C LYS D 254 -32.42 14.26 -18.24
N LYS D 255 -32.30 13.65 -17.07
CA LYS D 255 -31.57 14.27 -15.99
C LYS D 255 -30.14 14.55 -16.45
N PRO D 256 -29.54 15.68 -16.04
CA PRO D 256 -28.20 16.01 -16.53
C PRO D 256 -27.15 15.02 -16.05
N LEU D 257 -26.16 14.77 -16.91
CA LEU D 257 -24.99 14.01 -16.50
C LEU D 257 -24.07 14.87 -15.64
N VAL D 258 -23.19 14.21 -14.90
CA VAL D 258 -22.31 14.86 -13.93
C VAL D 258 -20.87 14.63 -14.33
N PHE D 259 -20.17 15.71 -14.65
CA PHE D 259 -18.73 15.68 -14.92
C PHE D 259 -17.99 16.40 -13.80
N VAL D 260 -16.69 16.14 -13.71
CA VAL D 260 -15.80 16.87 -12.82
C VAL D 260 -14.63 17.39 -13.64
N LYS D 261 -14.26 18.65 -13.42
CA LYS D 261 -13.13 19.28 -14.10
C LYS D 261 -11.94 19.28 -13.14
N LEU D 262 -10.83 18.70 -13.58
CA LEU D 262 -9.66 18.51 -12.74
C LEU D 262 -8.53 19.45 -13.17
N ALA D 263 -7.65 19.78 -12.21
CA ALA D 263 -6.50 20.62 -12.48
C ALA D 263 -5.31 19.76 -12.89
N PRO D 264 -4.47 20.25 -13.80
CA PRO D 264 -3.29 19.45 -14.22
C PRO D 264 -2.16 19.45 -13.21
N ASP D 265 -2.20 20.31 -12.20
CA ASP D 265 -1.10 20.44 -11.24
C ASP D 265 -1.36 19.47 -10.07
N LEU D 266 -1.10 18.20 -10.34
CA LEU D 266 -1.26 17.14 -9.34
C LEU D 266 -0.20 16.08 -9.59
N ASN D 267 0.24 15.43 -8.51
CA ASN D 267 1.21 14.36 -8.63
C ASN D 267 0.48 13.04 -8.89
N GLN D 268 1.27 11.98 -9.14
CA GLN D 268 0.70 10.73 -9.61
C GLN D 268 -0.26 10.12 -8.59
N GLU D 269 0.12 10.11 -7.31
CA GLU D 269 -0.69 9.43 -6.33
C GLU D 269 -2.03 10.14 -6.12
N GLN D 270 -2.03 11.48 -6.11
CA GLN D 270 -3.31 12.19 -6.03
C GLN D 270 -4.18 11.86 -7.24
N LYS D 271 -3.59 11.83 -8.44
CA LYS D 271 -4.34 11.44 -9.62
C LYS D 271 -4.91 10.04 -9.46
N LYS D 272 -4.14 9.12 -8.89
CA LYS D 272 -4.61 7.76 -8.70
C LYS D 272 -5.74 7.70 -7.68
N GLU D 273 -5.63 8.46 -6.59
CA GLU D 273 -6.70 8.50 -5.61
C GLU D 273 -7.98 9.10 -6.20
N ILE D 274 -7.83 10.14 -7.03
CA ILE D 274 -8.98 10.73 -7.69
C ILE D 274 -9.62 9.71 -8.63
N ALA D 275 -8.78 9.02 -9.41
CA ALA D 275 -9.31 8.01 -10.34
C ALA D 275 -10.17 7.00 -9.61
N ASP D 276 -9.69 6.48 -8.47
CA ASP D 276 -10.46 5.51 -7.71
C ASP D 276 -11.81 6.08 -7.30
N VAL D 277 -11.83 7.34 -6.84
CA VAL D 277 -13.08 7.94 -6.38
C VAL D 277 -14.05 8.12 -7.53
N LEU D 278 -13.56 8.51 -8.71
CA LEU D 278 -14.44 8.68 -9.86
C LEU D 278 -15.09 7.36 -10.26
N LEU D 279 -14.37 6.25 -10.10
CA LEU D 279 -14.97 4.95 -10.38
C LEU D 279 -15.95 4.55 -9.27
N GLU D 280 -15.55 4.76 -8.01
CA GLU D 280 -16.47 4.52 -6.91
C GLU D 280 -17.77 5.30 -7.08
N THR D 281 -17.66 6.56 -7.51
CA THR D 281 -18.83 7.44 -7.63
C THR D 281 -19.64 7.17 -8.89
N ASN D 282 -19.14 6.36 -9.82
CA ASN D 282 -19.80 6.14 -11.10
C ASN D 282 -20.06 7.46 -11.82
N ILE D 283 -19.09 8.38 -11.77
CA ILE D 283 -19.23 9.67 -12.42
C ILE D 283 -19.34 9.47 -13.93
N ASP D 284 -20.00 10.42 -14.59
CA ASP D 284 -20.31 10.27 -16.01
C ASP D 284 -19.18 10.71 -16.92
N GLY D 285 -18.22 11.48 -16.43
CA GLY D 285 -17.10 11.89 -17.26
C GLY D 285 -16.18 12.82 -16.50
N MET D 286 -15.01 13.05 -17.09
CA MET D 286 -14.02 13.95 -16.54
C MET D 286 -13.64 14.97 -17.60
N ILE D 287 -13.48 16.23 -17.17
CA ILE D 287 -12.99 17.29 -18.03
C ILE D 287 -11.53 17.51 -17.69
N ILE D 288 -10.64 17.17 -18.63
CA ILE D 288 -9.20 17.26 -18.43
C ILE D 288 -8.64 18.14 -19.54
N SER D 289 -8.18 19.33 -19.20
CA SER D 289 -8.13 19.82 -17.82
C SER D 289 -8.30 21.34 -17.75
N ASN D 290 -8.15 21.89 -16.54
CA ASN D 290 -8.24 23.32 -16.32
C ASN D 290 -6.87 23.95 -16.57
N THR D 291 -6.70 25.20 -16.11
CA THR D 291 -5.44 25.91 -16.33
C THR D 291 -4.36 25.41 -15.38
N THR D 292 -3.12 25.66 -15.75
CA THR D 292 -1.97 25.21 -14.97
C THR D 292 -1.31 26.39 -14.27
N THR D 293 -0.69 26.09 -13.12
CA THR D 293 0.04 27.08 -12.34
C THR D 293 1.54 26.89 -12.45
N GLN D 294 2.01 26.03 -13.36
CA GLN D 294 3.39 25.58 -13.35
C GLN D 294 4.15 25.93 -14.63
N ILE D 295 3.70 26.91 -15.40
CA ILE D 295 4.44 27.36 -16.58
C ILE D 295 5.12 28.67 -16.21
N ASN D 296 6.42 28.62 -15.97
CA ASN D 296 7.25 29.74 -15.56
C ASN D 296 7.97 30.40 -16.73
N ASP D 297 7.81 29.88 -17.95
CA ASP D 297 8.72 30.19 -19.05
C ASP D 297 8.12 31.13 -20.08
N ILE D 298 7.25 32.05 -19.66
CA ILE D 298 6.66 33.05 -20.53
C ILE D 298 7.06 34.42 -19.99
N LYS D 299 7.97 35.09 -20.70
CA LYS D 299 8.45 36.38 -20.24
C LYS D 299 7.31 37.37 -20.09
N SER D 300 6.32 37.30 -20.97
CA SER D 300 5.20 38.23 -20.91
C SER D 300 4.46 38.14 -19.58
N PHE D 301 4.40 36.95 -18.98
CA PHE D 301 3.59 36.73 -17.79
C PHE D 301 4.42 36.71 -16.51
N GLU D 302 5.70 37.09 -16.58
CA GLU D 302 6.52 37.16 -15.37
C GLU D 302 5.86 38.00 -14.29
N ASN D 303 5.18 39.09 -14.71
CA ASN D 303 4.53 39.99 -13.79
C ASN D 303 3.21 39.45 -13.25
N LYS D 304 2.49 38.68 -14.04
CA LYS D 304 1.08 38.38 -13.81
C LYS D 304 0.92 37.12 -12.98
N LYS D 305 -0.29 36.94 -12.46
CA LYS D 305 -0.66 35.80 -11.64
C LYS D 305 -1.87 35.11 -12.27
N GLY D 306 -2.06 33.85 -11.90
CA GLY D 306 -3.21 33.07 -12.33
C GLY D 306 -2.82 31.79 -13.03
N GLY D 307 -3.81 31.17 -13.68
CA GLY D 307 -3.57 29.95 -14.41
C GLY D 307 -3.32 30.20 -15.89
N VAL D 308 -2.53 29.33 -16.48
CA VAL D 308 -2.09 29.48 -17.87
C VAL D 308 -2.91 28.57 -18.77
N SER D 309 -3.32 29.09 -19.92
CA SER D 309 -4.02 28.34 -20.94
C SER D 309 -3.23 28.40 -22.24
N GLY D 310 -3.68 27.61 -23.22
CA GLY D 310 -3.15 27.74 -24.56
C GLY D 310 -2.13 26.70 -24.96
N ALA D 311 -1.22 27.09 -25.85
CA ALA D 311 -0.35 26.13 -26.51
C ALA D 311 0.52 25.37 -25.53
N LYS D 312 1.12 26.08 -24.57
CA LYS D 312 2.09 25.44 -23.67
C LYS D 312 1.43 24.55 -22.62
N LEU D 313 0.10 24.52 -22.53
CA LEU D 313 -0.58 23.57 -21.65
C LEU D 313 -0.93 22.28 -22.37
N LYS D 314 -0.80 22.26 -23.70
CA LYS D 314 -1.26 21.12 -24.48
C LYS D 314 -0.70 19.79 -23.99
N ASP D 315 0.62 19.62 -24.05
CA ASP D 315 1.23 18.33 -23.72
C ASP D 315 1.01 17.96 -22.28
N ILE D 316 0.94 18.95 -21.38
CA ILE D 316 0.59 18.66 -20.00
C ILE D 316 -0.82 18.08 -19.93
N SER D 317 -1.75 18.66 -20.70
CA SER D 317 -3.12 18.15 -20.70
C SER D 317 -3.20 16.77 -21.31
N THR D 318 -2.57 16.58 -22.47
CA THR D 318 -2.63 15.29 -23.14
C THR D 318 -2.05 14.19 -22.27
N LYS D 319 -0.89 14.46 -21.64
CA LYS D 319 -0.30 13.50 -20.71
C LYS D 319 -1.27 13.20 -19.57
N PHE D 320 -1.92 14.22 -19.03
CA PHE D 320 -2.91 14.02 -17.97
C PHE D 320 -4.04 13.12 -18.45
N ILE D 321 -4.47 13.29 -19.71
CA ILE D 321 -5.54 12.46 -20.25
C ILE D 321 -5.11 10.99 -20.31
N CYS D 322 -3.89 10.76 -20.79
CA CYS D 322 -3.39 9.39 -20.89
C CYS D 322 -3.41 8.70 -19.52
N GLU D 323 -2.99 9.43 -18.47
CA GLU D 323 -2.89 8.81 -17.15
C GLU D 323 -4.26 8.46 -16.59
N MET D 324 -5.21 9.41 -16.63
CA MET D 324 -6.54 9.14 -16.09
C MET D 324 -7.27 8.09 -16.91
N TYR D 325 -7.06 8.08 -18.22
CA TYR D 325 -7.64 7.03 -19.06
C TYR D 325 -7.21 5.65 -18.58
N ASN D 326 -5.95 5.50 -18.19
CA ASN D 326 -5.47 4.22 -17.72
C ASN D 326 -5.83 3.97 -16.26
N TYR D 327 -5.71 5.00 -15.42
CA TYR D 327 -6.03 4.83 -14.00
C TYR D 327 -7.52 4.51 -13.80
N THR D 328 -8.38 4.97 -14.69
CA THR D 328 -9.81 4.67 -14.62
C THR D 328 -10.18 3.44 -15.44
N ASN D 329 -9.19 2.77 -16.05
CA ASN D 329 -9.43 1.55 -16.81
C ASN D 329 -10.40 1.78 -17.98
N LYS D 330 -10.35 2.96 -18.58
CA LYS D 330 -11.09 3.30 -19.78
C LYS D 330 -12.60 3.38 -19.57
N GLN D 331 -13.06 3.46 -18.32
CA GLN D 331 -14.48 3.38 -18.03
C GLN D 331 -15.14 4.74 -17.85
N ILE D 332 -14.38 5.81 -17.74
CA ILE D 332 -14.92 7.15 -17.54
C ILE D 332 -14.66 7.97 -18.79
N PRO D 333 -15.70 8.41 -19.52
CA PRO D 333 -15.46 9.26 -20.69
C PRO D 333 -14.69 10.51 -20.32
N ILE D 334 -13.91 11.01 -21.28
CA ILE D 334 -13.00 12.13 -21.05
C ILE D 334 -13.37 13.26 -22.00
N ILE D 335 -13.50 14.47 -21.45
CA ILE D 335 -13.66 15.69 -22.24
C ILE D 335 -12.31 16.41 -22.22
N ALA D 336 -11.73 16.63 -23.39
CA ALA D 336 -10.41 17.22 -23.51
C ALA D 336 -10.48 18.73 -23.50
N SER D 337 -9.56 19.36 -22.77
CA SER D 337 -9.45 20.81 -22.75
C SER D 337 -8.00 21.16 -22.45
N GLY D 338 -7.36 21.91 -23.36
CA GLY D 338 -6.00 22.34 -23.13
C GLY D 338 -5.15 22.40 -24.38
N GLY D 339 -4.93 23.61 -24.90
CA GLY D 339 -4.02 23.79 -26.01
C GLY D 339 -4.45 23.16 -27.31
N ILE D 340 -5.75 23.04 -27.54
CA ILE D 340 -6.27 22.48 -28.79
C ILE D 340 -6.47 23.64 -29.76
N PHE D 341 -5.67 23.68 -30.82
CA PHE D 341 -5.79 24.71 -31.84
C PHE D 341 -6.07 24.16 -33.23
N SER D 342 -5.66 22.92 -33.52
CA SER D 342 -5.77 22.36 -34.85
C SER D 342 -6.36 20.95 -34.76
N GLY D 343 -6.74 20.42 -35.93
CA GLY D 343 -7.21 19.05 -35.97
C GLY D 343 -6.17 18.07 -35.47
N LEU D 344 -4.89 18.39 -35.66
CA LEU D 344 -3.83 17.54 -35.15
C LEU D 344 -3.85 17.49 -33.62
N ASP D 345 -4.02 18.64 -32.97
CA ASP D 345 -4.15 18.64 -31.51
C ASP D 345 -5.39 17.87 -31.08
N ALA D 346 -6.50 18.04 -31.80
CA ALA D 346 -7.73 17.34 -31.44
C ALA D 346 -7.55 15.82 -31.55
N LEU D 347 -6.90 15.36 -32.62
CA LEU D 347 -6.72 13.93 -32.79
C LEU D 347 -5.82 13.35 -31.70
N GLU D 348 -4.83 14.12 -31.26
CA GLU D 348 -3.98 13.66 -30.16
C GLU D 348 -4.80 13.45 -28.90
N LYS D 349 -5.72 14.38 -28.60
CA LYS D 349 -6.56 14.24 -27.42
C LYS D 349 -7.46 13.01 -27.54
N ILE D 350 -8.03 12.79 -28.72
CA ILE D 350 -8.96 11.67 -28.90
C ILE D 350 -8.22 10.35 -28.79
N GLU D 351 -7.14 10.20 -29.55
CA GLU D 351 -6.35 8.97 -29.48
C GLU D 351 -5.78 8.74 -28.08
N ALA D 352 -5.60 9.82 -27.31
CA ALA D 352 -5.18 9.66 -25.92
C ALA D 352 -6.29 9.19 -25.01
N GLY D 353 -7.55 9.33 -25.43
CA GLY D 353 -8.66 8.79 -24.66
C GLY D 353 -9.90 9.67 -24.61
N ALA D 354 -9.84 10.87 -25.19
CA ALA D 354 -10.94 11.80 -25.10
C ALA D 354 -12.04 11.47 -26.11
N SER D 355 -13.29 11.72 -25.70
CA SER D 355 -14.44 11.55 -26.59
C SER D 355 -14.84 12.84 -27.27
N VAL D 356 -14.57 13.99 -26.65
CA VAL D 356 -14.91 15.30 -27.20
C VAL D 356 -13.83 16.29 -26.78
N CYS D 357 -13.77 17.41 -27.49
CA CYS D 357 -12.79 18.45 -27.24
C CYS D 357 -13.49 19.78 -26.98
N GLN D 358 -12.97 20.53 -26.02
CA GLN D 358 -13.41 21.90 -25.75
C GLN D 358 -12.34 22.85 -26.23
N LEU D 359 -12.76 23.97 -26.82
CA LEU D 359 -11.86 25.00 -27.29
C LEU D 359 -12.05 26.27 -26.47
N TYR D 360 -10.95 27.02 -26.32
CA TYR D 360 -10.99 28.35 -25.72
C TYR D 360 -9.93 29.22 -26.38
N SER D 361 -8.65 28.93 -26.11
CA SER D 361 -7.57 29.70 -26.70
C SER D 361 -7.64 29.73 -28.22
N CYS D 362 -8.14 28.66 -28.83
CA CYS D 362 -8.23 28.62 -30.29
C CYS D 362 -9.07 29.77 -30.82
N LEU D 363 -10.24 30.00 -30.21
CA LEU D 363 -11.08 31.11 -30.64
C LEU D 363 -10.41 32.45 -30.40
N VAL D 364 -9.57 32.54 -29.36
CA VAL D 364 -8.91 33.81 -29.06
C VAL D 364 -7.91 34.17 -30.15
N PHE D 365 -7.13 33.19 -30.62
CA PHE D 365 -6.04 33.47 -31.55
C PHE D 365 -6.40 33.18 -33.00
N ASN D 366 -7.46 32.43 -33.26
CA ASN D 366 -7.87 32.14 -34.64
C ASN D 366 -9.21 32.72 -35.03
N GLY D 367 -10.02 33.15 -34.06
CA GLY D 367 -11.22 33.90 -34.37
C GLY D 367 -12.44 33.10 -34.76
N MET D 368 -13.29 33.68 -35.61
CA MET D 368 -14.59 33.08 -35.89
C MET D 368 -14.46 31.76 -36.61
N LYS D 369 -13.39 31.56 -37.38
CA LYS D 369 -13.23 30.37 -38.19
C LYS D 369 -12.79 29.15 -37.40
N SER D 370 -12.62 29.27 -36.09
CA SER D 370 -12.02 28.19 -35.31
C SER D 370 -12.76 26.88 -35.53
N ALA D 371 -14.08 26.87 -35.33
CA ALA D 371 -14.84 25.63 -35.44
C ALA D 371 -14.79 25.08 -36.86
N VAL D 372 -15.10 25.92 -37.84
CA VAL D 372 -15.13 25.44 -39.23
C VAL D 372 -13.80 24.84 -39.62
N GLN D 373 -12.70 25.51 -39.27
CA GLN D 373 -11.38 25.04 -39.71
C GLN D 373 -10.98 23.75 -39.00
N ILE D 374 -11.19 23.68 -37.68
CA ILE D 374 -10.72 22.52 -36.95
C ILE D 374 -11.54 21.29 -37.31
N LYS D 375 -12.84 21.46 -37.58
CA LYS D 375 -13.66 20.33 -38.02
C LYS D 375 -13.17 19.79 -39.36
N ARG D 376 -12.76 20.68 -40.26
CA ARG D 376 -12.24 20.25 -41.56
C ARG D 376 -10.89 19.56 -41.40
N GLU D 377 -10.01 20.11 -40.57
CA GLU D 377 -8.71 19.49 -40.37
C GLU D 377 -8.86 18.09 -39.77
N LEU D 378 -9.72 17.95 -38.76
CA LEU D 378 -9.87 16.65 -38.12
C LEU D 378 -10.42 15.62 -39.10
N ASN D 379 -11.40 16.01 -39.91
CA ASN D 379 -11.96 15.07 -40.87
C ASN D 379 -10.89 14.55 -41.82
N HIS D 380 -9.96 15.42 -42.23
CA HIS D 380 -8.90 14.97 -43.13
C HIS D 380 -7.93 14.02 -42.45
N LEU D 381 -7.70 14.21 -41.15
CA LEU D 381 -6.77 13.33 -40.43
C LEU D 381 -7.37 11.96 -40.18
N LEU D 382 -8.64 11.92 -39.78
CA LEU D 382 -9.33 10.63 -39.64
C LEU D 382 -9.25 9.84 -40.94
N TYR D 383 -9.45 10.53 -42.07
CA TYR D 383 -9.28 9.89 -43.37
C TYR D 383 -7.84 9.44 -43.57
N GLN D 384 -6.88 10.31 -43.24
CA GLN D 384 -5.47 9.94 -43.37
C GLN D 384 -5.15 8.68 -42.58
N ARG D 385 -5.67 8.60 -41.35
CA ARG D 385 -5.41 7.44 -40.49
C ARG D 385 -6.11 6.18 -40.99
N GLY D 386 -7.13 6.32 -41.83
CA GLY D 386 -7.94 5.20 -42.21
C GLY D 386 -9.06 4.86 -41.24
N TYR D 387 -9.37 5.75 -40.31
CA TYR D 387 -10.47 5.51 -39.40
C TYR D 387 -11.80 5.57 -40.14
N TYR D 388 -12.70 4.64 -39.82
CA TYR D 388 -14.05 4.71 -40.38
C TYR D 388 -14.83 5.89 -39.78
N ASN D 389 -14.65 6.14 -38.49
CA ASN D 389 -15.28 7.28 -37.84
C ASN D 389 -14.45 7.69 -36.63
N LEU D 390 -14.87 8.77 -35.98
CA LEU D 390 -14.11 9.31 -34.86
C LEU D 390 -14.08 8.34 -33.69
N LYS D 391 -15.20 7.67 -33.41
CA LYS D 391 -15.25 6.77 -32.26
C LYS D 391 -14.22 5.65 -32.38
N GLU D 392 -13.80 5.33 -33.61
CA GLU D 392 -12.75 4.33 -33.79
C GLU D 392 -11.42 4.82 -33.24
N ALA D 393 -11.20 6.13 -33.22
CA ALA D 393 -9.91 6.68 -32.85
C ALA D 393 -9.75 6.85 -31.34
N ILE D 394 -10.84 6.80 -30.57
CA ILE D 394 -10.78 7.13 -29.15
C ILE D 394 -9.87 6.13 -28.45
N GLY D 395 -8.79 6.64 -27.84
CA GLY D 395 -7.89 5.81 -27.07
C GLY D 395 -7.06 4.84 -27.87
N ARG D 396 -6.84 5.09 -29.15
CA ARG D 396 -6.15 4.12 -29.98
C ARG D 396 -4.65 4.06 -29.70
N LYS D 397 -4.08 5.07 -29.05
CA LYS D 397 -2.67 5.04 -28.72
C LYS D 397 -2.36 4.14 -27.53
N HIS D 398 -3.38 3.49 -26.94
CA HIS D 398 -3.17 2.59 -25.81
C HIS D 398 -3.32 1.13 -26.25
C10 XAJ E . 38.57 -0.14 1.47
C12 XAJ E . 38.36 0.80 3.88
C15 XAJ E . 41.98 2.05 4.05
C17 XAJ E . 43.49 2.66 6.01
C21 XAJ E . 41.09 1.85 6.31
C22 XAJ E . 39.89 1.41 5.80
C24 XAJ E . 39.68 1.44 7.98
C01 XAJ E . 37.44 3.31 2.17
C02 XAJ E . 37.87 1.95 1.62
C03 XAJ E . 37.94 1.58 0.28
C04 XAJ E . 37.58 2.45 -0.92
C06 XAJ E . 36.52 1.29 -2.64
C07 XAJ E . 35.74 2.28 -3.50
C11 XAJ E . 38.27 0.87 2.36
C13 XAJ E . 39.71 1.29 4.40
C14 XAJ E . 40.76 1.61 3.54
C16 XAJ E . 42.15 2.17 5.43
F18 XAJ E . 44.46 2.58 5.07
F19 XAJ E . 43.82 1.87 7.08
F20 XAJ E . 43.35 3.95 6.43
N09 XAJ E . 38.36 0.32 0.23
N25 XAJ E . 40.93 1.85 7.70
O05 XAJ E . 37.67 1.91 -2.20
O08 XAJ E . 37.21 3.57 -0.78
O23 XAJ E . 39.07 1.18 6.84
H101 XAJ E . 38.87 -0.99 1.70
H122 XAJ E . 37.65 1.35 4.25
H121 XAJ E . 38.23 -0.11 4.15
H151 XAJ E . 42.68 2.27 3.48
H241 XAJ E . 39.32 1.35 8.83
H013 XAJ E . 37.09 3.20 3.07
H012 XAJ E . 36.76 3.68 1.59
H011 XAJ E . 38.20 3.91 2.19
H062 XAJ E . 35.98 1.02 -1.87
H061 XAJ E . 36.74 0.50 -3.17
H073 XAJ E . 35.18 2.83 -2.94
H072 XAJ E . 35.18 1.79 -4.13
H071 XAJ E . 36.36 2.83 -3.99
H141 XAJ E . 40.63 1.53 2.61
H091 XAJ E . 38.48 -0.13 -0.49
N1 FMN F . 32.29 -7.92 -9.42
C2 FMN F . 32.87 -8.92 -10.17
O2 FMN F . 32.24 -9.96 -10.39
N3 FMN F . 34.14 -8.75 -10.67
C4 FMN F . 34.83 -7.59 -10.42
O4 FMN F . 35.98 -7.44 -10.87
C4A FMN F . 34.24 -6.58 -9.67
N5 FMN F . 34.93 -5.41 -9.44
C5A FMN F . 34.35 -4.41 -8.68
C6 FMN F . 35.06 -3.24 -8.43
C7 FMN F . 34.49 -2.23 -7.66
C7M FMN F . 35.27 -0.97 -7.42
C8 FMN F . 33.21 -2.40 -7.14
C8M FMN F . 32.54 -1.34 -6.31
C9 FMN F . 32.50 -3.57 -7.40
C9A FMN F . 33.07 -4.58 -8.16
N10 FMN F . 32.37 -5.76 -8.42
C10 FMN F . 32.97 -6.76 -9.16
C1' FMN F . 30.98 -5.97 -7.88
C2' FMN F . 31.01 -6.50 -6.46
O2' FMN F . 31.67 -7.75 -6.45
C3' FMN F . 29.61 -6.66 -5.87
O3' FMN F . 28.91 -7.62 -6.63
C4' FMN F . 28.86 -5.34 -5.86
O4' FMN F . 29.72 -4.30 -5.40
C5' FMN F . 27.62 -5.39 -4.98
O5' FMN F . 27.98 -5.66 -3.65
P FMN F . 27.96 -4.49 -2.54
O1P FMN F . 29.11 -3.55 -2.81
O2P FMN F . 28.13 -5.12 -1.16
O3P FMN F . 26.66 -3.73 -2.62
HN3 FMN F . 34.58 -9.50 -11.24
H6 FMN F . 36.06 -3.11 -8.83
HM71 FMN F . 34.60 -0.18 -7.07
HM72 FMN F . 36.03 -1.16 -6.65
HM73 FMN F . 35.77 -0.67 -8.34
HM81 FMN F . 31.57 -1.69 -5.97
HM82 FMN F . 33.17 -1.10 -5.45
HM83 FMN F . 32.41 -0.44 -6.91
H9 FMN F . 31.51 -3.70 -6.99
H1'1 FMN F . 30.45 -6.67 -8.52
H1'2 FMN F . 30.44 -5.02 -7.90
H2' FMN F . 31.56 -5.78 -5.84
HO2' FMN F . 31.06 -8.44 -6.10
H3' FMN F . 29.71 -7.00 -4.84
H4' FMN F . 28.54 -5.15 -6.88
HO4' FMN F . 29.29 -3.84 -4.65
H5'1 FMN F . 27.10 -4.43 -5.02
H5'2 FMN F . 26.94 -6.15 -5.34
N1 ORO G . 32.87 -3.52 -12.20
C2 ORO G . 31.71 -4.04 -11.67
O2 ORO G . 30.96 -3.33 -11.06
N3 ORO G . 31.41 -5.34 -11.82
C4 ORO G . 32.25 -6.15 -12.51
O4 ORO G . 31.99 -7.31 -12.64
C5 ORO G . 33.40 -5.65 -13.05
C6 ORO G . 33.70 -4.33 -12.88
C7 ORO G . 34.96 -3.75 -13.49
O71 ORO G . 36.06 -4.43 -13.50
O72 ORO G . 34.91 -2.61 -14.01
HN1 ORO G . 33.07 -2.69 -12.09
HN3 ORO G . 30.61 -5.69 -11.45
H5 ORO G . 34.05 -6.25 -13.57
C10 XAJ H . 2.63 -1.46 19.38
C12 XAJ H . 4.00 -3.62 19.80
C15 XAJ H . 1.10 -5.59 21.33
C17 XAJ H . 1.02 -7.58 22.91
C21 XAJ H . 3.20 -6.52 22.11
C22 XAJ H . 3.89 -5.60 21.37
C24 XAJ H . 5.38 -6.83 22.38
C01 XAJ H . 2.97 -4.13 16.85
C02 XAJ H . 2.68 -2.90 17.71
C03 XAJ H . 1.91 -1.81 17.35
C04 XAJ H . 1.20 -1.59 16.02
C06 XAJ H . 1.08 0.58 15.16
C07 XAJ H . 0.98 0.34 13.66
C11 XAJ H . 3.12 -2.68 18.98
C13 XAJ H . 3.20 -4.65 20.60
C14 XAJ H . 1.81 -4.64 20.57
C16 XAJ H . 1.79 -6.54 22.09
F18 XAJ H . -0.22 -7.11 23.18
F19 XAJ H . 1.68 -7.80 24.08
F20 XAJ H . 0.94 -8.74 22.21
N09 XAJ H . 1.90 -0.96 18.38
N25 XAJ H . 4.18 -7.30 22.74
O05 XAJ H . 0.42 -0.45 15.82
O08 XAJ H . 1.30 -2.38 15.14
O23 XAJ H . 5.21 -5.82 21.57
H101 XAJ H . 2.78 -1.06 20.21
H122 XAJ H . 4.53 -3.09 20.41
H121 XAJ H . 4.60 -4.09 19.19
H151 XAJ H . 0.17 -5.60 21.31
H241 XAJ H . 6.21 -7.17 22.67
H013 XAJ H . 2.94 -3.89 15.92
H012 XAJ H . 3.85 -4.47 17.07
H011 XAJ H . 2.32 -4.82 17.03
H062 XAJ H . 2.01 0.60 15.42
H061 XAJ H . 0.67 1.44 15.38
H073 XAJ H . 1.33 1.11 13.17
H072 XAJ H . 0.04 0.21 13.42
H071 XAJ H . 1.49 -0.44 13.42
H141 XAJ H . 1.34 -4.01 20.07
H091 XAJ H . 1.49 -0.20 18.40
N1 FMN I . 2.64 12.72 14.65
C2 FMN I . 2.02 13.80 15.23
O2 FMN I . 2.62 14.87 15.35
N3 FMN I . 0.72 13.68 15.66
C4 FMN I . 0.04 12.49 15.51
O4 FMN I . -1.13 12.39 15.90
C4A FMN I . 0.68 11.40 14.93
N5 FMN I . 0.01 10.21 14.77
C5A FMN I . 0.64 9.13 14.21
C6 FMN I . -0.04 7.93 14.07
C7 FMN I . 0.57 6.82 13.49
C7M FMN I . -0.20 5.55 13.37
C8 FMN I . 1.89 6.93 13.06
C8M FMN I . 2.60 5.77 12.43
C9 FMN I . 2.58 8.13 13.20
C9A FMN I . 1.96 9.23 13.78
N10 FMN I . 2.64 10.44 13.92
C10 FMN I . 1.99 11.52 14.50
C1' FMN I . 4.05 10.58 13.45
C2' FMN I . 5.05 10.08 14.49
O2' FMN I . 4.89 10.85 15.65
C3' FMN I . 6.48 10.15 13.99
O3' FMN I . 6.81 11.49 13.72
C4' FMN I . 6.69 9.33 12.74
O4' FMN I . 6.05 8.07 12.88
C5' FMN I . 8.17 9.10 12.41
O5' FMN I . 8.79 8.39 13.45
P FMN I . 9.22 6.85 13.24
O1P FMN I . 7.97 6.02 13.16
O2P FMN I . 10.06 6.43 14.43
O3P FMN I . 10.01 6.69 11.97
HN3 FMN I . 0.24 14.49 16.10
H6 FMN I . -1.07 7.86 14.42
HM71 FMN I . 0.49 4.72 13.22
HM72 FMN I . -0.78 5.39 14.28
HM73 FMN I . -0.87 5.62 12.51
HM81 FMN I . 3.60 6.07 12.13
HM82 FMN I . 2.67 4.95 13.15
HM83 FMN I . 2.03 5.43 11.56
H9 FMN I . 3.61 8.21 12.86
H1'1 FMN I . 4.19 10.02 12.51
H1'2 FMN I . 4.25 11.63 13.23
H2' FMN I . 4.85 9.03 14.68
HO2' FMN I . 5.73 11.29 15.88
H3' FMN I . 7.13 9.75 14.78
H4' FMN I . 6.25 9.89 11.91
HO4' FMN I . 6.70 7.36 12.71
H5'1 FMN I . 8.25 8.53 11.49
H5'2 FMN I . 8.66 10.06 12.27
N1 ORO J . -0.52 10.87 10.87
C2 ORO J . 0.82 11.18 10.71
O2 ORO J . 1.54 10.43 10.12
N3 ORO J . 1.30 12.32 11.24
C4 ORO J . 0.48 13.17 11.92
O4 ORO J . 0.91 14.17 12.38
C5 ORO J . -0.84 12.85 12.06
C6 ORO J . -1.33 11.69 11.53
C7 ORO J . -2.79 11.35 11.67
O71 ORO J . -3.37 11.41 12.83
O72 ORO J . -3.44 10.99 10.67
HN1 ORO J . -0.83 10.13 10.54
HN3 ORO J . 2.22 12.53 11.14
H5 ORO J . -1.47 13.48 12.58
C10 XAJ K . -17.48 -17.07 17.32
C12 XAJ K . -18.03 -16.90 19.85
C15 XAJ K . -14.42 -16.57 21.07
C17 XAJ K . -13.35 -16.93 23.35
C21 XAJ K . -15.83 -17.26 22.93
C22 XAJ K . -16.93 -17.25 22.09
C24 XAJ K . -17.64 -17.85 24.07
C01 XAJ K . -17.99 -13.83 19.02
C02 XAJ K . -17.74 -15.02 18.09
C03 XAJ K . -17.47 -14.96 16.74
C04 XAJ K . -17.34 -13.71 15.89
C06 XAJ K . -17.92 -14.17 13.67
C07 XAJ K . -18.41 -12.93 12.95
C11 XAJ K . -17.76 -16.33 18.45
C13 XAJ K . -16.78 -16.90 20.73
C14 XAJ K . -15.54 -16.56 20.22
C16 XAJ K . -14.56 -16.92 22.42
F18 XAJ K . -12.19 -16.81 22.62
F19 XAJ K . -13.31 -18.11 24.04
F20 XAJ K . -13.43 -15.90 24.23
N09 XAJ K . -17.32 -16.22 16.31
N25 XAJ K . -16.32 -17.64 24.18
O05 XAJ K . -16.92 -13.79 14.56
O08 XAJ K . -17.62 -12.65 16.34
O23 XAJ K . -18.00 -17.61 22.83
H101 XAJ K . -17.44 -18.00 17.27
H122 XAJ K . -18.72 -16.36 20.26
H121 XAJ K . -18.35 -17.81 19.76
H151 XAJ K . -13.59 -16.34 20.73
H241 XAJ K . -18.21 -18.12 24.76
H013 XAJ K . -18.47 -13.13 18.53
H012 XAJ K . -18.52 -14.11 19.78
H011 XAJ K . -17.15 -13.48 19.33
H062 XAJ K . -18.65 -14.59 14.16
H061 XAJ K . -17.56 -14.80 13.03
H073 XAJ K . -18.50 -13.12 12.00
H072 XAJ K . -19.28 -12.67 13.30
H071 XAJ K . -17.79 -12.20 13.08
H141 XAJ K . -15.45 -16.33 19.33
H091 XAJ K . -17.12 -16.44 15.49
N1 FMN L . -22.06 -19.28 3.36
C2 FMN L . -21.51 -20.11 2.42
O2 FMN L . -22.25 -20.83 1.75
N3 FMN L . -20.14 -20.14 2.24
C4 FMN L . -19.33 -19.33 3.01
O4 FMN L . -18.09 -19.36 2.88
C4A FMN L . -19.89 -18.48 3.95
N5 FMN L . -19.09 -17.67 4.70
C5A FMN L . -19.64 -16.85 5.66
C6 FMN L . -18.80 -16.04 6.44
C7 FMN L . -19.34 -15.19 7.40
C7M FMN L . -18.43 -14.35 8.23
C8 FMN L . -20.72 -15.18 7.59
C8M FMN L . -21.35 -14.28 8.62
C9 FMN L . -21.55 -15.98 6.82
C9A FMN L . -21.02 -16.82 5.85
N10 FMN L . -21.83 -17.64 5.08
C10 FMN L . -21.27 -18.47 4.13
C1' FMN L . -23.33 -17.62 5.25
C2' FMN L . -23.78 -18.50 6.41
O2' FMN L . -23.40 -19.84 6.14
C3' FMN L . -25.29 -18.45 6.62
O3' FMN L . -25.96 -18.91 5.46
C4' FMN L . -25.74 -17.03 6.95
O4' FMN L . -24.83 -16.44 7.86
C5' FMN L . -27.15 -17.00 7.54
O5' FMN L . -27.17 -17.76 8.72
P FMN L . -27.36 -17.03 10.14
O1P FMN L . -26.07 -16.35 10.50
O2P FMN L . -27.70 -18.05 11.19
O3P FMN L . -28.45 -16.00 10.05
HN3 FMN L . -19.71 -20.76 1.52
H6 FMN L . -17.72 -16.09 6.29
HM71 FMN L . -18.92 -14.09 9.16
HM72 FMN L . -17.51 -14.90 8.44
HM73 FMN L . -18.18 -13.43 7.68
HM81 FMN L . -22.44 -14.35 8.55
HM82 FMN L . -21.05 -13.25 8.44
HM83 FMN L . -21.03 -14.58 9.61
H9 FMN L . -22.63 -15.94 6.97
H1'1 FMN L . -23.66 -16.60 5.42
H1'2 FMN L . -23.79 -17.97 4.33
H2' FMN L . -23.29 -18.14 7.31
HO2' FMN L . -24.20 -20.40 6.05
H3' FMN L . -25.53 -19.10 7.46
H4' FMN L . -25.77 -16.46 6.01
HO4' FMN L . -25.30 -16.22 8.69
H5'1 FMN L . -27.86 -17.41 6.82
H5'2 FMN L . -27.44 -15.96 7.75
N1 ORO M . -19.98 -14.61 2.53
C2 ORO M . -21.32 -14.94 2.57
O2 ORO M . -22.07 -14.27 3.22
N3 ORO M . -21.76 -16.00 1.88
C4 ORO M . -20.90 -16.75 1.14
O4 ORO M . -21.31 -17.70 0.54
C5 ORO M . -19.58 -16.42 1.10
C6 ORO M . -19.13 -15.34 1.80
C7 ORO M . -17.67 -14.94 1.75
O71 ORO M . -16.73 -15.83 1.77
O72 ORO M . -17.39 -13.72 1.68
HN1 ORO M . -19.69 -13.93 2.97
HN3 ORO M . -22.68 -16.23 1.92
H5 ORO M . -18.92 -16.98 0.54
C10 XAJ N . -12.28 36.18 -28.26
C12 XAJ N . -11.68 36.69 -30.72
C15 XAJ N . -13.16 40.21 -31.05
C17 XAJ N . -13.81 41.60 -33.07
C21 XAJ N . -12.84 39.27 -33.27
C22 XAJ N . -12.34 38.13 -32.72
C24 XAJ N . -12.30 37.85 -34.89
C01 XAJ N . -9.30 38.15 -29.19
C02 XAJ N . -10.45 37.38 -28.56
C03 XAJ N . -10.66 37.18 -27.20
C04 XAJ N . -9.77 37.70 -26.07
C06 XAJ N . -9.77 36.41 -24.11
C07 XAJ N . -8.30 36.58 -23.72
C11 XAJ N . -11.48 36.76 -29.22
C13 XAJ N . -12.23 37.99 -31.30
C14 XAJ N . -12.65 39.03 -30.48
C16 XAJ N . -13.26 40.34 -32.43
F18 XAJ N . -14.39 42.38 -32.11
F19 XAJ N . -14.75 41.27 -34.00
F20 XAJ N . -12.80 42.29 -33.67
N09 XAJ N . -11.76 36.45 -27.06
N25 XAJ N . -12.80 39.07 -34.66
O05 XAJ N . -10.20 37.58 -24.74
O08 XAJ N . -8.73 38.20 -26.30
O23 XAJ N . -12.03 37.28 -33.72
H101 XAJ N . -13.05 35.68 -28.43
H122 XAJ N . -10.82 36.51 -31.15
H121 XAJ N . -12.30 35.97 -30.93
H151 XAJ N . -13.44 40.91 -30.50
H241 XAJ N . -12.16 37.46 -35.72
H013 XAJ N . -9.17 37.84 -30.11
H012 XAJ N . -8.49 38.02 -28.68
H011 XAJ N . -9.52 39.11 -29.20
H062 XAJ N . -9.86 35.66 -24.72
H061 XAJ N . -10.30 36.25 -23.32
H073 XAJ N . -8.01 35.82 -23.19
H072 XAJ N . -8.20 37.39 -23.20
H071 XAJ N . -7.76 36.65 -24.52
H141 XAJ N . -12.58 38.95 -29.56
H091 XAJ N . -12.10 36.20 -26.31
N1 FMN O . -12.71 27.03 -16.60
C2 FMN O . -13.78 26.77 -15.80
O2 FMN O . -14.03 25.61 -15.46
N3 FMN O . -14.58 27.81 -15.34
C4 FMN O . -14.30 29.10 -15.71
O4 FMN O . -15.02 30.03 -15.31
C4A FMN O . -13.22 29.37 -16.53
N5 FMN O . -12.94 30.67 -16.90
C5A FMN O . -11.86 30.94 -17.71
C6 FMN O . -11.60 32.26 -18.08
C7 FMN O . -10.52 32.55 -18.91
C7M FMN O . -10.26 33.97 -19.29
C8 FMN O . -9.70 31.51 -19.37
C8M FMN O . -8.53 31.79 -20.26
C9 FMN O . -9.97 30.20 -19.00
C9A FMN O . -11.06 29.90 -18.17
N10 FMN O . -11.34 28.60 -17.81
C10 FMN O . -12.42 28.33 -16.99
C1' FMN O . -10.47 27.47 -18.28
C2' FMN O . -10.87 26.98 -19.67
O2' FMN O . -12.19 26.47 -19.62
C3' FMN O . -9.95 25.90 -20.19
O3' FMN O . -9.98 24.81 -19.30
C4' FMN O . -8.51 26.38 -20.31
O4' FMN O . -8.50 27.70 -20.82
C5' FMN O . -7.68 25.50 -21.25
O5' FMN O . -8.23 25.52 -22.55
P FMN O . -7.41 26.13 -23.77
O1P FMN O . -7.46 27.63 -23.69
O2P FMN O . -8.01 25.67 -25.09
O3P FMN O . -5.97 25.67 -23.68
HN3 FMN O . -15.40 27.60 -14.72
H6 FMN O . -12.24 33.06 -17.72
HM71 FMN O . -9.20 34.09 -19.55
HM72 FMN O . -10.89 34.25 -20.13
HM73 FMN O . -10.48 34.62 -18.43
HM81 FMN O . -8.09 30.84 -20.60
HM82 FMN O . -7.78 32.37 -19.72
HM83 FMN O . -8.86 32.36 -21.13
H9 FMN O . -9.33 29.40 -19.37
H1'1 FMN O . -9.43 27.79 -18.30
H1'2 FMN O . -10.55 26.62 -17.58
H2' FMN O . -10.82 27.84 -20.35
HO2' FMN O . -12.19 25.55 -19.95
H3' FMN O . -10.30 25.61 -21.18
H4' FMN O . -8.07 26.35 -19.32
HO4' FMN O . -8.01 27.72 -21.68
H5'1 FMN O . -7.67 24.47 -20.87
H5'2 FMN O . -6.66 25.85 -21.28
N1 ORO P . -10.02 30.78 -14.40
C2 ORO P . -9.51 29.57 -14.81
O2 ORO P . -8.50 29.53 -15.46
N3 ORO P . -10.14 28.43 -14.49
C4 ORO P . -11.28 28.48 -13.76
O4 ORO P . -11.85 27.47 -13.47
C5 ORO P . -11.78 29.68 -13.34
C6 ORO P . -11.13 30.83 -13.67
C7 ORO P . -11.68 32.17 -13.21
O71 ORO P . -11.05 32.83 -12.38
O72 ORO P . -12.80 32.60 -13.68
HN1 ORO P . -9.60 31.51 -14.61
HN3 ORO P . -9.80 27.60 -14.78
H5 ORO P . -12.64 29.72 -12.79
#